data_6QV0
#
_entry.id   6QV0
#
_cell.length_a   166.280
_cell.length_b   77.290
_cell.length_c   207.180
_cell.angle_alpha   90.000
_cell.angle_beta   112.550
_cell.angle_gamma   90.000
#
_symmetry.space_group_name_H-M   'P 1 21 1'
#
loop_
_entity.id
_entity.type
_entity.pdbx_description
1 polymer 'ABC transporter, ATP-binding protein'
2 polymer 'Uncharacterized ABC transporter ATP-binding protein TM_0288'
3 polymer Sb_TM35
4 non-polymer "ADENOSINE-5'-TRIPHOSPHATE"
5 non-polymer 'MAGNESIUM ION'
#
loop_
_entity_poly.entity_id
_entity_poly.type
_entity_poly.pdbx_seq_one_letter_code
_entity_poly.pdbx_strand_id
1 'polypeptide(L)'
;GPSGSGGGGGSKTLARYLKPYWIFAVLAPLFMVVEVICDLSQPTLLARIVAEGIARGDFSLVLKTGILMLIVALIGAVGG
IGCTVFASYASQNFGADLRRDLFRKVLSFSISNVNRFHTSSLITRLTNDVTQLQNLVMMLLRIVVRAPLLFVGGIVMAVS
INVKLSSVLIFLIPPIVLLFVWLTKKGNPLFRKIQESTDEVNRVVRENLLGVRVVRAFRREEYENENFRKANESLRRSII
SAFSLIVFALPLFIFIVNMGMIAVLWFGGVLVRNNQMEIGSIMAYTNYLMQIMFSLMMIGNILNFIVRASASAKRVLEVL
NEKPAIEEADNALALPNVEGSVSFENVEFRYFENTDPVLSGVNFSVKPGSLVAVLGETGSGKSTLMNLIPRLIDPERGRV
EVDELDVRTVKLKDLRGHISAVPQETVLFSGTIKENLKWGREDATDDEIVEAAKIAQIHDFIISLPEGYDSRVERGGRNF
SGGQKQRLSIARALVKKPKVLILDDCTSSVDPITEKRILDGLKRYTKGCTTFIITQKIPTALLADKILVLHEGKVAGFGT
HKELLEHCKPYREIYESQFGNGVMNDA
;
A,C
2 'polypeptide(L)'
;MPEIRRRPHGPILEKPALKNPTATLRRLLGYLRPHTFTLIMVFVFVTVSSILGVLSPYLIGKTIAVVFVPRRFDLLPRYM
LILGTIYALTSLLFWLQGKIMLTLSQDVVFRLRKELFEKLQRVPVGFFDRTPHGDIISRVINDVDNINNVLGNSIIQFFS
GIVTLAGAVIMMFRVNVILSLVTLSIVPLTVLITQIVSSQTRKYFYENQRVLGQLNGIIEEDISGLTVIKLFTREEKEME
KFDRVNESLRKVGTKAQIFSGVLPPLMNMVNNLGFALISGFGGWLALKDIITVGTIATFIGYSRQFTRPLNELSNQFNMI
QMALASAERIFEILDLEEEKDDPDAVELREVRGEIEFKNVWFSYDKKKPVLKDITFHIKPGQKVALVGPTGSGKTTIVNL
LMRFYDVDRGQILVDGIDIRKIKRSSLRSSIGIVLQDTILFSTTVKENLKYGNPGATDEEIKEAAKLTHSDHFIKHLPEG
YETVLTDNGEDLSQGQRQLLAITRAFLANPKILILDAATSNVDTKTEKSIQAAMWKLMEGKTSIIIAHRLNTIKNADLII
VLRDGEIVEMGKHDELIQKRGFYYELFTSQYGLVVEKEA
;
B,D
3 'polypeptide(L)'
;GPSQVQLVESGGGSVQAGGSLRLSCAASGNIHHISYLGWFRQAPGKEREGVAALWTKDGNTYYADSVKGRFTVSLDNAKN
TGYLQMNSLKPEDTALYYCAAADTGSDTPLWDWVYWYWGQGTQVTVSA
;
E,F
#
# COMPACT_ATOMS: atom_id res chain seq x y z
N LYS A 12 -3.71 -19.13 4.03
CA LYS A 12 -2.51 -18.90 4.83
C LYS A 12 -2.76 -19.23 6.32
N THR A 13 -3.95 -18.82 6.84
CA THR A 13 -4.37 -19.05 8.22
C THR A 13 -4.62 -20.55 8.46
N LEU A 14 -5.13 -21.26 7.43
CA LEU A 14 -5.44 -22.69 7.47
C LEU A 14 -4.21 -23.58 7.50
N ALA A 15 -3.03 -23.04 7.14
CA ALA A 15 -1.77 -23.79 7.12
C ALA A 15 -1.25 -24.05 8.53
N ARG A 16 -1.59 -23.16 9.49
CA ARG A 16 -1.22 -23.22 10.91
C ARG A 16 -1.78 -24.48 11.61
N TYR A 17 -2.92 -25.01 11.11
CA TYR A 17 -3.60 -26.19 11.64
C TYR A 17 -2.80 -27.49 11.41
N LEU A 18 -1.79 -27.45 10.51
CA LEU A 18 -0.91 -28.57 10.18
C LEU A 18 0.44 -28.44 10.93
N LYS A 19 0.80 -27.21 11.37
CA LYS A 19 2.04 -26.89 12.09
C LYS A 19 2.30 -27.79 13.33
N PRO A 20 1.34 -28.11 14.25
CA PRO A 20 1.69 -28.98 15.39
C PRO A 20 1.96 -30.46 15.01
N TYR A 21 1.66 -30.83 13.76
CA TYR A 21 1.86 -32.19 13.24
C TYR A 21 2.87 -32.16 12.07
N TRP A 22 3.87 -31.27 12.16
CA TRP A 22 4.90 -31.08 11.13
C TRP A 22 5.87 -32.28 10.99
N ILE A 23 6.12 -33.04 12.09
CA ILE A 23 6.97 -34.23 12.14
C ILE A 23 6.50 -35.25 11.11
N PHE A 24 5.19 -35.60 11.15
CA PHE A 24 4.54 -36.51 10.23
C PHE A 24 4.37 -35.87 8.85
N ALA A 25 4.23 -34.52 8.79
CA ALA A 25 4.08 -33.75 7.55
C ALA A 25 5.34 -33.74 6.67
N VAL A 26 6.53 -33.96 7.29
CA VAL A 26 7.81 -34.00 6.59
C VAL A 26 8.27 -35.46 6.36
N LEU A 27 7.83 -36.41 7.24
CA LEU A 27 8.17 -37.83 7.12
C LEU A 27 7.40 -38.52 6.00
N ALA A 28 6.10 -38.19 5.83
CA ALA A 28 5.24 -38.77 4.79
C ALA A 28 5.81 -38.58 3.37
N PRO A 29 6.20 -37.36 2.91
CA PRO A 29 6.79 -37.26 1.56
C PRO A 29 8.21 -37.84 1.46
N LEU A 30 8.93 -37.89 2.59
CA LEU A 30 10.29 -38.44 2.70
C LEU A 30 10.23 -39.97 2.53
N PHE A 31 9.20 -40.62 3.11
CA PHE A 31 8.99 -42.07 3.00
C PHE A 31 8.57 -42.49 1.60
N MET A 32 7.97 -41.55 0.84
CA MET A 32 7.55 -41.75 -0.55
C MET A 32 8.79 -41.89 -1.45
N VAL A 33 9.83 -41.06 -1.17
CA VAL A 33 11.12 -41.05 -1.88
C VAL A 33 11.77 -42.43 -1.71
N VAL A 34 11.73 -42.99 -0.47
CA VAL A 34 12.24 -44.31 -0.09
C VAL A 34 11.58 -45.39 -0.95
N GLU A 35 10.26 -45.29 -1.17
CA GLU A 35 9.51 -46.21 -2.03
C GLU A 35 9.91 -46.02 -3.50
N VAL A 36 9.92 -44.75 -3.98
CA VAL A 36 10.26 -44.35 -5.35
C VAL A 36 11.64 -44.86 -5.78
N ILE A 37 12.68 -44.68 -4.93
CA ILE A 37 14.05 -45.15 -5.23
C ILE A 37 14.08 -46.69 -5.34
N CYS A 38 13.23 -47.39 -4.58
CA CYS A 38 13.13 -48.85 -4.59
C CYS A 38 12.40 -49.37 -5.83
N ASP A 39 11.32 -48.67 -6.26
CA ASP A 39 10.55 -49.05 -7.45
C ASP A 39 11.31 -48.76 -8.74
N LEU A 40 12.21 -47.75 -8.73
CA LEU A 40 13.04 -47.40 -9.88
C LEU A 40 14.24 -48.35 -9.99
N SER A 41 14.58 -49.05 -8.88
CA SER A 41 15.65 -50.02 -8.79
C SER A 41 15.19 -51.40 -9.29
N GLN A 42 13.86 -51.64 -9.32
CA GLN A 42 13.23 -52.88 -9.76
C GLN A 42 13.66 -53.35 -11.18
N PRO A 43 13.65 -52.50 -12.25
CA PRO A 43 14.09 -53.00 -13.57
C PRO A 43 15.56 -53.40 -13.65
N THR A 44 16.45 -52.71 -12.90
CA THR A 44 17.89 -52.97 -12.90
C THR A 44 18.23 -54.22 -12.07
N LEU A 45 17.54 -54.41 -10.92
CA LEU A 45 17.74 -55.57 -10.04
C LEU A 45 17.17 -56.87 -10.61
N LEU A 46 16.10 -56.78 -11.41
CA LEU A 46 15.49 -57.94 -12.07
C LEU A 46 16.29 -58.30 -13.34
N ALA A 47 17.06 -57.34 -13.89
CA ALA A 47 17.91 -57.55 -15.05
C ALA A 47 19.20 -58.25 -14.61
N ARG A 48 19.73 -57.87 -13.43
CA ARG A 48 20.95 -58.45 -12.87
C ARG A 48 20.78 -59.92 -12.47
N ILE A 49 19.58 -60.32 -12.01
CA ILE A 49 19.30 -61.70 -11.60
C ILE A 49 19.20 -62.65 -12.83
N VAL A 50 18.79 -62.13 -14.00
CA VAL A 50 18.61 -62.94 -15.22
C VAL A 50 19.81 -62.82 -16.18
N ALA A 51 20.17 -61.59 -16.60
CA ALA A 51 21.28 -61.34 -17.54
C ALA A 51 22.68 -61.57 -16.96
N GLU A 52 22.84 -61.53 -15.63
CA GLU A 52 24.12 -61.76 -14.97
C GLU A 52 24.12 -63.02 -14.11
N GLY A 53 23.02 -63.28 -13.41
CA GLY A 53 22.87 -64.44 -12.54
C GLY A 53 22.59 -65.73 -13.30
N ILE A 54 21.40 -65.84 -13.90
CA ILE A 54 20.93 -67.00 -14.67
C ILE A 54 21.75 -67.22 -15.95
N ALA A 55 21.99 -66.15 -16.74
CA ALA A 55 22.75 -66.20 -18.00
C ALA A 55 24.16 -66.77 -17.87
N ARG A 56 24.92 -66.33 -16.84
CA ARG A 56 26.29 -66.82 -16.58
C ARG A 56 26.26 -68.23 -15.97
N GLY A 57 25.14 -68.58 -15.34
CA GLY A 57 24.92 -69.89 -14.73
C GLY A 57 25.21 -69.98 -13.25
N ASP A 58 26.08 -69.09 -12.71
CA ASP A 58 26.49 -69.13 -11.29
C ASP A 58 25.31 -68.87 -10.33
N PHE A 59 24.93 -69.94 -9.62
CA PHE A 59 23.85 -70.02 -8.63
C PHE A 59 24.11 -69.08 -7.43
N SER A 60 25.39 -68.77 -7.18
CA SER A 60 25.84 -67.88 -6.11
C SER A 60 25.45 -66.41 -6.37
N LEU A 61 25.33 -66.02 -7.66
CA LEU A 61 24.93 -64.66 -8.06
C LEU A 61 23.41 -64.53 -8.14
N VAL A 62 22.72 -65.66 -8.40
CA VAL A 62 21.25 -65.76 -8.50
C VAL A 62 20.65 -65.42 -7.12
N LEU A 63 21.18 -66.06 -6.04
CA LEU A 63 20.75 -65.82 -4.67
C LEU A 63 21.21 -64.47 -4.12
N LYS A 64 22.41 -64.01 -4.53
CA LYS A 64 23.00 -62.73 -4.12
C LYS A 64 22.12 -61.56 -4.57
N THR A 65 21.61 -61.63 -5.82
CA THR A 65 20.71 -60.64 -6.40
C THR A 65 19.28 -60.90 -5.92
N GLY A 66 18.95 -62.18 -5.69
CA GLY A 66 17.66 -62.65 -5.20
C GLY A 66 17.32 -62.11 -3.83
N ILE A 67 18.28 -62.16 -2.89
CA ILE A 67 18.12 -61.63 -1.54
C ILE A 67 18.07 -60.10 -1.56
N LEU A 68 18.84 -59.48 -2.48
CA LEU A 68 18.92 -58.03 -2.66
C LEU A 68 17.60 -57.44 -3.18
N MET A 69 16.98 -58.10 -4.18
CA MET A 69 15.71 -57.65 -4.76
C MET A 69 14.56 -57.75 -3.75
N LEU A 70 14.55 -58.82 -2.94
CA LEU A 70 13.54 -59.04 -1.91
C LEU A 70 13.68 -58.06 -0.73
N ILE A 71 14.92 -57.59 -0.49
CA ILE A 71 15.24 -56.61 0.57
C ILE A 71 14.84 -55.20 0.10
N VAL A 72 15.14 -54.83 -1.18
CA VAL A 72 14.75 -53.51 -1.72
C VAL A 72 13.22 -53.42 -1.86
N ALA A 73 12.54 -54.57 -2.04
CA ALA A 73 11.08 -54.63 -2.11
C ALA A 73 10.51 -54.42 -0.70
N LEU A 74 11.21 -54.95 0.34
CA LEU A 74 10.83 -54.83 1.74
C LEU A 74 11.04 -53.40 2.22
N ILE A 75 12.13 -52.73 1.76
CA ILE A 75 12.42 -51.33 2.08
C ILE A 75 11.37 -50.44 1.40
N GLY A 76 10.97 -50.82 0.18
CA GLY A 76 9.94 -50.14 -0.59
C GLY A 76 8.57 -50.29 0.06
N ALA A 77 8.29 -51.48 0.62
CA ALA A 77 7.03 -51.79 1.31
C ALA A 77 6.90 -50.99 2.62
N VAL A 78 7.99 -50.97 3.43
CA VAL A 78 8.08 -50.23 4.70
C VAL A 78 7.94 -48.71 4.43
N GLY A 79 8.58 -48.26 3.34
CA GLY A 79 8.54 -46.88 2.88
C GLY A 79 7.17 -46.49 2.35
N GLY A 80 6.51 -47.45 1.70
CA GLY A 80 5.18 -47.30 1.13
C GLY A 80 4.10 -47.22 2.19
N ILE A 81 4.12 -48.17 3.17
CA ILE A 81 3.16 -48.20 4.28
C ILE A 81 3.42 -47.03 5.25
N GLY A 82 4.70 -46.66 5.40
CA GLY A 82 5.13 -45.54 6.23
C GLY A 82 4.58 -44.22 5.74
N CYS A 83 4.68 -43.98 4.43
CA CYS A 83 4.15 -42.79 3.77
C CYS A 83 2.63 -42.69 3.96
N THR A 84 1.91 -43.82 3.78
CA THR A 84 0.45 -43.93 3.93
C THR A 84 -0.01 -43.64 5.37
N VAL A 85 0.76 -44.14 6.37
CA VAL A 85 0.47 -43.95 7.80
C VAL A 85 0.69 -42.49 8.23
N PHE A 86 1.87 -41.91 7.91
CA PHE A 86 2.22 -40.52 8.26
C PHE A 86 1.36 -39.47 7.56
N ALA A 87 0.89 -39.76 6.34
CA ALA A 87 0.01 -38.85 5.59
C ALA A 87 -1.39 -38.88 6.17
N SER A 88 -1.86 -40.06 6.64
CA SER A 88 -3.16 -40.26 7.26
C SER A 88 -3.23 -39.55 8.62
N TYR A 89 -2.10 -39.50 9.36
CA TYR A 89 -2.02 -38.85 10.67
C TYR A 89 -2.19 -37.34 10.52
N ALA A 90 -1.26 -36.68 9.79
CA ALA A 90 -1.24 -35.24 9.59
C ALA A 90 -2.51 -34.67 8.94
N SER A 91 -3.11 -35.37 7.96
CA SER A 91 -4.33 -34.91 7.28
C SER A 91 -5.58 -34.99 8.16
N GLN A 92 -5.78 -36.13 8.85
CA GLN A 92 -6.93 -36.34 9.74
C GLN A 92 -6.88 -35.42 10.96
N ASN A 93 -5.67 -35.17 11.48
CA ASN A 93 -5.42 -34.29 12.61
C ASN A 93 -5.61 -32.82 12.23
N PHE A 94 -5.30 -32.45 10.97
CA PHE A 94 -5.50 -31.11 10.41
C PHE A 94 -7.00 -30.78 10.49
N GLY A 95 -7.83 -31.72 9.99
CA GLY A 95 -9.27 -31.63 9.95
C GLY A 95 -9.92 -31.60 11.31
N ALA A 96 -9.52 -32.54 12.21
CA ALA A 96 -10.03 -32.66 13.58
C ALA A 96 -9.81 -31.38 14.38
N ASP A 97 -8.63 -30.75 14.23
CA ASP A 97 -8.28 -29.50 14.91
C ASP A 97 -9.02 -28.30 14.31
N LEU A 98 -9.21 -28.28 12.98
CA LEU A 98 -9.96 -27.23 12.29
C LEU A 98 -11.47 -27.31 12.61
N ARG A 99 -12.03 -28.55 12.69
CA ARG A 99 -13.44 -28.81 13.02
C ARG A 99 -13.76 -28.30 14.42
N ARG A 100 -12.86 -28.55 15.40
CA ARG A 100 -13.08 -28.11 16.78
C ARG A 100 -12.88 -26.59 16.93
N ASP A 101 -11.97 -25.99 16.14
CA ASP A 101 -11.76 -24.54 16.16
C ASP A 101 -12.88 -23.78 15.45
N LEU A 102 -13.58 -24.44 14.50
CA LEU A 102 -14.73 -23.86 13.79
C LEU A 102 -15.97 -23.91 14.67
N PHE A 103 -16.19 -25.06 15.35
CA PHE A 103 -17.32 -25.26 16.27
C PHE A 103 -17.22 -24.35 17.47
N ARG A 104 -15.97 -24.01 17.89
CA ARG A 104 -15.69 -23.08 18.98
C ARG A 104 -16.13 -21.68 18.55
N LYS A 105 -15.88 -21.32 17.27
CA LYS A 105 -16.28 -20.03 16.68
C LYS A 105 -17.80 -19.99 16.51
N VAL A 106 -18.42 -21.11 16.10
CA VAL A 106 -19.87 -21.23 15.94
C VAL A 106 -20.57 -21.07 17.30
N LEU A 107 -19.95 -21.59 18.38
CA LEU A 107 -20.46 -21.46 19.75
C LEU A 107 -20.37 -20.03 20.26
N SER A 108 -19.41 -19.24 19.75
CA SER A 108 -19.22 -17.85 20.15
C SER A 108 -20.24 -16.91 19.48
N PHE A 109 -20.82 -17.35 18.34
CA PHE A 109 -21.80 -16.60 17.55
C PHE A 109 -23.07 -16.24 18.27
N SER A 110 -23.72 -15.16 17.82
CA SER A 110 -25.03 -14.69 18.27
C SER A 110 -26.01 -15.23 17.21
N ILE A 111 -27.33 -15.01 17.36
CA ILE A 111 -28.29 -15.52 16.36
C ILE A 111 -28.18 -14.74 15.04
N SER A 112 -27.77 -13.45 15.09
CA SER A 112 -27.59 -12.59 13.91
C SER A 112 -26.42 -13.05 13.04
N ASN A 113 -25.43 -13.75 13.65
CA ASN A 113 -24.27 -14.32 12.96
C ASN A 113 -24.68 -15.63 12.28
N VAL A 114 -25.53 -16.43 12.98
CA VAL A 114 -26.07 -17.71 12.51
C VAL A 114 -27.10 -17.43 11.40
N ASN A 115 -27.71 -16.23 11.39
CA ASN A 115 -28.67 -15.83 10.35
C ASN A 115 -27.98 -15.46 9.03
N ARG A 116 -26.71 -15.00 9.09
CA ARG A 116 -25.92 -14.67 7.90
C ARG A 116 -25.56 -15.97 7.19
N PHE A 117 -24.78 -16.86 7.86
CA PHE A 117 -24.45 -18.18 7.32
C PHE A 117 -25.57 -19.08 7.82
N HIS A 118 -26.60 -19.30 6.98
CA HIS A 118 -27.79 -20.11 7.32
C HIS A 118 -27.40 -21.41 8.05
N THR A 119 -28.20 -21.79 9.09
CA THR A 119 -27.93 -22.98 9.92
C THR A 119 -27.48 -24.21 9.09
N SER A 120 -28.19 -24.50 7.98
CA SER A 120 -27.92 -25.58 7.05
C SER A 120 -26.54 -25.45 6.37
N SER A 121 -26.12 -24.22 6.04
CA SER A 121 -24.82 -23.92 5.42
C SER A 121 -23.67 -24.15 6.39
N LEU A 122 -23.85 -23.80 7.68
CA LEU A 122 -22.83 -23.98 8.72
C LEU A 122 -22.49 -25.45 8.95
N ILE A 123 -23.50 -26.35 8.82
CA ILE A 123 -23.34 -27.81 8.95
C ILE A 123 -22.35 -28.31 7.88
N THR A 124 -22.49 -27.81 6.63
CA THR A 124 -21.62 -28.12 5.49
C THR A 124 -20.21 -27.58 5.74
N ARG A 125 -20.11 -26.31 6.17
CA ARG A 125 -18.86 -25.60 6.47
C ARG A 125 -18.00 -26.30 7.54
N LEU A 126 -18.65 -27.01 8.48
CA LEU A 126 -17.99 -27.73 9.57
C LEU A 126 -17.73 -29.22 9.25
N THR A 127 -18.37 -29.76 8.19
CA THR A 127 -18.20 -31.17 7.83
C THR A 127 -17.63 -31.34 6.41
N ASN A 128 -18.43 -31.03 5.38
CA ASN A 128 -18.06 -31.18 3.96
C ASN A 128 -16.93 -30.27 3.50
N ASP A 129 -16.94 -28.99 3.91
CA ASP A 129 -15.90 -28.03 3.53
C ASP A 129 -14.55 -28.36 4.17
N VAL A 130 -14.58 -28.96 5.38
CA VAL A 130 -13.37 -29.39 6.11
C VAL A 130 -12.78 -30.62 5.40
N THR A 131 -13.64 -31.61 5.05
CA THR A 131 -13.28 -32.85 4.36
C THR A 131 -12.50 -32.56 3.06
N GLN A 132 -12.98 -31.57 2.26
CA GLN A 132 -12.35 -31.15 1.00
C GLN A 132 -10.95 -30.56 1.24
N LEU A 133 -10.77 -29.82 2.34
CA LEU A 133 -9.49 -29.23 2.71
C LEU A 133 -8.54 -30.29 3.28
N GLN A 134 -9.11 -31.26 4.01
CA GLN A 134 -8.43 -32.39 4.64
C GLN A 134 -7.86 -33.34 3.59
N ASN A 135 -8.62 -33.57 2.50
CA ASN A 135 -8.25 -34.45 1.40
C ASN A 135 -7.14 -33.84 0.55
N LEU A 136 -7.11 -32.49 0.45
CA LEU A 136 -6.10 -31.72 -0.29
C LEU A 136 -4.75 -31.89 0.42
N VAL A 137 -4.73 -31.76 1.77
CA VAL A 137 -3.55 -31.94 2.61
C VAL A 137 -3.05 -33.40 2.47
N MET A 138 -3.98 -34.38 2.42
CA MET A 138 -3.69 -35.81 2.24
C MET A 138 -3.06 -36.05 0.87
N MET A 139 -3.64 -35.47 -0.20
CA MET A 139 -3.14 -35.57 -1.57
C MET A 139 -1.76 -34.98 -1.71
N LEU A 140 -1.54 -33.79 -1.13
CA LEU A 140 -0.25 -33.09 -1.13
C LEU A 140 0.82 -33.91 -0.42
N LEU A 141 0.55 -34.38 0.81
CA LEU A 141 1.49 -35.17 1.62
C LEU A 141 2.17 -36.33 0.89
N ARG A 142 1.45 -37.02 0.00
CA ARG A 142 1.97 -38.15 -0.76
C ARG A 142 2.78 -37.75 -2.01
N ILE A 143 2.28 -36.78 -2.80
CA ILE A 143 2.92 -36.38 -4.07
C ILE A 143 3.42 -34.90 -4.09
N VAL A 144 3.85 -34.34 -2.92
CA VAL A 144 4.38 -32.96 -2.85
C VAL A 144 5.84 -32.92 -3.32
N VAL A 145 6.58 -34.04 -3.13
CA VAL A 145 7.98 -34.17 -3.54
C VAL A 145 8.14 -35.29 -4.58
N ARG A 146 7.15 -36.21 -4.69
CA ARG A 146 7.18 -37.32 -5.66
C ARG A 146 7.04 -36.81 -7.09
N ALA A 147 6.02 -35.94 -7.35
CA ALA A 147 5.76 -35.35 -8.66
C ALA A 147 6.88 -34.42 -9.16
N PRO A 148 7.39 -33.41 -8.40
CA PRO A 148 8.46 -32.55 -8.95
C PRO A 148 9.81 -33.24 -9.18
N LEU A 149 10.21 -34.19 -8.28
CA LEU A 149 11.47 -34.92 -8.40
C LEU A 149 11.49 -35.87 -9.60
N LEU A 150 10.34 -36.50 -9.91
CA LEU A 150 10.19 -37.39 -11.07
C LEU A 150 10.16 -36.58 -12.37
N PHE A 151 9.71 -35.31 -12.29
CA PHE A 151 9.64 -34.38 -13.41
C PHE A 151 11.01 -33.75 -13.70
N VAL A 152 11.72 -33.32 -12.63
CA VAL A 152 13.07 -32.74 -12.71
C VAL A 152 14.07 -33.85 -13.09
N GLY A 153 13.95 -35.01 -12.44
CA GLY A 153 14.78 -36.19 -12.71
C GLY A 153 14.59 -36.73 -14.11
N GLY A 154 13.36 -36.61 -14.62
CA GLY A 154 12.98 -37.02 -15.96
C GLY A 154 13.57 -36.12 -17.04
N ILE A 155 13.47 -34.79 -16.86
CA ILE A 155 14.02 -33.80 -17.81
C ILE A 155 15.55 -33.82 -17.78
N VAL A 156 16.17 -34.15 -16.61
CA VAL A 156 17.62 -34.27 -16.43
C VAL A 156 18.13 -35.42 -17.34
N MET A 157 17.38 -36.55 -17.36
CA MET A 157 17.70 -37.71 -18.21
C MET A 157 17.49 -37.42 -19.69
N ALA A 158 16.56 -36.51 -20.02
CA ALA A 158 16.27 -36.09 -21.40
C ALA A 158 17.38 -35.18 -21.93
N VAL A 159 17.87 -34.25 -21.07
CA VAL A 159 18.96 -33.32 -21.41
C VAL A 159 20.29 -34.10 -21.56
N SER A 160 20.53 -35.10 -20.68
CA SER A 160 21.73 -35.96 -20.68
C SER A 160 21.91 -36.69 -22.02
N ILE A 161 20.79 -37.17 -22.61
CA ILE A 161 20.79 -37.86 -23.90
C ILE A 161 21.04 -36.83 -25.02
N ASN A 162 20.15 -35.82 -25.14
CA ASN A 162 20.25 -34.75 -26.14
C ASN A 162 19.67 -33.43 -25.63
N VAL A 163 20.50 -32.37 -25.64
CA VAL A 163 20.14 -31.03 -25.19
C VAL A 163 19.28 -30.32 -26.27
N LYS A 164 19.68 -30.44 -27.55
CA LYS A 164 19.00 -29.85 -28.70
C LYS A 164 17.59 -30.39 -28.91
N LEU A 165 17.37 -31.69 -28.62
CA LEU A 165 16.06 -32.34 -28.73
C LEU A 165 15.17 -31.94 -27.56
N SER A 166 15.79 -31.61 -26.41
CA SER A 166 15.09 -31.17 -25.19
C SER A 166 14.54 -29.74 -25.33
N SER A 167 14.87 -29.04 -26.43
CA SER A 167 14.39 -27.68 -26.73
C SER A 167 12.90 -27.67 -27.12
N VAL A 168 12.38 -28.77 -27.72
CA VAL A 168 10.96 -28.89 -28.12
C VAL A 168 10.06 -29.15 -26.89
N LEU A 169 10.66 -29.64 -25.78
CA LEU A 169 9.97 -29.91 -24.51
C LEU A 169 9.54 -28.59 -23.84
N ILE A 170 10.25 -27.49 -24.15
CA ILE A 170 9.99 -26.14 -23.67
C ILE A 170 8.81 -25.55 -24.48
N PHE A 171 8.76 -25.85 -25.80
CA PHE A 171 7.74 -25.39 -26.74
C PHE A 171 6.31 -25.86 -26.44
N LEU A 172 6.15 -27.00 -25.74
CA LEU A 172 4.83 -27.57 -25.40
C LEU A 172 4.25 -27.06 -24.08
N ILE A 173 5.02 -26.28 -23.28
CA ILE A 173 4.57 -25.73 -22.00
C ILE A 173 3.49 -24.61 -22.18
N PRO A 174 3.60 -23.64 -23.15
CA PRO A 174 2.53 -22.62 -23.28
C PRO A 174 1.08 -23.16 -23.37
N PRO A 175 0.69 -24.18 -24.19
CA PRO A 175 -0.71 -24.65 -24.15
C PRO A 175 -1.09 -25.32 -22.83
N ILE A 176 -0.11 -25.95 -22.15
CA ILE A 176 -0.28 -26.63 -20.86
C ILE A 176 -0.64 -25.62 -19.76
N VAL A 177 0.18 -24.54 -19.64
CA VAL A 177 -0.03 -23.47 -18.65
C VAL A 177 -1.35 -22.71 -18.92
N LEU A 178 -1.70 -22.52 -20.21
CA LEU A 178 -2.94 -21.86 -20.64
C LEU A 178 -4.17 -22.73 -20.31
N LEU A 179 -3.96 -24.05 -20.14
CA LEU A 179 -5.02 -25.01 -19.82
C LEU A 179 -5.28 -25.16 -18.32
N PHE A 180 -4.22 -25.22 -17.47
CA PHE A 180 -4.44 -25.35 -16.02
C PHE A 180 -4.71 -23.99 -15.33
N VAL A 181 -4.79 -22.89 -16.12
CA VAL A 181 -5.15 -21.54 -15.67
C VAL A 181 -6.65 -21.36 -16.00
N TRP A 182 -7.09 -21.90 -17.17
CA TRP A 182 -8.49 -21.93 -17.60
C TRP A 182 -9.30 -22.78 -16.62
N LEU A 183 -8.71 -23.89 -16.11
CA LEU A 183 -9.31 -24.79 -15.13
C LEU A 183 -9.43 -24.11 -13.76
N THR A 184 -8.61 -23.06 -13.50
CA THR A 184 -8.61 -22.30 -12.26
C THR A 184 -9.69 -21.21 -12.26
N LYS A 185 -9.71 -20.37 -13.32
CA LYS A 185 -10.65 -19.27 -13.50
C LYS A 185 -12.11 -19.74 -13.61
N LYS A 186 -12.37 -20.75 -14.47
CA LYS A 186 -13.71 -21.28 -14.69
C LYS A 186 -14.13 -22.30 -13.64
N GLY A 187 -13.17 -23.10 -13.15
CA GLY A 187 -13.40 -24.16 -12.18
C GLY A 187 -13.84 -23.74 -10.79
N ASN A 188 -13.00 -22.95 -10.09
CA ASN A 188 -13.21 -22.45 -8.72
C ASN A 188 -14.66 -21.98 -8.40
N PRO A 189 -15.33 -21.05 -9.15
CA PRO A 189 -16.70 -20.66 -8.76
C PRO A 189 -17.75 -21.76 -8.91
N LEU A 190 -17.49 -22.74 -9.80
CA LEU A 190 -18.39 -23.87 -10.05
C LEU A 190 -18.41 -24.90 -8.94
N PHE A 191 -17.26 -25.10 -8.23
CA PHE A 191 -17.19 -26.02 -7.08
C PHE A 191 -17.82 -25.37 -5.86
N ARG A 192 -17.85 -24.02 -5.83
CA ARG A 192 -18.47 -23.22 -4.77
C ARG A 192 -19.99 -23.42 -4.87
N LYS A 193 -20.51 -23.44 -6.11
CA LYS A 193 -21.94 -23.64 -6.40
C LYS A 193 -22.44 -25.03 -6.00
N ILE A 194 -21.54 -26.04 -5.96
CA ILE A 194 -21.85 -27.41 -5.52
C ILE A 194 -22.04 -27.37 -4.00
N GLN A 195 -21.08 -26.72 -3.30
CA GLN A 195 -21.09 -26.54 -1.85
C GLN A 195 -22.26 -25.65 -1.42
N GLU A 196 -22.70 -24.74 -2.31
CA GLU A 196 -23.84 -23.86 -2.06
C GLU A 196 -25.15 -24.63 -2.28
N SER A 197 -25.13 -25.60 -3.22
CA SER A 197 -26.30 -26.45 -3.53
C SER A 197 -26.50 -27.53 -2.46
N THR A 198 -25.40 -27.95 -1.77
CA THR A 198 -25.46 -28.92 -0.66
C THR A 198 -26.10 -28.25 0.56
N ASP A 199 -25.96 -26.91 0.67
CA ASP A 199 -26.56 -26.11 1.74
C ASP A 199 -28.07 -26.09 1.56
N GLU A 200 -28.54 -26.11 0.29
CA GLU A 200 -29.96 -26.10 -0.04
C GLU A 200 -30.62 -27.46 0.24
N VAL A 201 -29.93 -28.57 -0.11
CA VAL A 201 -30.46 -29.93 0.15
C VAL A 201 -30.43 -30.21 1.66
N ASN A 202 -29.51 -29.54 2.40
CA ASN A 202 -29.40 -29.60 3.86
C ASN A 202 -30.61 -28.88 4.45
N ARG A 203 -30.96 -27.70 3.90
CA ARG A 203 -32.07 -26.84 4.30
C ARG A 203 -33.43 -27.53 4.11
N VAL A 204 -33.62 -28.22 2.98
CA VAL A 204 -34.87 -28.93 2.66
C VAL A 204 -35.05 -30.14 3.58
N VAL A 205 -33.98 -30.95 3.76
CA VAL A 205 -34.05 -32.13 4.63
C VAL A 205 -34.15 -31.70 6.12
N ARG A 206 -33.53 -30.56 6.51
CA ARG A 206 -33.56 -30.04 7.88
C ARG A 206 -34.96 -29.56 8.29
N GLU A 207 -35.59 -28.68 7.47
CA GLU A 207 -36.92 -28.13 7.71
C GLU A 207 -38.00 -29.21 7.72
N ASN A 208 -37.81 -30.29 6.93
CA ASN A 208 -38.74 -31.43 6.88
C ASN A 208 -38.64 -32.26 8.15
N LEU A 209 -37.42 -32.51 8.65
CA LEU A 209 -37.18 -33.25 9.89
C LEU A 209 -37.72 -32.46 11.09
N LEU A 210 -37.46 -31.13 11.12
CA LEU A 210 -37.91 -30.21 12.16
C LEU A 210 -39.22 -29.56 11.73
N GLY A 211 -40.28 -30.35 11.74
CA GLY A 211 -41.62 -29.92 11.36
C GLY A 211 -42.32 -30.91 10.46
N VAL A 212 -42.13 -32.22 10.74
CA VAL A 212 -42.73 -33.33 9.99
C VAL A 212 -44.25 -33.41 10.24
N ARG A 213 -44.68 -33.07 11.48
CA ARG A 213 -46.09 -33.10 11.89
C ARG A 213 -46.96 -32.10 11.13
N VAL A 214 -46.40 -30.93 10.76
CA VAL A 214 -47.07 -29.87 9.99
C VAL A 214 -47.27 -30.34 8.54
N VAL A 215 -46.24 -31.00 7.97
CA VAL A 215 -46.21 -31.55 6.61
C VAL A 215 -47.31 -32.62 6.45
N ARG A 216 -47.38 -33.56 7.40
CA ARG A 216 -48.36 -34.65 7.43
C ARG A 216 -49.79 -34.14 7.65
N ALA A 217 -49.97 -33.19 8.60
CA ALA A 217 -51.26 -32.61 8.97
C ALA A 217 -51.92 -31.80 7.85
N PHE A 218 -51.10 -31.10 7.03
CA PHE A 218 -51.60 -30.28 5.92
C PHE A 218 -51.45 -30.99 4.58
N ARG A 219 -51.04 -32.28 4.62
CA ARG A 219 -50.86 -33.23 3.51
C ARG A 219 -49.93 -32.73 2.39
N ARG A 220 -49.07 -31.74 2.67
CA ARG A 220 -48.14 -31.19 1.68
C ARG A 220 -46.87 -32.07 1.49
N GLU A 221 -47.03 -33.41 1.63
CA GLU A 221 -45.96 -34.40 1.49
C GLU A 221 -45.44 -34.45 0.06
N GLU A 222 -46.35 -34.37 -0.93
CA GLU A 222 -46.04 -34.36 -2.37
C GLU A 222 -45.33 -33.04 -2.72
N TYR A 223 -45.78 -31.93 -2.07
CA TYR A 223 -45.21 -30.59 -2.24
C TYR A 223 -43.77 -30.54 -1.74
N GLU A 224 -43.49 -31.21 -0.61
CA GLU A 224 -42.14 -31.27 -0.03
C GLU A 224 -41.21 -32.17 -0.86
N ASN A 225 -41.76 -33.23 -1.51
CA ASN A 225 -41.00 -34.12 -2.40
C ASN A 225 -40.57 -33.33 -3.64
N GLU A 226 -41.43 -32.41 -4.11
CA GLU A 226 -41.13 -31.52 -5.24
C GLU A 226 -40.16 -30.43 -4.77
N ASN A 227 -40.34 -29.94 -3.52
CA ASN A 227 -39.44 -28.95 -2.90
C ASN A 227 -38.03 -29.51 -2.81
N PHE A 228 -37.90 -30.84 -2.58
CA PHE A 228 -36.62 -31.54 -2.50
C PHE A 228 -36.07 -31.85 -3.88
N ARG A 229 -36.95 -32.29 -4.82
CA ARG A 229 -36.58 -32.63 -6.20
C ARG A 229 -35.97 -31.41 -6.92
N LYS A 230 -36.49 -30.20 -6.62
CA LYS A 230 -36.01 -28.93 -7.19
C LYS A 230 -34.61 -28.61 -6.68
N ALA A 231 -34.30 -29.01 -5.44
CA ALA A 231 -32.99 -28.82 -4.79
C ALA A 231 -32.01 -29.92 -5.17
N ASN A 232 -32.49 -31.17 -5.35
CA ASN A 232 -31.70 -32.34 -5.72
C ASN A 232 -31.27 -32.25 -7.19
N GLU A 233 -32.15 -31.72 -8.08
CA GLU A 233 -31.83 -31.53 -9.49
C GLU A 233 -30.83 -30.39 -9.63
N SER A 234 -31.01 -29.29 -8.88
CA SER A 234 -30.12 -28.13 -8.87
C SER A 234 -28.73 -28.50 -8.35
N LEU A 235 -28.64 -29.53 -7.49
CA LEU A 235 -27.39 -30.04 -6.95
C LEU A 235 -26.61 -30.86 -7.98
N ARG A 236 -27.27 -31.86 -8.62
CA ARG A 236 -26.63 -32.70 -9.64
C ARG A 236 -26.24 -31.90 -10.89
N ARG A 237 -27.01 -30.84 -11.21
CA ARG A 237 -26.74 -29.94 -12.34
C ARG A 237 -25.48 -29.12 -12.07
N SER A 238 -25.23 -28.76 -10.80
CA SER A 238 -24.05 -28.01 -10.36
C SER A 238 -22.80 -28.90 -10.41
N ILE A 239 -22.98 -30.21 -10.11
CA ILE A 239 -21.90 -31.22 -10.12
C ILE A 239 -21.45 -31.50 -11.55
N ILE A 240 -22.39 -31.89 -12.44
CA ILE A 240 -22.10 -32.20 -13.85
C ILE A 240 -21.49 -31.00 -14.59
N SER A 241 -21.89 -29.76 -14.22
CA SER A 241 -21.40 -28.52 -14.83
C SER A 241 -19.95 -28.19 -14.45
N ALA A 242 -19.50 -28.60 -13.25
CA ALA A 242 -18.13 -28.37 -12.78
C ALA A 242 -17.18 -29.52 -13.12
N PHE A 243 -17.72 -30.75 -13.24
CA PHE A 243 -16.91 -31.92 -13.58
C PHE A 243 -16.77 -32.11 -15.10
N SER A 244 -17.62 -31.41 -15.90
CA SER A 244 -17.55 -31.43 -17.36
C SER A 244 -16.31 -30.67 -17.81
N LEU A 245 -15.89 -29.72 -16.95
CA LEU A 245 -14.72 -28.84 -17.06
C LEU A 245 -13.41 -29.63 -16.94
N ILE A 246 -13.48 -30.85 -16.34
CA ILE A 246 -12.34 -31.77 -16.15
C ILE A 246 -12.37 -32.88 -17.22
N VAL A 247 -13.57 -33.47 -17.49
CA VAL A 247 -13.74 -34.53 -18.51
C VAL A 247 -13.42 -34.01 -19.94
N PHE A 248 -13.24 -32.68 -20.09
CA PHE A 248 -12.89 -32.04 -21.36
C PHE A 248 -11.42 -31.62 -21.35
N ALA A 249 -10.94 -31.02 -20.24
CA ALA A 249 -9.57 -30.55 -20.12
C ALA A 249 -8.52 -31.66 -20.03
N LEU A 250 -8.78 -32.72 -19.24
CA LEU A 250 -7.86 -33.86 -19.08
C LEU A 250 -7.56 -34.58 -20.43
N PRO A 251 -8.55 -34.97 -21.27
CA PRO A 251 -8.21 -35.62 -22.55
C PRO A 251 -7.56 -34.65 -23.54
N LEU A 252 -7.89 -33.34 -23.45
CA LEU A 252 -7.32 -32.29 -24.28
C LEU A 252 -5.85 -32.09 -23.91
N PHE A 253 -5.52 -32.20 -22.60
CA PHE A 253 -4.17 -32.11 -22.07
C PHE A 253 -3.35 -33.34 -22.51
N ILE A 254 -3.96 -34.55 -22.37
CA ILE A 254 -3.41 -35.85 -22.74
C ILE A 254 -3.05 -35.87 -24.24
N PHE A 255 -3.86 -35.16 -25.06
CA PHE A 255 -3.66 -35.03 -26.50
C PHE A 255 -2.38 -34.25 -26.77
N ILE A 256 -2.22 -33.04 -26.17
CA ILE A 256 -1.03 -32.18 -26.30
C ILE A 256 0.22 -32.93 -25.80
N VAL A 257 0.04 -33.75 -24.73
CA VAL A 257 1.06 -34.60 -24.13
C VAL A 257 1.57 -35.63 -25.16
N ASN A 258 0.63 -36.35 -25.82
CA ASN A 258 0.94 -37.35 -26.84
C ASN A 258 1.44 -36.72 -28.15
N MET A 259 1.12 -35.42 -28.38
CA MET A 259 1.59 -34.66 -29.54
C MET A 259 3.08 -34.32 -29.35
N GLY A 260 3.53 -34.35 -28.09
CA GLY A 260 4.92 -34.13 -27.69
C GLY A 260 5.83 -35.21 -28.21
N MET A 261 5.31 -36.45 -28.32
CA MET A 261 6.04 -37.62 -28.84
C MET A 261 6.32 -37.43 -30.34
N ILE A 262 5.30 -36.96 -31.10
CA ILE A 262 5.36 -36.67 -32.53
C ILE A 262 6.36 -35.52 -32.78
N ALA A 263 6.39 -34.52 -31.88
CA ALA A 263 7.31 -33.38 -31.93
C ALA A 263 8.75 -33.85 -31.70
N VAL A 264 8.94 -34.87 -30.84
CA VAL A 264 10.25 -35.47 -30.54
C VAL A 264 10.71 -36.34 -31.71
N LEU A 265 9.80 -37.18 -32.27
CA LEU A 265 10.10 -38.05 -33.40
C LEU A 265 10.41 -37.25 -34.67
N TRP A 266 9.69 -36.12 -34.90
CA TRP A 266 9.92 -35.26 -36.07
C TRP A 266 11.23 -34.50 -35.98
N PHE A 267 11.47 -33.79 -34.86
CA PHE A 267 12.71 -33.02 -34.66
C PHE A 267 13.93 -33.93 -34.50
N GLY A 268 13.73 -35.10 -33.88
CA GLY A 268 14.75 -36.12 -33.71
C GLY A 268 15.17 -36.70 -35.03
N GLY A 269 14.21 -36.81 -35.95
CA GLY A 269 14.41 -37.28 -37.32
C GLY A 269 15.31 -36.31 -38.08
N VAL A 270 15.12 -35.00 -37.86
CA VAL A 270 15.90 -33.91 -38.45
C VAL A 270 17.32 -33.95 -37.86
N LEU A 271 17.44 -34.22 -36.55
CA LEU A 271 18.71 -34.32 -35.82
C LEU A 271 19.57 -35.49 -36.30
N VAL A 272 18.97 -36.68 -36.48
CA VAL A 272 19.64 -37.89 -36.97
C VAL A 272 20.07 -37.69 -38.44
N ARG A 273 19.22 -36.99 -39.24
CA ARG A 273 19.46 -36.63 -40.64
C ARG A 273 20.65 -35.68 -40.76
N ASN A 274 20.86 -34.84 -39.73
CA ASN A 274 21.95 -33.87 -39.66
C ASN A 274 23.11 -34.35 -38.76
N ASN A 275 22.99 -35.60 -38.26
CA ASN A 275 23.94 -36.32 -37.38
C ASN A 275 24.31 -35.52 -36.12
N GLN A 276 23.29 -35.18 -35.34
CA GLN A 276 23.41 -34.46 -34.07
C GLN A 276 22.90 -35.34 -32.93
N MET A 277 22.24 -36.47 -33.29
CA MET A 277 21.71 -37.46 -32.36
C MET A 277 21.93 -38.88 -32.91
N GLU A 278 22.24 -39.83 -32.01
CA GLU A 278 22.48 -41.24 -32.34
C GLU A 278 21.16 -42.02 -32.47
N ILE A 279 21.19 -43.10 -33.26
CA ILE A 279 20.05 -44.00 -33.50
C ILE A 279 19.70 -44.83 -32.24
N GLY A 280 20.72 -45.12 -31.43
CA GLY A 280 20.54 -45.87 -30.18
C GLY A 280 20.02 -44.99 -29.07
N SER A 281 20.27 -43.66 -29.17
CA SER A 281 19.87 -42.64 -28.20
C SER A 281 18.36 -42.40 -28.19
N ILE A 282 17.69 -42.53 -29.35
CA ILE A 282 16.24 -42.32 -29.50
C ILE A 282 15.41 -43.39 -28.76
N MET A 283 15.94 -44.63 -28.66
CA MET A 283 15.30 -45.77 -27.98
C MET A 283 15.09 -45.50 -26.49
N ALA A 284 16.09 -44.90 -25.83
CA ALA A 284 16.06 -44.56 -24.41
C ALA A 284 15.28 -43.26 -24.14
N TYR A 285 15.38 -42.27 -25.06
CA TYR A 285 14.71 -40.96 -24.98
C TYR A 285 13.18 -41.10 -24.90
N THR A 286 12.61 -42.06 -25.65
CA THR A 286 11.17 -42.35 -25.70
C THR A 286 10.61 -42.74 -24.32
N ASN A 287 11.39 -43.52 -23.54
CA ASN A 287 11.01 -43.98 -22.20
C ASN A 287 11.01 -42.85 -21.18
N TYR A 288 12.09 -42.04 -21.11
CA TYR A 288 12.17 -40.92 -20.16
C TYR A 288 11.26 -39.74 -20.53
N LEU A 289 10.81 -39.66 -21.80
CA LEU A 289 9.89 -38.61 -22.24
C LEU A 289 8.50 -38.86 -21.67
N MET A 290 8.08 -40.14 -21.62
CA MET A 290 6.79 -40.58 -21.07
C MET A 290 6.74 -40.32 -19.56
N GLN A 291 7.91 -40.43 -18.89
CA GLN A 291 8.09 -40.18 -17.45
C GLN A 291 7.86 -38.69 -17.14
N ILE A 292 8.31 -37.78 -18.04
CA ILE A 292 8.15 -36.33 -17.92
C ILE A 292 6.66 -35.98 -18.05
N MET A 293 5.98 -36.61 -19.02
CA MET A 293 4.56 -36.43 -19.31
C MET A 293 3.66 -36.96 -18.19
N PHE A 294 4.00 -38.14 -17.63
CA PHE A 294 3.28 -38.76 -16.52
C PHE A 294 3.37 -37.89 -15.26
N SER A 295 4.55 -37.30 -15.03
CA SER A 295 4.82 -36.40 -13.90
C SER A 295 4.12 -35.05 -14.09
N LEU A 296 3.94 -34.62 -15.36
CA LEU A 296 3.26 -33.37 -15.73
C LEU A 296 1.76 -33.46 -15.44
N MET A 297 1.20 -34.68 -15.51
CA MET A 297 -0.21 -34.99 -15.24
C MET A 297 -0.50 -34.83 -13.74
N MET A 298 0.49 -35.16 -12.88
CA MET A 298 0.42 -35.06 -11.42
C MET A 298 0.37 -33.58 -10.98
N ILE A 299 1.05 -32.68 -11.73
CA ILE A 299 1.06 -31.23 -11.45
C ILE A 299 -0.31 -30.63 -11.84
N GLY A 300 -0.98 -31.25 -12.80
CA GLY A 300 -2.33 -30.86 -13.23
C GLY A 300 -3.37 -31.33 -12.26
N ASN A 301 -3.16 -32.54 -11.69
CA ASN A 301 -4.03 -33.19 -10.71
C ASN A 301 -4.11 -32.43 -9.39
N ILE A 302 -2.96 -31.87 -8.92
CA ILE A 302 -2.90 -31.07 -7.69
C ILE A 302 -3.70 -29.77 -7.87
N LEU A 303 -3.67 -29.18 -9.09
CA LEU A 303 -4.42 -27.99 -9.47
C LEU A 303 -5.93 -28.27 -9.52
N ASN A 304 -6.32 -29.52 -9.87
CA ASN A 304 -7.72 -29.97 -9.92
C ASN A 304 -8.26 -30.11 -8.48
N PHE A 305 -7.37 -30.43 -7.53
CA PHE A 305 -7.69 -30.55 -6.11
C PHE A 305 -7.62 -29.18 -5.44
N ILE A 306 -6.75 -28.29 -5.93
CA ILE A 306 -6.57 -26.93 -5.41
C ILE A 306 -7.82 -26.09 -5.70
N VAL A 307 -8.38 -26.20 -6.94
CA VAL A 307 -9.58 -25.44 -7.34
C VAL A 307 -10.84 -25.85 -6.55
N ARG A 308 -10.94 -27.15 -6.17
CA ARG A 308 -12.05 -27.66 -5.37
C ARG A 308 -11.88 -27.22 -3.91
N ALA A 309 -10.64 -27.29 -3.38
CA ALA A 309 -10.30 -26.91 -2.01
C ALA A 309 -10.37 -25.39 -1.79
N SER A 310 -10.07 -24.58 -2.83
CA SER A 310 -10.08 -23.11 -2.77
C SER A 310 -11.47 -22.55 -2.48
N ALA A 311 -12.52 -23.22 -3.01
CA ALA A 311 -13.92 -22.84 -2.80
C ALA A 311 -14.32 -23.14 -1.35
N SER A 312 -13.82 -24.28 -0.80
CA SER A 312 -14.07 -24.73 0.57
C SER A 312 -13.27 -23.88 1.57
N ALA A 313 -12.04 -23.47 1.20
CA ALA A 313 -11.15 -22.65 2.03
C ALA A 313 -11.74 -21.27 2.27
N LYS A 314 -12.44 -20.69 1.26
CA LYS A 314 -13.10 -19.38 1.35
C LYS A 314 -14.28 -19.47 2.32
N ARG A 315 -15.07 -20.55 2.21
CA ARG A 315 -16.25 -20.85 3.05
C ARG A 315 -15.85 -21.09 4.51
N VAL A 316 -14.72 -21.79 4.74
CA VAL A 316 -14.21 -22.10 6.07
C VAL A 316 -13.66 -20.84 6.75
N LEU A 317 -12.80 -20.08 6.03
CA LEU A 317 -12.17 -18.86 6.52
C LEU A 317 -13.14 -17.75 6.88
N GLU A 318 -14.21 -17.53 6.09
CA GLU A 318 -15.19 -16.47 6.36
C GLU A 318 -15.98 -16.72 7.68
N VAL A 319 -16.11 -17.99 8.09
CA VAL A 319 -16.77 -18.39 9.33
C VAL A 319 -15.83 -18.04 10.49
N LEU A 320 -14.53 -18.42 10.37
CA LEU A 320 -13.48 -18.14 11.36
C LEU A 320 -13.21 -16.65 11.50
N ASN A 321 -13.35 -15.87 10.41
CA ASN A 321 -13.13 -14.43 10.39
C ASN A 321 -14.35 -13.61 10.80
N GLU A 322 -15.52 -14.25 10.94
CA GLU A 322 -16.76 -13.58 11.35
C GLU A 322 -16.70 -13.25 12.84
N LYS A 323 -16.81 -11.93 13.16
CA LYS A 323 -16.81 -11.43 14.54
C LYS A 323 -18.23 -11.49 15.12
N PRO A 324 -18.44 -12.14 16.29
CA PRO A 324 -19.79 -12.22 16.86
C PRO A 324 -20.36 -10.87 17.26
N ALA A 325 -21.71 -10.72 17.18
CA ALA A 325 -22.43 -9.48 17.51
C ALA A 325 -22.13 -9.00 18.94
N ILE A 326 -22.06 -9.95 19.89
CA ILE A 326 -21.76 -9.68 21.29
C ILE A 326 -20.35 -10.19 21.58
N GLU A 327 -19.45 -9.26 21.98
CA GLU A 327 -18.05 -9.52 22.28
C GLU A 327 -17.62 -8.89 23.59
N GLU A 328 -16.74 -9.59 24.33
CA GLU A 328 -16.24 -9.14 25.64
C GLU A 328 -15.15 -8.08 25.45
N ALA A 329 -15.20 -7.01 26.27
CA ALA A 329 -14.24 -5.91 26.23
C ALA A 329 -12.86 -6.32 26.73
N ASP A 330 -11.81 -5.58 26.32
CA ASP A 330 -10.43 -5.84 26.73
C ASP A 330 -10.24 -5.51 28.22
N ASN A 331 -10.92 -4.45 28.70
CA ASN A 331 -10.90 -4.01 30.08
C ASN A 331 -12.22 -4.39 30.78
N ALA A 332 -12.79 -5.56 30.41
CA ALA A 332 -14.04 -6.05 30.99
C ALA A 332 -13.80 -6.54 32.41
N LEU A 333 -14.42 -5.85 33.38
CA LEU A 333 -14.31 -6.15 34.81
C LEU A 333 -15.00 -7.47 35.15
N ALA A 334 -14.32 -8.34 35.92
CA ALA A 334 -14.85 -9.62 36.37
C ALA A 334 -15.87 -9.38 37.48
N LEU A 335 -17.03 -10.07 37.39
CA LEU A 335 -18.11 -9.95 38.36
C LEU A 335 -18.32 -11.26 39.14
N PRO A 336 -17.54 -11.50 40.23
CA PRO A 336 -17.71 -12.76 40.98
C PRO A 336 -18.93 -12.75 41.90
N ASN A 337 -19.33 -11.57 42.40
CA ASN A 337 -20.48 -11.39 43.29
C ASN A 337 -21.41 -10.29 42.78
N VAL A 338 -22.73 -10.57 42.75
CA VAL A 338 -23.77 -9.66 42.26
C VAL A 338 -24.85 -9.47 43.37
N GLU A 339 -25.53 -8.31 43.36
CA GLU A 339 -26.61 -7.94 44.28
C GLU A 339 -27.98 -8.09 43.59
N GLY A 340 -28.06 -7.67 42.33
CA GLY A 340 -29.27 -7.74 41.52
C GLY A 340 -29.90 -6.39 41.25
N SER A 341 -29.06 -5.36 40.98
CA SER A 341 -29.52 -4.00 40.69
C SER A 341 -29.64 -3.78 39.18
N VAL A 342 -30.76 -4.23 38.60
CA VAL A 342 -31.06 -4.12 37.17
C VAL A 342 -31.60 -2.71 36.87
N SER A 343 -30.95 -2.00 35.95
CA SER A 343 -31.31 -0.62 35.57
C SER A 343 -31.24 -0.43 34.05
N PHE A 344 -32.19 0.35 33.50
CA PHE A 344 -32.28 0.67 32.07
C PHE A 344 -32.17 2.19 31.93
N GLU A 345 -31.12 2.68 31.26
CA GLU A 345 -30.85 4.11 31.10
C GLU A 345 -31.13 4.62 29.67
N ASN A 346 -32.39 5.06 29.43
CA ASN A 346 -32.91 5.59 28.15
C ASN A 346 -32.59 4.66 26.95
N VAL A 347 -32.87 3.37 27.15
CA VAL A 347 -32.62 2.26 26.23
C VAL A 347 -33.50 2.35 24.97
N GLU A 348 -32.85 2.30 23.79
CA GLU A 348 -33.46 2.33 22.46
C GLU A 348 -32.89 1.13 21.67
N PHE A 349 -33.76 0.20 21.26
CA PHE A 349 -33.38 -1.01 20.51
C PHE A 349 -34.15 -1.19 19.20
N ARG A 350 -33.47 -1.76 18.20
CA ARG A 350 -33.99 -2.05 16.87
C ARG A 350 -33.35 -3.34 16.37
N TYR A 351 -34.16 -4.28 15.85
CA TYR A 351 -33.66 -5.55 15.30
C TYR A 351 -33.03 -5.35 13.92
N PHE A 352 -33.55 -4.35 13.15
CA PHE A 352 -33.07 -3.96 11.82
C PHE A 352 -33.13 -2.44 11.70
N GLU A 353 -32.17 -1.84 10.96
CA GLU A 353 -32.08 -0.39 10.77
C GLU A 353 -33.32 0.22 10.09
N ASN A 354 -33.84 -0.47 9.05
CA ASN A 354 -35.01 -0.07 8.26
C ASN A 354 -36.33 0.00 9.07
N THR A 355 -36.52 -0.94 10.01
CA THR A 355 -37.70 -1.04 10.87
C THR A 355 -37.78 0.08 11.93
N ASP A 356 -38.94 0.21 12.58
CA ASP A 356 -39.19 1.17 13.66
C ASP A 356 -38.54 0.66 14.97
N PRO A 357 -38.28 1.52 16.00
CA PRO A 357 -37.67 1.00 17.25
C PRO A 357 -38.55 0.02 18.03
N VAL A 358 -38.01 -1.18 18.31
CA VAL A 358 -38.65 -2.28 19.05
C VAL A 358 -38.89 -1.85 20.50
N LEU A 359 -37.93 -1.12 21.07
CA LEU A 359 -37.95 -0.54 22.40
C LEU A 359 -37.38 0.86 22.27
N SER A 360 -38.07 1.87 22.83
CA SER A 360 -37.63 3.27 22.78
C SER A 360 -38.09 4.02 24.00
N GLY A 361 -37.21 4.88 24.53
CA GLY A 361 -37.45 5.68 25.72
C GLY A 361 -37.71 4.86 26.96
N VAL A 362 -36.94 3.77 27.13
CA VAL A 362 -37.07 2.85 28.27
C VAL A 362 -36.12 3.26 29.39
N ASN A 363 -36.66 3.88 30.45
CA ASN A 363 -35.88 4.33 31.60
C ASN A 363 -36.57 3.95 32.91
N PHE A 364 -35.97 2.97 33.63
CA PHE A 364 -36.43 2.47 34.93
C PHE A 364 -35.31 1.75 35.69
N SER A 365 -35.50 1.60 37.00
CA SER A 365 -34.55 0.94 37.90
C SER A 365 -35.28 -0.06 38.79
N VAL A 366 -34.62 -1.21 39.05
CA VAL A 366 -35.16 -2.30 39.86
C VAL A 366 -34.29 -2.52 41.11
N LYS A 367 -34.94 -2.55 42.29
CA LYS A 367 -34.33 -2.77 43.61
C LYS A 367 -33.78 -4.20 43.73
N PRO A 368 -32.65 -4.45 44.42
CA PRO A 368 -32.14 -5.83 44.54
C PRO A 368 -33.06 -6.71 45.39
N GLY A 369 -33.30 -7.93 44.92
CA GLY A 369 -34.17 -8.91 45.59
C GLY A 369 -35.64 -8.78 45.30
N SER A 370 -36.08 -7.60 44.79
CA SER A 370 -37.48 -7.31 44.47
C SER A 370 -37.99 -8.12 43.28
N LEU A 371 -39.28 -8.45 43.33
CA LEU A 371 -40.00 -9.19 42.30
C LEU A 371 -40.80 -8.19 41.45
N VAL A 372 -40.48 -8.12 40.14
CA VAL A 372 -41.13 -7.20 39.19
C VAL A 372 -41.92 -7.98 38.14
N ALA A 373 -43.26 -7.83 38.13
CA ALA A 373 -44.12 -8.49 37.18
C ALA A 373 -44.17 -7.69 35.87
N VAL A 374 -43.75 -8.32 34.76
CA VAL A 374 -43.73 -7.69 33.45
C VAL A 374 -45.02 -8.06 32.70
N LEU A 375 -45.77 -7.03 32.27
CA LEU A 375 -47.04 -7.22 31.56
C LEU A 375 -47.09 -6.41 30.27
N GLY A 376 -48.06 -6.73 29.42
CA GLY A 376 -48.26 -6.05 28.15
C GLY A 376 -48.80 -6.96 27.07
N GLU A 377 -49.41 -6.33 26.04
CA GLU A 377 -50.00 -6.99 24.88
C GLU A 377 -48.94 -7.71 24.02
N THR A 378 -49.35 -8.67 23.18
CA THR A 378 -48.46 -9.44 22.30
C THR A 378 -47.74 -8.51 21.33
N GLY A 379 -46.40 -8.55 21.37
CA GLY A 379 -45.54 -7.72 20.55
C GLY A 379 -45.16 -6.39 21.16
N SER A 380 -45.23 -6.29 22.51
CA SER A 380 -44.84 -5.08 23.24
C SER A 380 -43.33 -4.92 23.28
N GLY A 381 -42.63 -6.01 23.57
CA GLY A 381 -41.18 -6.06 23.66
C GLY A 381 -40.69 -6.64 24.96
N LYS A 382 -41.55 -7.42 25.66
CA LYS A 382 -41.27 -8.06 26.96
C LYS A 382 -40.12 -9.05 26.88
N SER A 383 -40.15 -9.97 25.89
CA SER A 383 -39.10 -10.97 25.68
C SER A 383 -37.79 -10.28 25.28
N THR A 384 -37.87 -9.23 24.43
CA THR A 384 -36.74 -8.42 23.95
C THR A 384 -36.07 -7.66 25.11
N LEU A 385 -36.90 -7.01 25.97
CA LEU A 385 -36.44 -6.25 27.14
C LEU A 385 -35.66 -7.13 28.10
N MET A 386 -36.10 -8.40 28.26
CA MET A 386 -35.45 -9.38 29.13
C MET A 386 -34.10 -9.84 28.59
N ASN A 387 -34.01 -10.07 27.25
CA ASN A 387 -32.80 -10.52 26.57
C ASN A 387 -31.61 -9.54 26.65
N LEU A 388 -31.89 -8.27 27.01
CA LEU A 388 -30.87 -7.24 27.16
C LEU A 388 -30.04 -7.44 28.43
N ILE A 389 -30.68 -7.99 29.49
CA ILE A 389 -30.07 -8.26 30.81
C ILE A 389 -28.91 -9.31 30.72
N PRO A 390 -29.06 -10.55 30.15
CA PRO A 390 -27.90 -11.45 30.08
C PRO A 390 -26.99 -11.19 28.86
N ARG A 391 -27.09 -9.96 28.28
CA ARG A 391 -26.34 -9.45 27.12
C ARG A 391 -26.45 -10.35 25.87
N LEU A 392 -27.67 -10.81 25.57
CA LEU A 392 -27.94 -11.61 24.37
C LEU A 392 -28.02 -10.64 23.18
N ILE A 393 -28.41 -9.38 23.47
CA ILE A 393 -28.58 -8.25 22.54
C ILE A 393 -28.12 -6.95 23.21
N ASP A 394 -27.63 -5.99 22.40
CA ASP A 394 -27.17 -4.68 22.87
C ASP A 394 -27.97 -3.52 22.24
N PRO A 395 -28.38 -2.49 23.03
CA PRO A 395 -29.19 -1.40 22.46
C PRO A 395 -28.46 -0.44 21.52
N GLU A 396 -29.22 0.17 20.59
CA GLU A 396 -28.74 1.16 19.61
C GLU A 396 -28.28 2.44 20.34
N ARG A 397 -29.12 2.93 21.26
CA ARG A 397 -28.89 4.12 22.08
C ARG A 397 -29.25 3.79 23.52
N GLY A 398 -28.49 4.32 24.47
CA GLY A 398 -28.70 4.08 25.89
C GLY A 398 -27.95 2.87 26.40
N ARG A 399 -27.97 2.65 27.74
CA ARG A 399 -27.25 1.53 28.34
C ARG A 399 -28.06 0.74 29.38
N VAL A 400 -27.76 -0.57 29.48
CA VAL A 400 -28.35 -1.50 30.43
C VAL A 400 -27.31 -1.74 31.53
N GLU A 401 -27.74 -1.67 32.80
CA GLU A 401 -26.84 -1.83 33.94
C GLU A 401 -27.27 -2.91 34.93
N VAL A 402 -26.28 -3.65 35.45
CA VAL A 402 -26.43 -4.67 36.49
C VAL A 402 -25.42 -4.30 37.58
N ASP A 403 -25.92 -3.98 38.79
CA ASP A 403 -25.15 -3.53 39.96
C ASP A 403 -24.48 -2.16 39.68
N GLU A 404 -25.25 -1.23 39.05
CA GLU A 404 -24.87 0.13 38.66
C GLU A 404 -23.71 0.16 37.64
N LEU A 405 -23.47 -1.00 36.99
CA LEU A 405 -22.39 -1.21 36.03
C LEU A 405 -22.90 -1.60 34.66
N ASP A 406 -22.44 -0.90 33.60
CA ASP A 406 -22.82 -1.18 32.21
C ASP A 406 -22.42 -2.60 31.84
N VAL A 407 -23.43 -3.42 31.51
CA VAL A 407 -23.38 -4.83 31.14
C VAL A 407 -22.32 -5.13 30.04
N ARG A 408 -22.03 -4.14 29.16
CA ARG A 408 -21.02 -4.25 28.10
C ARG A 408 -19.58 -4.31 28.68
N THR A 409 -19.32 -3.55 29.77
CA THR A 409 -18.01 -3.43 30.44
C THR A 409 -17.72 -4.57 31.46
N VAL A 410 -18.57 -5.61 31.48
CA VAL A 410 -18.45 -6.74 32.41
C VAL A 410 -18.16 -8.04 31.63
N LYS A 411 -17.41 -8.97 32.26
CA LYS A 411 -17.07 -10.29 31.70
C LYS A 411 -18.35 -11.09 31.48
N LEU A 412 -18.54 -11.61 30.25
CA LEU A 412 -19.75 -12.35 29.84
C LEU A 412 -20.03 -13.63 30.64
N LYS A 413 -19.00 -14.50 30.85
CA LYS A 413 -19.16 -15.74 31.63
C LYS A 413 -19.60 -15.45 33.07
N ASP A 414 -19.04 -14.38 33.67
CA ASP A 414 -19.33 -13.92 35.02
C ASP A 414 -20.78 -13.41 35.11
N LEU A 415 -21.16 -12.50 34.18
CA LEU A 415 -22.50 -11.88 34.11
C LEU A 415 -23.60 -12.91 33.85
N ARG A 416 -23.45 -13.75 32.81
CA ARG A 416 -24.43 -14.78 32.45
C ARG A 416 -24.55 -15.89 33.50
N GLY A 417 -23.50 -16.08 34.30
CA GLY A 417 -23.47 -17.06 35.37
C GLY A 417 -24.42 -16.77 36.51
N HIS A 418 -24.60 -15.47 36.82
CA HIS A 418 -25.48 -14.97 37.87
C HIS A 418 -26.92 -14.71 37.41
N ILE A 419 -27.17 -14.70 36.09
CA ILE A 419 -28.49 -14.49 35.50
C ILE A 419 -29.03 -15.78 34.91
N SER A 420 -30.11 -16.32 35.51
CA SER A 420 -30.77 -17.54 35.03
C SER A 420 -32.07 -17.19 34.34
N ALA A 421 -32.39 -17.89 33.26
CA ALA A 421 -33.60 -17.62 32.50
C ALA A 421 -34.40 -18.87 32.12
N VAL A 422 -35.73 -18.69 32.04
CA VAL A 422 -36.69 -19.70 31.60
C VAL A 422 -37.27 -19.10 30.31
N PRO A 423 -36.81 -19.54 29.12
CA PRO A 423 -37.31 -18.93 27.86
C PRO A 423 -38.80 -19.15 27.59
N GLN A 424 -39.40 -18.28 26.75
CA GLN A 424 -40.82 -18.36 26.39
C GLN A 424 -41.10 -19.65 25.62
N GLU A 425 -40.16 -20.04 24.73
CA GLU A 425 -40.22 -21.27 23.95
C GLU A 425 -39.15 -22.21 24.52
N THR A 426 -39.58 -23.08 25.47
CA THR A 426 -38.70 -24.01 26.18
C THR A 426 -38.11 -25.07 25.27
N VAL A 427 -36.76 -25.16 25.29
CA VAL A 427 -35.98 -26.10 24.50
C VAL A 427 -35.06 -26.90 25.43
N LEU A 428 -35.21 -28.22 25.43
CA LEU A 428 -34.38 -29.13 26.21
C LEU A 428 -33.37 -29.81 25.27
N PHE A 429 -32.37 -30.51 25.83
CA PHE A 429 -31.35 -31.15 25.02
C PHE A 429 -31.28 -32.66 25.22
N SER A 430 -30.70 -33.38 24.25
CA SER A 430 -30.58 -34.83 24.28
C SER A 430 -29.60 -35.30 25.37
N GLY A 431 -30.03 -36.30 26.14
CA GLY A 431 -29.27 -36.88 27.24
C GLY A 431 -30.17 -37.40 28.35
N THR A 432 -29.83 -37.08 29.60
CA THR A 432 -30.62 -37.48 30.78
C THR A 432 -31.25 -36.25 31.45
N ILE A 433 -32.26 -36.47 32.31
CA ILE A 433 -32.93 -35.40 33.05
C ILE A 433 -31.91 -34.74 33.98
N LYS A 434 -31.10 -35.55 34.69
CA LYS A 434 -30.04 -35.13 35.61
C LYS A 434 -29.00 -34.23 34.91
N GLU A 435 -28.60 -34.58 33.66
CA GLU A 435 -27.65 -33.84 32.83
C GLU A 435 -28.25 -32.49 32.42
N ASN A 436 -29.54 -32.51 32.02
CA ASN A 436 -30.30 -31.33 31.57
C ASN A 436 -30.52 -30.31 32.68
N LEU A 437 -30.64 -30.77 33.94
CA LEU A 437 -30.85 -29.89 35.08
C LEU A 437 -29.51 -29.30 35.56
N LYS A 438 -28.42 -30.07 35.38
CA LYS A 438 -27.05 -29.68 35.73
C LYS A 438 -26.49 -28.63 34.74
N TRP A 439 -27.29 -28.24 33.73
CA TRP A 439 -26.96 -27.23 32.72
C TRP A 439 -26.69 -25.88 33.35
N GLY A 440 -27.40 -25.59 34.43
CA GLY A 440 -27.22 -24.37 35.22
C GLY A 440 -25.91 -24.42 35.96
N ARG A 441 -25.84 -25.27 37.00
CA ARG A 441 -24.64 -25.50 37.81
C ARG A 441 -24.15 -26.95 37.66
N GLU A 442 -22.92 -27.13 37.18
CA GLU A 442 -22.31 -28.45 36.97
C GLU A 442 -21.85 -29.07 38.28
N ASP A 443 -21.53 -28.24 39.28
CA ASP A 443 -21.09 -28.64 40.62
C ASP A 443 -22.28 -28.91 41.57
N ALA A 444 -23.52 -28.95 41.02
CA ALA A 444 -24.75 -29.16 41.78
C ALA A 444 -24.85 -30.56 42.40
N THR A 445 -25.31 -30.60 43.66
CA THR A 445 -25.51 -31.83 44.45
C THR A 445 -26.81 -32.50 44.03
N ASP A 446 -26.94 -33.82 44.31
CA ASP A 446 -28.13 -34.61 44.03
C ASP A 446 -29.33 -34.08 44.83
N ASP A 447 -29.06 -33.55 46.04
CA ASP A 447 -30.07 -32.94 46.90
C ASP A 447 -30.50 -31.60 46.30
N GLU A 448 -29.54 -30.85 45.72
CA GLU A 448 -29.76 -29.53 45.09
C GLU A 448 -30.67 -29.60 43.87
N ILE A 449 -30.46 -30.61 43.01
CA ILE A 449 -31.26 -30.81 41.78
C ILE A 449 -32.68 -31.29 42.13
N VAL A 450 -32.79 -32.15 43.18
CA VAL A 450 -34.06 -32.67 43.68
C VAL A 450 -34.90 -31.54 44.29
N GLU A 451 -34.24 -30.62 45.03
CA GLU A 451 -34.86 -29.45 45.65
C GLU A 451 -35.45 -28.51 44.59
N ALA A 452 -34.68 -28.25 43.50
CA ALA A 452 -35.10 -27.40 42.38
C ALA A 452 -36.28 -28.00 41.61
N ALA A 453 -36.28 -29.34 41.45
CA ALA A 453 -37.36 -30.08 40.79
C ALA A 453 -38.62 -30.15 41.67
N LYS A 454 -38.43 -30.15 43.01
CA LYS A 454 -39.51 -30.17 43.99
C LYS A 454 -40.24 -28.82 43.99
N ILE A 455 -39.51 -27.70 43.77
CA ILE A 455 -40.05 -26.34 43.68
C ILE A 455 -40.80 -26.18 42.35
N ALA A 456 -40.28 -26.84 41.30
CA ALA A 456 -40.87 -26.83 39.96
C ALA A 456 -42.02 -27.85 39.79
N GLN A 457 -42.30 -28.67 40.85
CA GLN A 457 -43.34 -29.71 40.92
C GLN A 457 -43.14 -30.86 39.89
N ILE A 458 -41.98 -30.86 39.21
CA ILE A 458 -41.61 -31.87 38.21
C ILE A 458 -41.00 -33.12 38.87
N HIS A 459 -40.49 -32.98 40.11
CA HIS A 459 -39.88 -34.06 40.90
C HIS A 459 -40.76 -35.31 40.97
N ASP A 460 -42.08 -35.12 41.23
CA ASP A 460 -43.10 -36.17 41.31
C ASP A 460 -43.15 -37.03 40.05
N PHE A 461 -43.00 -36.39 38.87
CA PHE A 461 -43.02 -37.07 37.59
C PHE A 461 -41.72 -37.82 37.32
N ILE A 462 -40.56 -37.18 37.58
CA ILE A 462 -39.23 -37.75 37.36
C ILE A 462 -39.04 -39.07 38.13
N ILE A 463 -39.45 -39.10 39.41
CA ILE A 463 -39.36 -40.29 40.27
C ILE A 463 -40.31 -41.41 39.79
N SER A 464 -41.47 -41.04 39.18
CA SER A 464 -42.47 -41.98 38.68
C SER A 464 -41.97 -42.78 37.47
N LEU A 465 -40.98 -42.23 36.72
CA LEU A 465 -40.36 -42.85 35.55
C LEU A 465 -39.50 -44.07 35.96
N PRO A 466 -39.29 -45.07 35.07
CA PRO A 466 -38.51 -46.26 35.48
C PRO A 466 -37.03 -46.02 35.72
N GLU A 467 -36.42 -45.09 34.95
CA GLU A 467 -35.00 -44.77 35.08
C GLU A 467 -34.71 -43.62 36.04
N GLY A 468 -35.75 -42.94 36.53
CA GLY A 468 -35.65 -41.83 37.45
C GLY A 468 -35.07 -40.57 36.82
N TYR A 469 -34.06 -39.97 37.48
CA TYR A 469 -33.38 -38.77 36.98
C TYR A 469 -32.48 -39.06 35.80
N ASP A 470 -32.11 -40.34 35.60
CA ASP A 470 -31.26 -40.80 34.51
C ASP A 470 -32.08 -41.20 33.27
N SER A 471 -33.39 -40.85 33.25
CA SER A 471 -34.30 -41.15 32.14
C SER A 471 -33.92 -40.34 30.91
N ARG A 472 -34.02 -40.96 29.72
CA ARG A 472 -33.67 -40.38 28.43
C ARG A 472 -34.56 -39.19 28.06
N VAL A 473 -33.91 -38.10 27.59
CA VAL A 473 -34.52 -36.86 27.10
C VAL A 473 -34.19 -36.79 25.61
N GLU A 474 -35.21 -36.62 24.76
CA GLU A 474 -35.01 -36.53 23.32
C GLU A 474 -34.64 -35.10 22.89
N ARG A 475 -34.33 -34.91 21.59
CA ARG A 475 -33.97 -33.62 21.01
C ARG A 475 -35.12 -32.62 21.18
N GLY A 476 -34.87 -31.56 21.95
CA GLY A 476 -35.86 -30.53 22.25
C GLY A 476 -36.83 -30.87 23.34
N GLY A 477 -36.71 -32.08 23.89
CA GLY A 477 -37.61 -32.59 24.93
C GLY A 477 -38.96 -32.95 24.35
N ARG A 478 -38.96 -33.63 23.19
CA ARG A 478 -40.17 -34.04 22.47
C ARG A 478 -40.90 -35.22 23.11
N ASN A 479 -40.24 -35.93 24.06
CA ASN A 479 -40.80 -37.08 24.77
C ASN A 479 -41.47 -36.68 26.12
N PHE A 480 -41.79 -35.38 26.27
CA PHE A 480 -42.46 -34.79 27.44
C PHE A 480 -43.63 -33.89 26.99
N SER A 481 -44.62 -33.68 27.88
CA SER A 481 -45.77 -32.82 27.60
C SER A 481 -45.38 -31.33 27.62
N GLY A 482 -46.26 -30.46 27.13
CA GLY A 482 -46.09 -29.01 27.04
C GLY A 482 -45.56 -28.37 28.31
N GLY A 483 -46.32 -28.52 29.40
CA GLY A 483 -45.97 -28.00 30.71
C GLY A 483 -44.93 -28.80 31.46
N GLN A 484 -44.65 -30.04 31.03
CA GLN A 484 -43.67 -30.94 31.63
C GLN A 484 -42.25 -30.42 31.38
N LYS A 485 -41.93 -30.12 30.10
CA LYS A 485 -40.63 -29.57 29.73
C LYS A 485 -40.47 -28.14 30.25
N GLN A 486 -41.60 -27.42 30.40
CA GLN A 486 -41.66 -26.07 30.94
C GLN A 486 -41.24 -26.10 32.41
N ARG A 487 -41.76 -27.09 33.19
CA ARG A 487 -41.43 -27.30 34.60
C ARG A 487 -39.98 -27.75 34.75
N LEU A 488 -39.42 -28.43 33.72
CA LEU A 488 -38.02 -28.87 33.71
C LEU A 488 -37.09 -27.67 33.50
N SER A 489 -37.55 -26.67 32.72
CA SER A 489 -36.80 -25.44 32.42
C SER A 489 -36.72 -24.54 33.64
N ILE A 490 -37.78 -24.54 34.49
CA ILE A 490 -37.85 -23.79 35.75
C ILE A 490 -36.83 -24.40 36.72
N ALA A 491 -36.83 -25.75 36.84
CA ALA A 491 -35.92 -26.53 37.68
C ALA A 491 -34.47 -26.37 37.24
N ARG A 492 -34.23 -26.20 35.92
CA ARG A 492 -32.91 -25.99 35.33
C ARG A 492 -32.33 -24.63 35.75
N ALA A 493 -33.15 -23.55 35.68
CA ALA A 493 -32.75 -22.19 36.05
C ALA A 493 -32.52 -22.05 37.56
N LEU A 494 -33.35 -22.73 38.37
CA LEU A 494 -33.27 -22.72 39.84
C LEU A 494 -31.95 -23.30 40.36
N VAL A 495 -31.46 -24.38 39.73
CA VAL A 495 -30.22 -25.10 40.06
C VAL A 495 -29.01 -24.15 40.08
N LYS A 496 -28.92 -23.25 39.08
CA LYS A 496 -27.85 -22.26 38.90
C LYS A 496 -27.68 -21.29 40.08
N LYS A 497 -28.70 -21.20 40.98
CA LYS A 497 -28.76 -20.32 42.16
C LYS A 497 -28.47 -18.87 41.73
N PRO A 498 -29.42 -18.22 41.02
CA PRO A 498 -29.15 -16.87 40.50
C PRO A 498 -29.36 -15.73 41.48
N LYS A 499 -28.84 -14.54 41.10
CA LYS A 499 -29.03 -13.28 41.81
C LYS A 499 -30.05 -12.45 41.03
N VAL A 500 -30.20 -12.78 39.72
CA VAL A 500 -31.16 -12.20 38.78
C VAL A 500 -31.85 -13.38 38.06
N LEU A 501 -33.19 -13.49 38.18
CA LEU A 501 -33.96 -14.55 37.53
C LEU A 501 -34.96 -13.96 36.55
N ILE A 502 -35.01 -14.51 35.32
CA ILE A 502 -35.91 -14.07 34.25
C ILE A 502 -36.89 -15.20 33.90
N LEU A 503 -38.21 -14.94 34.01
CA LEU A 503 -39.25 -15.93 33.73
C LEU A 503 -40.22 -15.48 32.62
N ASP A 504 -39.97 -15.89 31.36
CA ASP A 504 -40.81 -15.55 30.21
C ASP A 504 -42.01 -16.51 30.10
N ASP A 505 -43.21 -16.02 30.50
CA ASP A 505 -44.49 -16.76 30.58
C ASP A 505 -44.26 -18.16 31.17
N CYS A 506 -43.64 -18.15 32.37
CA CYS A 506 -43.22 -19.26 33.21
C CYS A 506 -44.15 -20.46 33.22
N THR A 507 -45.47 -20.25 33.29
CA THR A 507 -46.48 -21.30 33.34
C THR A 507 -47.59 -21.11 32.29
N SER A 508 -47.19 -21.02 31.01
CA SER A 508 -48.10 -20.87 29.88
C SER A 508 -48.84 -22.18 29.59
N SER A 509 -48.11 -23.31 29.62
CA SER A 509 -48.64 -24.66 29.37
C SER A 509 -48.85 -25.47 30.66
N VAL A 510 -49.02 -24.78 31.81
CA VAL A 510 -49.23 -25.40 33.11
C VAL A 510 -50.67 -25.08 33.64
N ASP A 511 -51.36 -26.10 34.20
CA ASP A 511 -52.71 -26.01 34.77
C ASP A 511 -52.79 -25.05 35.97
N PRO A 512 -53.97 -24.45 36.31
CA PRO A 512 -54.04 -23.50 37.43
C PRO A 512 -53.63 -24.02 38.81
N ILE A 513 -53.88 -25.32 39.11
CA ILE A 513 -53.53 -25.93 40.40
C ILE A 513 -52.01 -26.03 40.55
N THR A 514 -51.32 -26.59 39.53
CA THR A 514 -49.87 -26.75 39.51
C THR A 514 -49.19 -25.36 39.45
N GLU A 515 -49.83 -24.39 38.73
CA GLU A 515 -49.38 -23.00 38.57
C GLU A 515 -49.21 -22.32 39.93
N LYS A 516 -50.19 -22.51 40.84
CA LYS A 516 -50.22 -21.96 42.20
C LYS A 516 -49.05 -22.54 43.02
N ARG A 517 -48.85 -23.87 42.96
CA ARG A 517 -47.81 -24.60 43.68
C ARG A 517 -46.40 -24.12 43.30
N ILE A 518 -46.20 -23.78 42.01
CA ILE A 518 -44.92 -23.28 41.49
C ILE A 518 -44.73 -21.82 41.94
N LEU A 519 -45.70 -20.94 41.66
CA LEU A 519 -45.66 -19.51 42.00
C LEU A 519 -45.45 -19.22 43.47
N ASP A 520 -46.22 -19.89 44.35
CA ASP A 520 -46.11 -19.71 45.81
C ASP A 520 -44.84 -20.40 46.33
N GLY A 521 -44.37 -21.41 45.59
CA GLY A 521 -43.14 -22.13 45.89
C GLY A 521 -41.93 -21.27 45.62
N LEU A 522 -41.95 -20.51 44.49
CA LEU A 522 -40.89 -19.60 44.08
C LEU A 522 -40.74 -18.43 45.06
N LYS A 523 -41.87 -17.83 45.51
CA LYS A 523 -41.89 -16.72 46.47
C LYS A 523 -41.30 -17.11 47.83
N ARG A 524 -41.31 -18.41 48.16
CA ARG A 524 -40.80 -19.00 49.41
C ARG A 524 -39.30 -19.32 49.37
N TYR A 525 -38.72 -19.59 48.18
CA TYR A 525 -37.30 -19.98 48.08
C TYR A 525 -36.43 -19.06 47.20
N THR A 526 -37.02 -18.15 46.40
CA THR A 526 -36.26 -17.19 45.59
C THR A 526 -36.21 -15.81 46.26
N LYS A 527 -36.14 -15.79 47.61
CA LYS A 527 -36.05 -14.56 48.42
C LYS A 527 -34.62 -14.00 48.29
N GLY A 528 -34.47 -12.71 48.01
CA GLY A 528 -33.14 -12.13 47.82
C GLY A 528 -32.70 -12.07 46.37
N CYS A 529 -33.21 -13.00 45.54
CA CYS A 529 -32.98 -13.01 44.10
C CYS A 529 -33.94 -12.03 43.43
N THR A 530 -33.40 -11.16 42.54
CA THR A 530 -34.17 -10.18 41.77
C THR A 530 -34.90 -10.96 40.67
N THR A 531 -36.21 -11.19 40.84
CA THR A 531 -36.99 -11.99 39.90
C THR A 531 -37.87 -11.12 39.00
N PHE A 532 -37.78 -11.35 37.68
CA PHE A 532 -38.57 -10.71 36.64
C PHE A 532 -39.53 -11.77 36.12
N ILE A 533 -40.84 -11.54 36.26
CA ILE A 533 -41.82 -12.52 35.83
C ILE A 533 -42.78 -11.96 34.76
N ILE A 534 -42.65 -12.46 33.52
CA ILE A 534 -43.53 -12.09 32.42
C ILE A 534 -44.81 -12.90 32.62
N THR A 535 -45.97 -12.22 32.70
CA THR A 535 -47.26 -12.89 32.89
C THR A 535 -48.38 -12.22 32.11
N GLN A 536 -49.41 -13.03 31.76
CA GLN A 536 -50.61 -12.60 31.05
C GLN A 536 -51.79 -12.60 32.04
N LYS A 537 -51.53 -12.97 33.31
CA LYS A 537 -52.52 -13.08 34.39
C LYS A 537 -52.31 -12.06 35.51
N ILE A 538 -53.37 -11.30 35.84
CA ILE A 538 -53.39 -10.30 36.91
C ILE A 538 -53.21 -10.96 38.31
N PRO A 539 -53.91 -12.08 38.66
CA PRO A 539 -53.69 -12.68 40.00
C PRO A 539 -52.25 -13.05 40.32
N THR A 540 -51.51 -13.58 39.32
CA THR A 540 -50.10 -13.96 39.45
C THR A 540 -49.20 -12.71 39.50
N ALA A 541 -49.65 -11.60 38.88
CA ALA A 541 -48.95 -10.33 38.82
C ALA A 541 -49.05 -9.55 40.14
N LEU A 542 -50.13 -9.79 40.92
CA LEU A 542 -50.35 -9.13 42.21
C LEU A 542 -49.34 -9.57 43.29
N LEU A 543 -48.71 -10.74 43.08
CA LEU A 543 -47.68 -11.34 43.94
C LEU A 543 -46.42 -10.45 44.01
N ALA A 544 -46.12 -9.74 42.91
CA ALA A 544 -44.95 -8.87 42.74
C ALA A 544 -44.98 -7.59 43.57
N ASP A 545 -43.77 -7.12 43.94
CA ASP A 545 -43.54 -5.88 44.71
C ASP A 545 -43.85 -4.65 43.85
N LYS A 546 -43.56 -4.74 42.54
CA LYS A 546 -43.79 -3.67 41.55
C LYS A 546 -44.18 -4.30 40.21
N ILE A 547 -45.01 -3.59 39.42
CA ILE A 547 -45.49 -4.09 38.12
C ILE A 547 -45.02 -3.17 36.98
N LEU A 548 -44.28 -3.76 36.03
CA LEU A 548 -43.77 -3.09 34.83
C LEU A 548 -44.70 -3.43 33.67
N VAL A 549 -45.28 -2.40 33.01
CA VAL A 549 -46.21 -2.57 31.90
C VAL A 549 -45.67 -1.91 30.63
N LEU A 550 -45.55 -2.69 29.54
CA LEU A 550 -45.09 -2.23 28.24
C LEU A 550 -46.25 -2.17 27.26
N HIS A 551 -46.23 -1.19 26.35
CA HIS A 551 -47.26 -1.02 25.32
C HIS A 551 -46.68 -0.32 24.09
N GLU A 552 -46.74 -1.01 22.93
CA GLU A 552 -46.28 -0.55 21.62
C GLU A 552 -44.78 -0.15 21.57
N GLY A 553 -43.95 -0.83 22.37
CA GLY A 553 -42.51 -0.60 22.40
C GLY A 553 -42.00 0.20 23.59
N LYS A 554 -42.65 1.35 23.87
CA LYS A 554 -42.29 2.26 24.96
C LYS A 554 -42.86 1.75 26.30
N VAL A 555 -42.22 2.15 27.43
CA VAL A 555 -42.68 1.77 28.78
C VAL A 555 -43.97 2.57 29.11
N ALA A 556 -45.09 1.85 29.28
CA ALA A 556 -46.40 2.42 29.56
C ALA A 556 -46.64 2.80 31.02
N GLY A 557 -46.07 2.01 31.93
CA GLY A 557 -46.20 2.23 33.37
C GLY A 557 -45.24 1.41 34.22
N PHE A 558 -45.07 1.83 35.48
CA PHE A 558 -44.22 1.19 36.49
C PHE A 558 -44.63 1.65 37.88
N GLY A 559 -45.06 0.69 38.71
CA GLY A 559 -45.51 0.95 40.07
C GLY A 559 -46.48 -0.09 40.60
N THR A 560 -47.17 0.23 41.70
CA THR A 560 -48.14 -0.68 42.35
C THR A 560 -49.44 -0.82 41.52
N HIS A 561 -50.22 -1.88 41.83
CA HIS A 561 -51.52 -2.23 41.24
C HIS A 561 -52.47 -1.03 41.23
N LYS A 562 -52.59 -0.34 42.38
CA LYS A 562 -53.45 0.84 42.58
C LYS A 562 -53.05 2.00 41.67
N GLU A 563 -51.73 2.30 41.60
CA GLU A 563 -51.15 3.36 40.77
C GLU A 563 -51.47 3.13 39.29
N LEU A 564 -51.36 1.88 38.83
CA LEU A 564 -51.60 1.50 37.45
C LEU A 564 -53.08 1.50 37.06
N LEU A 565 -53.98 1.12 37.99
CA LEU A 565 -55.44 1.13 37.73
C LEU A 565 -55.97 2.56 37.53
N GLU A 566 -55.29 3.55 38.11
CA GLU A 566 -55.70 4.95 38.07
C GLU A 566 -54.95 5.81 37.05
N HIS A 567 -53.79 5.34 36.57
CA HIS A 567 -52.97 6.12 35.63
C HIS A 567 -52.62 5.40 34.33
N CYS A 568 -52.29 4.09 34.40
CA CYS A 568 -51.90 3.28 33.24
C CYS A 568 -53.10 2.71 32.48
N LYS A 569 -53.41 3.31 31.31
CA LYS A 569 -54.51 2.91 30.43
C LYS A 569 -54.37 1.44 29.94
N PRO A 570 -53.21 0.96 29.40
CA PRO A 570 -53.14 -0.45 28.97
C PRO A 570 -53.23 -1.48 30.09
N TYR A 571 -52.79 -1.13 31.33
CA TYR A 571 -52.89 -2.04 32.48
C TYR A 571 -54.36 -2.28 32.79
N ARG A 572 -55.16 -1.20 32.78
CA ARG A 572 -56.59 -1.29 33.03
C ARG A 572 -57.24 -2.15 31.96
N GLU A 573 -56.87 -1.95 30.67
CA GLU A 573 -57.37 -2.74 29.54
C GLU A 573 -57.09 -4.24 29.75
N ILE A 574 -55.90 -4.58 30.29
CA ILE A 574 -55.48 -5.95 30.61
C ILE A 574 -56.28 -6.46 31.83
N TYR A 575 -56.53 -5.57 32.82
CA TYR A 575 -57.30 -5.90 34.02
C TYR A 575 -58.77 -6.20 33.69
N GLU A 576 -59.40 -5.37 32.82
CA GLU A 576 -60.80 -5.52 32.40
C GLU A 576 -61.02 -6.82 31.62
N SER A 577 -60.01 -7.24 30.81
CA SER A 577 -60.08 -8.46 30.00
C SER A 577 -60.16 -9.73 30.85
N GLN A 578 -59.79 -9.63 32.14
CA GLN A 578 -59.81 -10.73 33.10
C GLN A 578 -60.90 -10.54 34.16
N PHE A 579 -61.11 -9.29 34.63
CA PHE A 579 -62.11 -8.96 35.64
C PHE A 579 -63.01 -7.82 35.18
N THR B 22 -21.36 -58.67 0.10
CA THR B 22 -21.80 -59.06 -1.25
C THR B 22 -23.30 -58.81 -1.45
N ALA B 23 -24.11 -59.02 -0.37
CA ALA B 23 -25.56 -58.80 -0.36
C ALA B 23 -25.89 -57.34 -0.66
N THR B 24 -25.14 -56.40 -0.05
CA THR B 24 -25.27 -54.96 -0.25
C THR B 24 -24.76 -54.56 -1.63
N LEU B 25 -23.69 -55.25 -2.12
CA LEU B 25 -23.09 -55.02 -3.43
C LEU B 25 -24.09 -55.33 -4.54
N ARG B 26 -24.83 -56.45 -4.42
CA ARG B 26 -25.87 -56.90 -5.37
C ARG B 26 -26.98 -55.86 -5.48
N ARG B 27 -27.39 -55.27 -4.32
CA ARG B 27 -28.43 -54.25 -4.22
C ARG B 27 -27.96 -52.92 -4.82
N LEU B 28 -26.71 -52.50 -4.50
CA LEU B 28 -26.10 -51.27 -5.01
C LEU B 28 -25.87 -51.35 -6.51
N LEU B 29 -25.50 -52.54 -7.02
CA LEU B 29 -25.29 -52.80 -8.45
C LEU B 29 -26.61 -52.82 -9.22
N GLY B 30 -27.72 -52.99 -8.49
CA GLY B 30 -29.06 -53.00 -9.04
C GLY B 30 -29.51 -51.64 -9.56
N TYR B 31 -28.89 -50.56 -9.05
CA TYR B 31 -29.18 -49.19 -9.46
C TYR B 31 -28.59 -48.88 -10.84
N LEU B 32 -27.74 -49.78 -11.36
CA LEU B 32 -27.09 -49.67 -12.66
C LEU B 32 -27.91 -50.34 -13.77
N ARG B 33 -28.93 -51.16 -13.38
CA ARG B 33 -29.82 -51.89 -14.29
C ARG B 33 -30.58 -50.96 -15.29
N PRO B 34 -31.09 -49.75 -14.93
CA PRO B 34 -31.76 -48.92 -15.95
C PRO B 34 -30.76 -48.24 -16.91
N HIS B 35 -29.45 -48.45 -16.68
CA HIS B 35 -28.35 -47.88 -17.46
C HIS B 35 -27.52 -48.96 -18.19
N THR B 36 -28.04 -50.22 -18.26
CA THR B 36 -27.40 -51.39 -18.87
C THR B 36 -26.84 -51.12 -20.28
N PHE B 37 -27.69 -50.64 -21.22
CA PHE B 37 -27.28 -50.34 -22.59
C PHE B 37 -26.16 -49.30 -22.67
N THR B 38 -26.30 -48.19 -21.93
CA THR B 38 -25.31 -47.11 -21.90
C THR B 38 -23.97 -47.61 -21.32
N LEU B 39 -24.04 -48.50 -20.30
CA LEU B 39 -22.86 -49.10 -19.66
C LEU B 39 -22.15 -50.08 -20.60
N ILE B 40 -22.89 -50.69 -21.55
CA ILE B 40 -22.34 -51.59 -22.57
C ILE B 40 -21.50 -50.75 -23.54
N MET B 41 -22.01 -49.56 -23.95
CA MET B 41 -21.32 -48.60 -24.83
C MET B 41 -20.02 -48.18 -24.17
N VAL B 42 -20.06 -47.83 -22.85
CA VAL B 42 -18.90 -47.44 -22.02
C VAL B 42 -17.85 -48.55 -22.11
N PHE B 43 -18.28 -49.83 -22.00
CA PHE B 43 -17.41 -50.98 -22.10
C PHE B 43 -16.84 -51.13 -23.52
N VAL B 44 -17.65 -50.86 -24.55
CA VAL B 44 -17.22 -50.93 -25.96
C VAL B 44 -16.15 -49.85 -26.25
N PHE B 45 -16.37 -48.61 -25.76
CA PHE B 45 -15.44 -47.49 -25.94
C PHE B 45 -14.13 -47.66 -25.18
N VAL B 46 -14.19 -48.21 -23.95
CA VAL B 46 -13.01 -48.41 -23.10
C VAL B 46 -12.12 -49.57 -23.63
N THR B 47 -12.72 -50.59 -24.28
CA THR B 47 -11.98 -51.71 -24.87
C THR B 47 -11.19 -51.24 -26.09
N VAL B 48 -11.78 -50.32 -26.88
CA VAL B 48 -11.15 -49.70 -28.06
C VAL B 48 -10.01 -48.81 -27.57
N SER B 49 -10.22 -48.07 -26.47
CA SER B 49 -9.20 -47.22 -25.83
C SER B 49 -8.04 -48.06 -25.29
N SER B 50 -8.33 -49.30 -24.85
CA SER B 50 -7.36 -50.25 -24.32
C SER B 50 -6.50 -50.88 -25.42
N ILE B 51 -7.10 -51.21 -26.58
CA ILE B 51 -6.36 -51.77 -27.72
C ILE B 51 -5.52 -50.68 -28.41
N LEU B 52 -5.96 -49.40 -28.31
CA LEU B 52 -5.24 -48.25 -28.85
C LEU B 52 -4.09 -47.88 -27.90
N GLY B 53 -4.28 -48.14 -26.61
CA GLY B 53 -3.31 -47.89 -25.55
C GLY B 53 -2.09 -48.79 -25.61
N VAL B 54 -2.22 -49.96 -26.28
CA VAL B 54 -1.14 -50.93 -26.47
C VAL B 54 -0.57 -50.83 -27.90
N LEU B 55 -1.36 -50.26 -28.83
CA LEU B 55 -1.01 -50.02 -30.23
C LEU B 55 -0.06 -48.83 -30.36
N SER B 56 -0.24 -47.81 -29.49
CA SER B 56 0.56 -46.58 -29.42
C SER B 56 2.05 -46.87 -29.13
N PRO B 57 2.47 -47.59 -28.04
CA PRO B 57 3.91 -47.87 -27.85
C PRO B 57 4.47 -48.86 -28.88
N TYR B 58 3.60 -49.69 -29.48
CA TYR B 58 3.97 -50.66 -30.53
C TYR B 58 4.38 -49.89 -31.78
N LEU B 59 3.61 -48.84 -32.13
CA LEU B 59 3.88 -48.00 -33.31
C LEU B 59 5.14 -47.15 -33.12
N ILE B 60 5.40 -46.67 -31.88
CA ILE B 60 6.61 -45.90 -31.55
C ILE B 60 7.82 -46.85 -31.74
N GLY B 61 7.66 -48.10 -31.29
CA GLY B 61 8.66 -49.16 -31.43
C GLY B 61 8.88 -49.55 -32.88
N LYS B 62 7.80 -49.51 -33.69
CA LYS B 62 7.83 -49.82 -35.12
C LYS B 62 8.51 -48.70 -35.92
N THR B 63 8.17 -47.41 -35.62
CA THR B 63 8.76 -46.23 -36.29
C THR B 63 10.28 -46.20 -36.19
N ILE B 64 10.84 -46.56 -35.00
CA ILE B 64 12.28 -46.60 -34.78
C ILE B 64 12.91 -47.68 -35.68
N ALA B 65 12.34 -48.89 -35.68
CA ALA B 65 12.83 -50.02 -36.48
C ALA B 65 12.61 -49.91 -38.00
N VAL B 66 11.63 -49.10 -38.45
CA VAL B 66 11.28 -48.97 -39.86
C VAL B 66 11.83 -47.65 -40.50
N VAL B 67 11.84 -46.50 -39.79
CA VAL B 67 12.33 -45.27 -40.42
C VAL B 67 13.68 -44.81 -39.86
N PHE B 68 13.93 -44.99 -38.54
CA PHE B 68 15.16 -44.54 -37.89
C PHE B 68 16.35 -45.49 -38.06
N VAL B 69 16.14 -46.81 -37.84
CA VAL B 69 17.17 -47.85 -37.98
C VAL B 69 17.65 -47.94 -39.44
N PRO B 70 16.78 -48.13 -40.48
CA PRO B 70 17.29 -48.18 -41.86
C PRO B 70 17.61 -46.80 -42.44
N ARG B 71 17.38 -45.72 -41.65
CA ARG B 71 17.63 -44.31 -41.99
C ARG B 71 16.87 -43.85 -43.25
N ARG B 72 15.61 -44.29 -43.39
CA ARG B 72 14.79 -43.85 -44.51
C ARG B 72 13.59 -43.07 -43.97
N PHE B 73 13.86 -41.76 -43.76
CA PHE B 73 12.95 -40.77 -43.19
C PHE B 73 11.86 -40.29 -44.16
N ASP B 74 11.84 -40.84 -45.40
CA ASP B 74 10.83 -40.52 -46.41
C ASP B 74 9.45 -41.07 -46.01
N LEU B 75 9.44 -42.17 -45.23
CA LEU B 75 8.24 -42.84 -44.72
C LEU B 75 7.71 -42.21 -43.42
N LEU B 76 8.56 -41.44 -42.69
CA LEU B 76 8.27 -40.81 -41.39
C LEU B 76 6.95 -39.99 -41.38
N PRO B 77 6.64 -39.10 -42.38
CA PRO B 77 5.36 -38.36 -42.32
C PRO B 77 4.10 -39.24 -42.29
N ARG B 78 4.14 -40.42 -42.96
CA ARG B 78 3.03 -41.38 -43.00
C ARG B 78 2.80 -42.00 -41.62
N TYR B 79 3.87 -42.57 -41.00
CA TYR B 79 3.83 -43.21 -39.69
C TYR B 79 3.44 -42.23 -38.58
N MET B 80 3.86 -40.96 -38.71
CA MET B 80 3.54 -39.88 -37.78
C MET B 80 2.06 -39.53 -37.87
N LEU B 81 1.51 -39.52 -39.10
CA LEU B 81 0.10 -39.24 -39.38
C LEU B 81 -0.79 -40.34 -38.80
N ILE B 82 -0.35 -41.62 -38.93
CA ILE B 82 -1.06 -42.79 -38.40
C ILE B 82 -1.08 -42.70 -36.86
N LEU B 83 0.09 -42.44 -36.25
CA LEU B 83 0.26 -42.30 -34.80
C LEU B 83 -0.53 -41.10 -34.24
N GLY B 84 -0.61 -40.02 -35.03
CA GLY B 84 -1.35 -38.81 -34.69
C GLY B 84 -2.85 -39.02 -34.66
N THR B 85 -3.37 -39.85 -35.59
CA THR B 85 -4.78 -40.22 -35.71
C THR B 85 -5.17 -41.12 -34.54
N ILE B 86 -4.24 -42.00 -34.10
CA ILE B 86 -4.40 -42.91 -32.96
C ILE B 86 -4.62 -42.08 -31.69
N TYR B 87 -3.74 -41.08 -31.44
CA TYR B 87 -3.80 -40.18 -30.29
C TYR B 87 -5.04 -39.28 -30.31
N ALA B 88 -5.49 -38.87 -31.51
CA ALA B 88 -6.69 -38.06 -31.70
C ALA B 88 -7.92 -38.87 -31.35
N LEU B 89 -7.94 -40.17 -31.72
CA LEU B 89 -9.04 -41.10 -31.44
C LEU B 89 -9.05 -41.48 -29.96
N THR B 90 -7.87 -41.78 -29.37
CA THR B 90 -7.70 -42.17 -27.97
C THR B 90 -8.20 -41.07 -27.01
N SER B 91 -7.82 -39.80 -27.27
CA SER B 91 -8.24 -38.64 -26.47
C SER B 91 -9.74 -38.37 -26.61
N LEU B 92 -10.28 -38.49 -27.84
CA LEU B 92 -11.70 -38.27 -28.12
C LEU B 92 -12.57 -39.34 -27.43
N LEU B 93 -12.06 -40.58 -27.34
CA LEU B 93 -12.74 -41.69 -26.67
C LEU B 93 -12.76 -41.50 -25.16
N PHE B 94 -11.65 -40.98 -24.58
CA PHE B 94 -11.54 -40.70 -23.14
C PHE B 94 -12.55 -39.63 -22.72
N TRP B 95 -12.71 -38.60 -23.58
CA TRP B 95 -13.67 -37.51 -23.37
C TRP B 95 -15.08 -38.07 -23.41
N LEU B 96 -15.38 -38.90 -24.43
CA LEU B 96 -16.67 -39.55 -24.64
C LEU B 96 -17.03 -40.47 -23.49
N GLN B 97 -16.04 -41.21 -22.96
CA GLN B 97 -16.19 -42.14 -21.82
C GLN B 97 -16.63 -41.37 -20.58
N GLY B 98 -15.94 -40.28 -20.27
CA GLY B 98 -16.20 -39.42 -19.13
C GLY B 98 -17.51 -38.66 -19.22
N LYS B 99 -17.80 -38.03 -20.38
CA LYS B 99 -19.01 -37.24 -20.63
C LYS B 99 -20.30 -38.03 -20.38
N ILE B 100 -20.38 -39.29 -20.86
CA ILE B 100 -21.56 -40.13 -20.67
C ILE B 100 -21.59 -40.74 -19.27
N MET B 101 -20.42 -41.06 -18.69
CA MET B 101 -20.32 -41.62 -17.34
C MET B 101 -20.68 -40.63 -16.25
N LEU B 102 -20.27 -39.35 -16.42
CA LEU B 102 -20.56 -38.27 -15.45
C LEU B 102 -22.06 -38.09 -15.24
N THR B 103 -22.83 -38.05 -16.35
CA THR B 103 -24.29 -37.91 -16.32
C THR B 103 -24.93 -39.20 -15.78
N LEU B 104 -24.41 -40.38 -16.19
CA LEU B 104 -24.88 -41.71 -15.76
C LEU B 104 -24.73 -41.90 -14.25
N SER B 105 -23.58 -41.48 -13.67
CA SER B 105 -23.27 -41.60 -12.26
C SER B 105 -24.15 -40.72 -11.40
N GLN B 106 -24.36 -39.45 -11.84
CA GLN B 106 -25.15 -38.46 -11.13
C GLN B 106 -26.64 -38.78 -11.14
N ASP B 107 -27.13 -39.57 -12.13
CA ASP B 107 -28.51 -40.01 -12.22
C ASP B 107 -28.79 -41.08 -11.16
N VAL B 108 -27.76 -41.91 -10.84
CA VAL B 108 -27.81 -42.96 -9.81
C VAL B 108 -27.81 -42.29 -8.43
N VAL B 109 -26.87 -41.34 -8.21
CA VAL B 109 -26.72 -40.56 -6.97
C VAL B 109 -28.00 -39.73 -6.69
N PHE B 110 -28.63 -39.19 -7.77
CA PHE B 110 -29.90 -38.44 -7.70
C PHE B 110 -31.02 -39.37 -7.24
N ARG B 111 -31.10 -40.59 -7.83
CA ARG B 111 -32.11 -41.61 -7.50
C ARG B 111 -32.03 -42.02 -6.03
N LEU B 112 -30.79 -42.23 -5.51
CA LEU B 112 -30.52 -42.61 -4.13
C LEU B 112 -30.93 -41.51 -3.14
N ARG B 113 -30.70 -40.23 -3.49
CA ARG B 113 -31.08 -39.08 -2.67
C ARG B 113 -32.60 -38.90 -2.68
N LYS B 114 -33.25 -39.14 -3.84
CA LYS B 114 -34.69 -39.07 -4.05
C LYS B 114 -35.37 -40.17 -3.23
N GLU B 115 -34.84 -41.42 -3.32
CA GLU B 115 -35.33 -42.61 -2.61
C GLU B 115 -35.33 -42.46 -1.09
N LEU B 116 -34.32 -41.76 -0.54
CA LEU B 116 -34.19 -41.52 0.91
C LEU B 116 -35.24 -40.54 1.43
N PHE B 117 -35.35 -39.34 0.80
CA PHE B 117 -36.30 -38.29 1.18
C PHE B 117 -37.75 -38.77 1.09
N GLU B 118 -38.12 -39.41 -0.03
CA GLU B 118 -39.46 -39.95 -0.27
C GLU B 118 -39.83 -40.98 0.82
N LYS B 119 -38.84 -41.80 1.26
CA LYS B 119 -38.98 -42.83 2.29
C LYS B 119 -39.32 -42.21 3.64
N LEU B 120 -38.60 -41.14 4.03
CA LEU B 120 -38.81 -40.41 5.30
C LEU B 120 -40.24 -39.86 5.39
N GLN B 121 -40.81 -39.43 4.25
CA GLN B 121 -42.17 -38.90 4.14
C GLN B 121 -43.25 -39.99 4.37
N ARG B 122 -42.83 -41.28 4.31
CA ARG B 122 -43.69 -42.45 4.53
C ARG B 122 -43.47 -43.07 5.91
N VAL B 123 -42.25 -42.93 6.46
CA VAL B 123 -41.80 -43.44 7.76
C VAL B 123 -42.56 -42.76 8.94
N PRO B 124 -42.96 -43.51 10.02
CA PRO B 124 -43.71 -42.88 11.13
C PRO B 124 -42.98 -41.76 11.90
N VAL B 125 -43.76 -40.89 12.56
CA VAL B 125 -43.30 -39.73 13.33
C VAL B 125 -42.39 -40.14 14.50
N GLY B 126 -42.68 -41.29 15.11
CA GLY B 126 -41.93 -41.87 16.23
C GLY B 126 -40.43 -41.96 16.00
N PHE B 127 -40.01 -42.19 14.74
CA PHE B 127 -38.63 -42.30 14.31
C PHE B 127 -37.86 -40.97 14.42
N PHE B 128 -38.47 -39.86 13.95
CA PHE B 128 -37.87 -38.52 13.97
C PHE B 128 -37.57 -37.97 15.35
N ASP B 129 -38.42 -38.33 16.34
CA ASP B 129 -38.27 -37.90 17.73
C ASP B 129 -37.11 -38.63 18.43
N ARG B 130 -36.95 -39.95 18.17
CA ARG B 130 -35.93 -40.80 18.80
C ARG B 130 -34.54 -40.71 18.12
N THR B 131 -34.49 -40.62 16.78
CA THR B 131 -33.21 -40.56 16.05
C THR B 131 -32.74 -39.11 15.80
N PRO B 132 -31.42 -38.81 15.96
CA PRO B 132 -30.97 -37.42 15.74
C PRO B 132 -31.11 -36.98 14.29
N HIS B 133 -31.54 -35.73 14.08
CA HIS B 133 -31.76 -35.18 12.74
C HIS B 133 -30.47 -35.01 11.94
N GLY B 134 -29.38 -34.69 12.63
CA GLY B 134 -28.06 -34.50 12.03
C GLY B 134 -27.52 -35.76 11.37
N ASP B 135 -27.82 -36.93 11.96
CA ASP B 135 -27.44 -38.24 11.44
C ASP B 135 -28.21 -38.54 10.14
N ILE B 136 -29.50 -38.14 10.07
CA ILE B 136 -30.36 -38.32 8.89
C ILE B 136 -29.86 -37.40 7.76
N ILE B 137 -29.48 -36.13 8.09
CA ILE B 137 -28.93 -35.13 7.16
C ILE B 137 -27.61 -35.67 6.56
N SER B 138 -26.76 -36.29 7.41
CA SER B 138 -25.47 -36.91 7.04
C SER B 138 -25.67 -38.05 6.05
N ARG B 139 -26.64 -38.95 6.32
CA ARG B 139 -26.97 -40.10 5.48
C ARG B 139 -27.45 -39.71 4.08
N VAL B 140 -28.06 -38.52 3.93
CA VAL B 140 -28.58 -37.99 2.67
C VAL B 140 -27.47 -37.35 1.83
N ILE B 141 -26.53 -36.62 2.46
CA ILE B 141 -25.47 -35.92 1.72
C ILE B 141 -24.13 -36.67 1.81
N ASN B 142 -23.53 -36.78 3.01
CA ASN B 142 -22.23 -37.40 3.25
C ASN B 142 -22.15 -38.89 2.86
N ASP B 143 -23.21 -39.68 3.13
CA ASP B 143 -23.23 -41.11 2.83
C ASP B 143 -23.52 -41.43 1.36
N VAL B 144 -24.43 -40.66 0.71
CA VAL B 144 -24.77 -40.83 -0.72
C VAL B 144 -23.61 -40.32 -1.60
N ASP B 145 -22.87 -39.31 -1.12
CA ASP B 145 -21.69 -38.77 -1.81
C ASP B 145 -20.56 -39.80 -1.83
N ASN B 146 -20.57 -40.73 -0.86
CA ASN B 146 -19.58 -41.80 -0.72
C ASN B 146 -19.81 -42.98 -1.66
N ILE B 147 -21.03 -43.12 -2.25
CA ILE B 147 -21.29 -44.21 -3.20
C ILE B 147 -20.87 -43.74 -4.63
N ASN B 148 -20.09 -42.65 -4.72
CA ASN B 148 -19.57 -42.13 -5.98
C ASN B 148 -18.27 -42.84 -6.37
N ASN B 149 -17.59 -43.49 -5.39
CA ASN B 149 -16.35 -44.23 -5.64
C ASN B 149 -16.62 -45.71 -6.03
N VAL B 150 -17.79 -45.93 -6.65
CA VAL B 150 -18.28 -47.19 -7.21
C VAL B 150 -18.88 -46.85 -8.60
N LEU B 151 -18.96 -45.53 -8.89
CA LEU B 151 -19.47 -44.92 -10.12
C LEU B 151 -18.39 -44.02 -10.77
N GLY B 152 -18.66 -43.53 -11.98
CA GLY B 152 -17.79 -42.63 -12.72
C GLY B 152 -16.55 -43.32 -13.27
N ASN B 153 -15.37 -42.82 -12.85
CA ASN B 153 -14.08 -43.37 -13.28
C ASN B 153 -13.78 -44.72 -12.63
N SER B 154 -14.50 -45.07 -11.54
CA SER B 154 -14.38 -46.36 -10.85
C SER B 154 -14.88 -47.48 -11.76
N ILE B 155 -15.93 -47.20 -12.56
CA ILE B 155 -16.50 -48.13 -13.53
C ILE B 155 -15.57 -48.23 -14.75
N ILE B 156 -15.02 -47.07 -15.20
CA ILE B 156 -14.08 -46.96 -16.32
C ILE B 156 -12.79 -47.75 -16.01
N GLN B 157 -12.22 -47.59 -14.79
CA GLN B 157 -11.01 -48.29 -14.37
C GLN B 157 -11.23 -49.80 -14.24
N PHE B 158 -12.42 -50.22 -13.77
CA PHE B 158 -12.81 -51.63 -13.64
C PHE B 158 -12.93 -52.25 -15.04
N PHE B 159 -13.64 -51.56 -15.96
CA PHE B 159 -13.86 -51.96 -17.36
C PHE B 159 -12.53 -52.09 -18.10
N SER B 160 -11.62 -51.12 -17.90
CA SER B 160 -10.28 -51.10 -18.51
C SER B 160 -9.39 -52.15 -17.87
N GLY B 161 -9.59 -52.39 -16.57
CA GLY B 161 -8.85 -53.36 -15.80
C GLY B 161 -9.12 -54.79 -16.20
N ILE B 162 -10.42 -55.15 -16.38
CA ILE B 162 -10.83 -56.51 -16.76
C ILE B 162 -10.42 -56.84 -18.20
N VAL B 163 -10.44 -55.85 -19.12
CA VAL B 163 -10.05 -56.09 -20.51
C VAL B 163 -8.53 -56.28 -20.61
N THR B 164 -7.73 -55.40 -19.96
CA THR B 164 -6.25 -55.51 -19.95
C THR B 164 -5.79 -56.83 -19.34
N LEU B 165 -6.44 -57.27 -18.23
CA LEU B 165 -6.14 -58.54 -17.54
C LEU B 165 -6.42 -59.75 -18.45
N ALA B 166 -7.58 -59.74 -19.12
CA ALA B 166 -7.98 -60.80 -20.06
C ALA B 166 -7.08 -60.80 -21.30
N GLY B 167 -6.69 -59.60 -21.74
CA GLY B 167 -5.83 -59.38 -22.88
C GLY B 167 -4.37 -59.72 -22.62
N ALA B 168 -3.96 -59.68 -21.34
CA ALA B 168 -2.58 -60.00 -20.94
C ALA B 168 -2.42 -61.48 -20.73
N VAL B 169 -3.37 -62.13 -20.02
CA VAL B 169 -3.36 -63.56 -19.70
C VAL B 169 -3.34 -64.42 -21.00
N ILE B 170 -3.98 -63.95 -22.09
CA ILE B 170 -3.98 -64.66 -23.37
C ILE B 170 -2.61 -64.55 -24.06
N MET B 171 -1.90 -63.42 -23.85
CA MET B 171 -0.57 -63.17 -24.41
C MET B 171 0.52 -63.95 -23.67
N MET B 172 0.29 -64.24 -22.38
CA MET B 172 1.22 -64.98 -21.52
C MET B 172 1.34 -66.44 -21.97
N PHE B 173 0.18 -67.10 -22.17
CA PHE B 173 0.10 -68.49 -22.62
C PHE B 173 0.58 -68.63 -24.08
N ARG B 174 0.54 -67.52 -24.84
CA ARG B 174 1.00 -67.41 -26.22
C ARG B 174 2.54 -67.46 -26.24
N VAL B 175 3.20 -66.95 -25.16
CA VAL B 175 4.65 -66.94 -25.00
C VAL B 175 5.09 -68.32 -24.43
N ASN B 176 4.73 -68.61 -23.16
CA ASN B 176 5.06 -69.88 -22.50
C ASN B 176 3.96 -70.28 -21.52
N VAL B 177 3.38 -71.49 -21.75
CA VAL B 177 2.29 -72.07 -20.96
C VAL B 177 2.76 -72.46 -19.55
N ILE B 178 3.94 -73.12 -19.45
CA ILE B 178 4.56 -73.59 -18.21
C ILE B 178 4.79 -72.45 -17.20
N LEU B 179 5.37 -71.32 -17.68
CA LEU B 179 5.64 -70.13 -16.86
C LEU B 179 4.36 -69.40 -16.49
N SER B 180 3.31 -69.49 -17.35
CA SER B 180 2.01 -68.86 -17.13
C SER B 180 1.27 -69.47 -15.94
N LEU B 181 1.51 -70.77 -15.68
CA LEU B 181 0.93 -71.50 -14.55
C LEU B 181 1.58 -71.05 -13.24
N VAL B 182 2.86 -70.65 -13.30
CA VAL B 182 3.64 -70.15 -12.16
C VAL B 182 3.14 -68.75 -11.76
N THR B 183 2.89 -67.87 -12.75
CA THR B 183 2.37 -66.53 -12.53
C THR B 183 0.91 -66.55 -12.06
N LEU B 184 0.13 -67.57 -12.46
CA LEU B 184 -1.25 -67.70 -12.04
C LEU B 184 -1.35 -68.32 -10.64
N SER B 185 -0.33 -69.09 -10.22
CA SER B 185 -0.30 -69.72 -8.90
C SER B 185 0.04 -68.73 -7.77
N ILE B 186 0.49 -67.50 -8.12
CA ILE B 186 0.80 -66.44 -7.15
C ILE B 186 -0.42 -65.54 -6.91
N VAL B 187 -1.42 -65.63 -7.81
CA VAL B 187 -2.69 -64.88 -7.77
C VAL B 187 -3.49 -65.19 -6.48
N PRO B 188 -3.68 -66.47 -6.03
CA PRO B 188 -4.44 -66.70 -4.77
C PRO B 188 -3.90 -65.97 -3.53
N LEU B 189 -2.58 -65.69 -3.50
CA LEU B 189 -1.92 -64.96 -2.42
C LEU B 189 -2.35 -63.49 -2.43
N THR B 190 -2.48 -62.90 -3.64
CA THR B 190 -2.92 -61.52 -3.87
C THR B 190 -4.40 -61.38 -3.48
N VAL B 191 -5.22 -62.39 -3.84
CA VAL B 191 -6.65 -62.45 -3.53
C VAL B 191 -6.85 -62.54 -2.01
N LEU B 192 -6.04 -63.38 -1.32
CA LEU B 192 -6.10 -63.57 0.13
C LEU B 192 -5.76 -62.30 0.91
N ILE B 193 -4.68 -61.59 0.55
CA ILE B 193 -4.28 -60.35 1.22
C ILE B 193 -5.27 -59.22 0.96
N THR B 194 -5.97 -59.26 -0.20
CA THR B 194 -7.01 -58.28 -0.53
C THR B 194 -8.20 -58.51 0.41
N GLN B 195 -8.61 -59.78 0.60
CA GLN B 195 -9.71 -60.22 1.46
C GLN B 195 -9.52 -59.81 2.94
N ILE B 196 -8.27 -59.83 3.44
CA ILE B 196 -7.94 -59.45 4.80
C ILE B 196 -8.04 -57.93 4.97
N VAL B 197 -7.42 -57.17 4.05
CA VAL B 197 -7.38 -55.72 4.04
C VAL B 197 -8.78 -55.10 3.84
N SER B 198 -9.52 -55.56 2.79
CA SER B 198 -10.87 -55.09 2.44
C SER B 198 -11.88 -55.23 3.57
N SER B 199 -11.83 -56.36 4.32
CA SER B 199 -12.73 -56.63 5.45
C SER B 199 -12.49 -55.63 6.59
N GLN B 200 -11.22 -55.27 6.84
CA GLN B 200 -10.82 -54.30 7.85
C GLN B 200 -11.19 -52.88 7.41
N THR B 201 -11.03 -52.57 6.10
CA THR B 201 -11.36 -51.26 5.51
C THR B 201 -12.85 -50.95 5.70
N ARG B 202 -13.74 -51.93 5.43
CA ARG B 202 -15.18 -51.81 5.57
C ARG B 202 -15.60 -51.67 7.04
N LYS B 203 -14.90 -52.39 7.95
CA LYS B 203 -15.11 -52.39 9.39
C LYS B 203 -14.91 -50.98 9.96
N TYR B 204 -13.77 -50.34 9.65
CA TYR B 204 -13.44 -49.00 10.12
C TYR B 204 -14.16 -47.89 9.36
N PHE B 205 -14.53 -48.12 8.09
CA PHE B 205 -15.25 -47.10 7.33
C PHE B 205 -16.72 -46.98 7.72
N TYR B 206 -17.36 -48.11 8.08
CA TYR B 206 -18.76 -48.12 8.55
C TYR B 206 -18.84 -47.37 9.89
N GLU B 207 -17.82 -47.57 10.75
CA GLU B 207 -17.68 -46.90 12.04
C GLU B 207 -17.43 -45.40 11.83
N ASN B 208 -16.59 -45.04 10.83
CA ASN B 208 -16.27 -43.65 10.49
C ASN B 208 -17.53 -42.87 10.12
N GLN B 209 -18.37 -43.47 9.26
CA GLN B 209 -19.62 -42.85 8.80
C GLN B 209 -20.69 -42.75 9.90
N ARG B 210 -20.69 -43.68 10.89
CA ARG B 210 -21.67 -43.63 11.99
C ARG B 210 -21.26 -42.63 13.08
N VAL B 211 -19.94 -42.41 13.27
CA VAL B 211 -19.40 -41.42 14.21
C VAL B 211 -19.60 -40.03 13.58
N LEU B 212 -19.53 -39.95 12.24
CA LEU B 212 -19.74 -38.72 11.47
C LEU B 212 -21.18 -38.22 11.66
N GLY B 213 -22.14 -39.13 11.63
CA GLY B 213 -23.56 -38.86 11.84
C GLY B 213 -23.84 -38.37 13.25
N GLN B 214 -23.06 -38.90 14.24
CA GLN B 214 -23.13 -38.52 15.65
C GLN B 214 -22.68 -37.08 15.79
N LEU B 215 -21.51 -36.74 15.18
CA LEU B 215 -20.92 -35.41 15.17
C LEU B 215 -21.84 -34.42 14.45
N ASN B 216 -22.45 -34.86 13.34
CA ASN B 216 -23.41 -34.06 12.56
C ASN B 216 -24.67 -33.78 13.38
N GLY B 217 -25.01 -34.70 14.28
CA GLY B 217 -26.16 -34.59 15.19
C GLY B 217 -25.95 -33.54 16.26
N ILE B 218 -24.70 -33.43 16.78
CA ILE B 218 -24.29 -32.47 17.81
C ILE B 218 -24.29 -31.05 17.24
N ILE B 219 -23.60 -30.83 16.10
CA ILE B 219 -23.51 -29.53 15.42
C ILE B 219 -24.93 -29.00 15.08
N GLU B 220 -25.80 -29.89 14.57
CA GLU B 220 -27.19 -29.60 14.20
C GLU B 220 -28.03 -29.16 15.42
N GLU B 221 -28.00 -29.94 16.52
CA GLU B 221 -28.77 -29.66 17.73
C GLU B 221 -28.26 -28.42 18.47
N ASP B 222 -26.93 -28.26 18.57
CA ASP B 222 -26.32 -27.12 19.25
C ASP B 222 -26.60 -25.79 18.58
N ILE B 223 -26.58 -25.74 17.22
CA ILE B 223 -26.90 -24.52 16.47
C ILE B 223 -28.36 -24.13 16.72
N SER B 224 -29.28 -25.12 16.70
CA SER B 224 -30.70 -24.90 16.98
C SER B 224 -30.96 -25.03 18.51
N GLY B 225 -30.40 -24.09 19.25
CA GLY B 225 -30.49 -24.01 20.70
C GLY B 225 -29.30 -23.32 21.31
N LEU B 226 -28.52 -22.61 20.46
CA LEU B 226 -27.31 -21.87 20.82
C LEU B 226 -27.58 -20.85 21.91
N THR B 227 -28.73 -20.15 21.85
CA THR B 227 -29.15 -19.15 22.84
C THR B 227 -29.16 -19.75 24.24
N VAL B 228 -29.76 -20.97 24.38
CA VAL B 228 -29.86 -21.72 25.65
C VAL B 228 -28.45 -22.14 26.14
N ILE B 229 -27.55 -22.54 25.22
CA ILE B 229 -26.16 -22.93 25.51
C ILE B 229 -25.41 -21.71 26.03
N LYS B 230 -25.63 -20.54 25.40
CA LYS B 230 -25.02 -19.26 25.77
C LYS B 230 -25.54 -18.75 27.11
N LEU B 231 -26.86 -18.87 27.35
CA LEU B 231 -27.54 -18.42 28.58
C LEU B 231 -27.11 -19.20 29.82
N PHE B 232 -26.79 -20.49 29.66
CA PHE B 232 -26.36 -21.36 30.75
C PHE B 232 -24.84 -21.62 30.73
N THR B 233 -24.09 -20.78 29.97
CA THR B 233 -22.63 -20.79 29.80
C THR B 233 -22.07 -22.22 29.50
N ARG B 234 -22.89 -23.05 28.82
CA ARG B 234 -22.54 -24.44 28.47
C ARG B 234 -21.63 -24.55 27.24
N GLU B 235 -21.11 -23.42 26.72
CA GLU B 235 -20.22 -23.34 25.55
C GLU B 235 -19.01 -24.27 25.69
N GLU B 236 -18.40 -24.30 26.89
CA GLU B 236 -17.24 -25.15 27.21
C GLU B 236 -17.65 -26.61 27.39
N LYS B 237 -18.74 -26.88 28.13
CA LYS B 237 -19.20 -28.24 28.38
C LYS B 237 -19.72 -28.93 27.11
N GLU B 238 -20.18 -28.14 26.13
CA GLU B 238 -20.63 -28.65 24.83
C GLU B 238 -19.43 -28.87 23.93
N MET B 239 -18.33 -28.11 24.16
CA MET B 239 -17.07 -28.23 23.41
C MET B 239 -16.38 -29.53 23.78
N GLU B 240 -16.36 -29.87 25.09
CA GLU B 240 -15.76 -31.12 25.58
C GLU B 240 -16.64 -32.33 25.22
N LYS B 241 -17.95 -32.10 25.00
CA LYS B 241 -18.91 -33.11 24.55
C LYS B 241 -18.60 -33.44 23.09
N PHE B 242 -18.31 -32.38 22.29
CA PHE B 242 -17.95 -32.43 20.87
C PHE B 242 -16.59 -33.11 20.70
N ASP B 243 -15.59 -32.69 21.51
CA ASP B 243 -14.23 -33.20 21.48
C ASP B 243 -14.14 -34.71 21.71
N ARG B 244 -15.11 -35.31 22.42
CA ARG B 244 -15.18 -36.74 22.67
C ARG B 244 -15.48 -37.51 21.38
N VAL B 245 -16.43 -36.98 20.57
CA VAL B 245 -16.88 -37.55 19.30
C VAL B 245 -15.90 -37.21 18.18
N ASN B 246 -15.32 -36.00 18.23
CA ASN B 246 -14.34 -35.52 17.26
C ASN B 246 -13.04 -36.32 17.32
N GLU B 247 -12.58 -36.67 18.55
CA GLU B 247 -11.39 -37.50 18.79
C GLU B 247 -11.66 -38.94 18.34
N SER B 248 -12.90 -39.42 18.52
CA SER B 248 -13.32 -40.75 18.10
C SER B 248 -13.36 -40.85 16.57
N LEU B 249 -13.72 -39.73 15.89
CA LEU B 249 -13.76 -39.61 14.43
C LEU B 249 -12.34 -39.59 13.85
N ARG B 250 -11.41 -38.90 14.55
CA ARG B 250 -10.00 -38.79 14.17
C ARG B 250 -9.32 -40.16 14.32
N LYS B 251 -9.70 -40.92 15.37
CA LYS B 251 -9.15 -42.25 15.68
C LYS B 251 -9.52 -43.33 14.66
N VAL B 252 -10.82 -43.44 14.32
CA VAL B 252 -11.30 -44.45 13.38
C VAL B 252 -11.09 -44.01 11.91
N GLY B 253 -11.06 -42.70 11.66
CA GLY B 253 -10.84 -42.12 10.35
C GLY B 253 -9.44 -42.35 9.82
N THR B 254 -8.44 -42.37 10.73
CA THR B 254 -7.03 -42.65 10.43
C THR B 254 -6.87 -44.13 10.09
N LYS B 255 -7.52 -45.03 10.87
CA LYS B 255 -7.53 -46.48 10.69
C LYS B 255 -8.12 -46.86 9.33
N ALA B 256 -9.23 -46.20 8.95
CA ALA B 256 -9.91 -46.42 7.67
C ALA B 256 -9.05 -45.94 6.50
N GLN B 257 -8.37 -44.79 6.66
CA GLN B 257 -7.48 -44.20 5.65
C GLN B 257 -6.22 -45.03 5.43
N ILE B 258 -5.65 -45.61 6.50
CA ILE B 258 -4.45 -46.45 6.45
C ILE B 258 -4.76 -47.75 5.70
N PHE B 259 -5.85 -48.44 6.09
CA PHE B 259 -6.30 -49.68 5.44
C PHE B 259 -6.71 -49.50 3.98
N SER B 260 -7.16 -48.28 3.60
CA SER B 260 -7.58 -47.94 2.24
C SER B 260 -6.42 -47.96 1.24
N GLY B 261 -5.23 -47.51 1.66
CA GLY B 261 -4.05 -47.46 0.81
C GLY B 261 -2.87 -48.30 1.25
N VAL B 262 -3.12 -49.37 2.04
CA VAL B 262 -2.08 -50.28 2.52
C VAL B 262 -1.81 -51.42 1.50
N LEU B 263 -2.82 -51.72 0.65
CA LEU B 263 -2.74 -52.77 -0.37
C LEU B 263 -1.72 -52.48 -1.51
N PRO B 264 -1.68 -51.28 -2.19
CA PRO B 264 -0.67 -51.08 -3.26
C PRO B 264 0.79 -51.36 -2.87
N PRO B 265 1.40 -50.86 -1.76
CA PRO B 265 2.80 -51.21 -1.47
C PRO B 265 2.99 -52.68 -1.06
N LEU B 266 1.94 -53.29 -0.47
CA LEU B 266 1.92 -54.70 -0.07
C LEU B 266 1.91 -55.61 -1.30
N MET B 267 1.22 -55.19 -2.38
CA MET B 267 1.16 -55.97 -3.61
C MET B 267 2.45 -55.91 -4.41
N ASN B 268 3.23 -54.80 -4.28
CA ASN B 268 4.54 -54.65 -4.92
C ASN B 268 5.54 -55.65 -4.30
N MET B 269 5.34 -55.98 -3.00
CA MET B 269 6.13 -56.95 -2.26
C MET B 269 5.79 -58.37 -2.76
N VAL B 270 4.48 -58.63 -3.03
CA VAL B 270 3.96 -59.91 -3.54
C VAL B 270 4.46 -60.15 -4.98
N ASN B 271 4.45 -59.10 -5.83
CA ASN B 271 4.91 -59.14 -7.23
C ASN B 271 6.38 -59.55 -7.32
N ASN B 272 7.22 -59.04 -6.40
CA ASN B 272 8.65 -59.32 -6.31
C ASN B 272 8.93 -60.79 -5.98
N LEU B 273 8.05 -61.42 -5.18
CA LEU B 273 8.15 -62.84 -4.83
C LEU B 273 7.80 -63.68 -6.06
N GLY B 274 6.84 -63.20 -6.85
CA GLY B 274 6.42 -63.81 -8.11
C GLY B 274 7.49 -63.71 -9.18
N PHE B 275 8.17 -62.54 -9.26
CA PHE B 275 9.25 -62.26 -10.19
C PHE B 275 10.47 -63.14 -9.90
N ALA B 276 10.78 -63.37 -8.61
CA ALA B 276 11.88 -64.20 -8.15
C ALA B 276 11.59 -65.68 -8.44
N LEU B 277 10.32 -66.10 -8.28
CA LEU B 277 9.86 -67.47 -8.51
C LEU B 277 9.90 -67.83 -10.00
N ILE B 278 9.49 -66.89 -10.89
CA ILE B 278 9.50 -67.12 -12.34
C ILE B 278 10.94 -67.02 -12.91
N SER B 279 11.85 -66.35 -12.17
CA SER B 279 13.26 -66.25 -12.55
C SER B 279 13.92 -67.60 -12.27
N GLY B 280 13.52 -68.23 -11.17
CA GLY B 280 14.00 -69.56 -10.75
C GLY B 280 13.44 -70.65 -11.65
N PHE B 281 12.12 -70.58 -11.94
CA PHE B 281 11.42 -71.52 -12.81
C PHE B 281 11.90 -71.39 -14.25
N GLY B 282 12.06 -70.13 -14.71
CA GLY B 282 12.53 -69.80 -16.05
C GLY B 282 13.94 -70.28 -16.31
N GLY B 283 14.79 -70.13 -15.30
CA GLY B 283 16.19 -70.58 -15.32
C GLY B 283 16.29 -72.09 -15.36
N TRP B 284 15.36 -72.77 -14.66
CA TRP B 284 15.25 -74.23 -14.59
C TRP B 284 14.89 -74.82 -15.96
N LEU B 285 13.92 -74.19 -16.65
CA LEU B 285 13.44 -74.60 -17.98
C LEU B 285 14.53 -74.41 -19.05
N ALA B 286 15.36 -73.35 -18.89
CA ALA B 286 16.47 -73.04 -19.79
C ALA B 286 17.58 -74.09 -19.67
N LEU B 287 17.76 -74.65 -18.46
CA LEU B 287 18.74 -75.70 -18.17
C LEU B 287 18.24 -77.09 -18.61
N LYS B 288 16.93 -77.20 -18.92
CA LYS B 288 16.30 -78.44 -19.38
C LYS B 288 16.11 -78.49 -20.92
N ASP B 289 16.67 -77.48 -21.63
CA ASP B 289 16.64 -77.29 -23.10
C ASP B 289 15.23 -76.94 -23.65
N ILE B 290 14.24 -76.67 -22.74
CA ILE B 290 12.87 -76.32 -23.13
C ILE B 290 12.81 -74.90 -23.73
N ILE B 291 13.33 -73.89 -23.01
CA ILE B 291 13.37 -72.50 -23.46
C ILE B 291 14.80 -71.94 -23.43
N THR B 292 14.98 -70.64 -23.77
CA THR B 292 16.27 -69.97 -23.74
C THR B 292 16.30 -68.88 -22.65
N VAL B 293 17.44 -68.17 -22.51
CA VAL B 293 17.64 -67.09 -21.53
C VAL B 293 16.77 -65.87 -21.92
N GLY B 294 16.68 -65.61 -23.23
CA GLY B 294 15.89 -64.51 -23.79
C GLY B 294 14.41 -64.62 -23.53
N THR B 295 13.89 -65.86 -23.44
CA THR B 295 12.47 -66.15 -23.16
C THR B 295 12.10 -65.72 -21.72
N ILE B 296 13.04 -65.86 -20.75
CA ILE B 296 12.85 -65.46 -19.35
C ILE B 296 12.69 -63.94 -19.29
N ALA B 297 13.57 -63.20 -19.99
CA ALA B 297 13.56 -61.74 -20.09
C ALA B 297 12.31 -61.21 -20.81
N THR B 298 11.72 -62.03 -21.70
CA THR B 298 10.52 -61.70 -22.45
C THR B 298 9.28 -61.93 -21.56
N PHE B 299 9.25 -63.07 -20.81
CA PHE B 299 8.14 -63.41 -19.93
C PHE B 299 7.96 -62.44 -18.76
N ILE B 300 9.07 -61.84 -18.27
CA ILE B 300 9.01 -60.84 -17.18
C ILE B 300 8.32 -59.56 -17.67
N GLY B 301 8.41 -59.29 -18.97
CA GLY B 301 7.78 -58.16 -19.63
C GLY B 301 6.29 -58.38 -19.79
N TYR B 302 5.90 -59.61 -20.16
CA TYR B 302 4.49 -60.03 -20.33
C TYR B 302 3.77 -60.22 -19.00
N SER B 303 4.50 -60.56 -17.93
CA SER B 303 3.93 -60.73 -16.59
C SER B 303 3.59 -59.37 -15.98
N ARG B 304 4.37 -58.33 -16.33
CA ARG B 304 4.18 -56.94 -15.91
C ARG B 304 2.86 -56.38 -16.45
N GLN B 305 2.44 -56.78 -17.67
CA GLN B 305 1.18 -56.31 -18.24
C GLN B 305 -0.03 -57.09 -17.67
N PHE B 306 0.23 -58.15 -16.86
CA PHE B 306 -0.79 -58.94 -16.16
C PHE B 306 -0.92 -58.50 -14.70
N THR B 307 0.23 -58.25 -14.02
CA THR B 307 0.26 -57.83 -12.62
C THR B 307 -0.31 -56.43 -12.43
N ARG B 308 -0.05 -55.50 -13.38
CA ARG B 308 -0.56 -54.13 -13.38
C ARG B 308 -2.11 -54.10 -13.24
N PRO B 309 -2.93 -54.71 -14.14
CA PRO B 309 -4.39 -54.70 -13.92
C PRO B 309 -4.87 -55.53 -12.72
N LEU B 310 -4.14 -56.62 -12.37
CA LEU B 310 -4.47 -57.49 -11.23
C LEU B 310 -4.41 -56.72 -9.92
N ASN B 311 -3.35 -55.91 -9.73
CA ASN B 311 -3.17 -55.08 -8.54
C ASN B 311 -4.16 -53.90 -8.56
N GLU B 312 -4.41 -53.34 -9.77
CA GLU B 312 -5.35 -52.23 -9.99
C GLU B 312 -6.78 -52.64 -9.62
N LEU B 313 -7.21 -53.85 -10.02
CA LEU B 313 -8.54 -54.40 -9.73
C LEU B 313 -8.67 -54.76 -8.24
N SER B 314 -7.58 -55.27 -7.62
CA SER B 314 -7.54 -55.63 -6.21
C SER B 314 -7.59 -54.38 -5.34
N ASN B 315 -6.89 -53.30 -5.76
CA ASN B 315 -6.89 -52.01 -5.07
C ASN B 315 -8.27 -51.36 -5.20
N GLN B 316 -8.91 -51.51 -6.38
CA GLN B 316 -10.26 -51.00 -6.65
C GLN B 316 -11.28 -51.68 -5.74
N PHE B 317 -11.06 -52.96 -5.40
CA PHE B 317 -11.91 -53.72 -4.50
C PHE B 317 -11.81 -53.19 -3.07
N ASN B 318 -10.63 -52.69 -2.68
CA ASN B 318 -10.38 -52.12 -1.36
C ASN B 318 -10.99 -50.72 -1.27
N MET B 319 -11.03 -49.99 -2.40
CA MET B 319 -11.58 -48.64 -2.50
C MET B 319 -13.11 -48.63 -2.49
N ILE B 320 -13.76 -49.65 -3.12
CA ILE B 320 -15.23 -49.74 -3.16
C ILE B 320 -15.83 -50.11 -1.79
N GLN B 321 -14.99 -50.39 -0.78
CA GLN B 321 -15.42 -50.69 0.60
C GLN B 321 -15.98 -49.43 1.26
N MET B 322 -15.50 -48.24 0.82
CA MET B 322 -15.96 -46.92 1.28
C MET B 322 -17.41 -46.70 0.85
N ALA B 323 -17.74 -47.11 -0.39
CA ALA B 323 -19.08 -47.01 -0.96
C ALA B 323 -19.99 -48.06 -0.34
N LEU B 324 -19.47 -49.29 -0.13
CA LEU B 324 -20.18 -50.42 0.45
C LEU B 324 -20.60 -50.21 1.90
N ALA B 325 -19.72 -49.59 2.71
CA ALA B 325 -20.00 -49.29 4.12
C ALA B 325 -21.08 -48.19 4.22
N SER B 326 -21.00 -47.18 3.33
CA SER B 326 -21.95 -46.08 3.24
C SER B 326 -23.29 -46.52 2.68
N ALA B 327 -23.27 -47.49 1.74
CA ALA B 327 -24.47 -48.08 1.12
C ALA B 327 -25.36 -48.73 2.19
N GLU B 328 -24.73 -49.39 3.19
CA GLU B 328 -25.41 -50.02 4.32
C GLU B 328 -26.22 -48.97 5.08
N ARG B 329 -25.59 -47.79 5.35
CA ARG B 329 -26.21 -46.66 6.04
C ARG B 329 -27.34 -46.02 5.23
N ILE B 330 -27.24 -46.09 3.89
CA ILE B 330 -28.27 -45.59 2.98
C ILE B 330 -29.47 -46.56 3.02
N PHE B 331 -29.20 -47.87 2.81
CA PHE B 331 -30.23 -48.92 2.81
C PHE B 331 -30.94 -49.09 4.16
N GLU B 332 -30.27 -48.75 5.28
CA GLU B 332 -30.84 -48.81 6.63
C GLU B 332 -32.11 -47.98 6.75
N ILE B 333 -32.11 -46.78 6.14
CA ILE B 333 -33.24 -45.85 6.10
C ILE B 333 -34.33 -46.38 5.13
N LEU B 334 -33.90 -46.99 4.02
CA LEU B 334 -34.79 -47.54 2.99
C LEU B 334 -35.56 -48.80 3.42
N ASP B 335 -35.14 -49.48 4.51
CA ASP B 335 -35.82 -50.67 5.02
C ASP B 335 -36.45 -50.45 6.41
N LEU B 336 -37.09 -49.27 6.60
CA LEU B 336 -37.78 -48.94 7.85
C LEU B 336 -39.28 -49.17 7.68
N GLU B 337 -39.93 -49.80 8.68
CA GLU B 337 -41.38 -50.07 8.62
C GLU B 337 -42.19 -48.77 8.57
N GLU B 338 -42.57 -48.37 7.36
CA GLU B 338 -43.31 -47.14 7.06
C GLU B 338 -44.82 -47.22 7.32
N GLU B 339 -45.48 -46.04 7.48
CA GLU B 339 -46.93 -45.90 7.71
C GLU B 339 -47.67 -46.38 6.45
N LYS B 340 -48.54 -47.38 6.62
CA LYS B 340 -49.31 -47.96 5.51
C LYS B 340 -50.81 -47.92 5.77
N ASP B 341 -51.59 -47.61 4.72
CA ASP B 341 -53.06 -47.56 4.77
C ASP B 341 -53.63 -48.97 4.60
N ASP B 342 -54.85 -49.19 5.12
CA ASP B 342 -55.58 -50.46 5.05
C ASP B 342 -55.88 -50.84 3.59
N PRO B 343 -55.78 -52.14 3.19
CA PRO B 343 -56.05 -52.49 1.78
C PRO B 343 -57.47 -52.16 1.30
N ASP B 344 -58.46 -52.19 2.22
CA ASP B 344 -59.86 -51.88 1.95
C ASP B 344 -60.30 -50.56 2.62
N ALA B 345 -59.37 -49.59 2.73
CA ALA B 345 -59.60 -48.28 3.35
C ALA B 345 -60.55 -47.41 2.52
N VAL B 346 -61.46 -46.70 3.21
CA VAL B 346 -62.48 -45.84 2.59
C VAL B 346 -62.12 -44.34 2.71
N GLU B 347 -62.57 -43.52 1.74
CA GLU B 347 -62.37 -42.09 1.69
C GLU B 347 -63.62 -41.39 2.25
N LEU B 348 -63.42 -40.48 3.23
CA LEU B 348 -64.50 -39.77 3.88
C LEU B 348 -65.11 -38.68 2.98
N ARG B 349 -66.36 -38.92 2.52
CA ARG B 349 -67.12 -38.00 1.66
C ARG B 349 -68.28 -37.41 2.45
N GLU B 350 -68.53 -36.09 2.28
CA GLU B 350 -69.57 -35.31 2.97
C GLU B 350 -69.40 -35.39 4.49
N VAL B 351 -68.26 -34.84 4.97
CA VAL B 351 -67.86 -34.82 6.38
C VAL B 351 -68.79 -33.92 7.21
N ARG B 352 -69.24 -34.41 8.38
CA ARG B 352 -70.11 -33.66 9.29
C ARG B 352 -69.48 -33.40 10.65
N GLY B 353 -68.75 -34.39 11.19
CA GLY B 353 -68.04 -34.27 12.46
C GLY B 353 -68.53 -35.13 13.60
N GLU B 354 -68.79 -36.42 13.33
CA GLU B 354 -69.25 -37.35 14.36
C GLU B 354 -68.03 -38.08 14.97
N ILE B 355 -67.37 -37.41 15.92
CA ILE B 355 -66.18 -37.90 16.63
C ILE B 355 -66.58 -38.75 17.83
N GLU B 356 -65.93 -39.93 18.02
CA GLU B 356 -66.20 -40.81 19.16
C GLU B 356 -64.98 -41.65 19.54
N PHE B 357 -64.81 -41.88 20.86
CA PHE B 357 -63.76 -42.69 21.47
C PHE B 357 -64.46 -43.81 22.24
N LYS B 358 -64.03 -45.07 22.03
CA LYS B 358 -64.63 -46.24 22.69
C LYS B 358 -63.60 -47.11 23.42
N ASN B 359 -63.51 -46.95 24.76
CA ASN B 359 -62.61 -47.69 25.67
C ASN B 359 -61.15 -47.71 25.18
N VAL B 360 -60.64 -46.52 24.81
CA VAL B 360 -59.30 -46.32 24.24
C VAL B 360 -58.20 -46.34 25.33
N TRP B 361 -57.17 -47.18 25.11
CA TRP B 361 -55.99 -47.32 25.97
C TRP B 361 -54.75 -47.06 25.11
N PHE B 362 -53.81 -46.22 25.62
CA PHE B 362 -52.58 -45.90 24.89
C PHE B 362 -51.38 -45.66 25.82
N SER B 363 -50.18 -46.06 25.34
CA SER B 363 -48.87 -45.90 25.97
C SER B 363 -47.82 -45.66 24.89
N TYR B 364 -46.93 -44.68 25.10
CA TYR B 364 -45.86 -44.35 24.15
C TYR B 364 -44.72 -45.35 24.23
N ASP B 365 -44.19 -45.59 25.46
CA ASP B 365 -43.11 -46.52 25.77
C ASP B 365 -43.56 -47.98 25.73
N LYS B 366 -44.90 -48.20 25.74
CA LYS B 366 -45.61 -49.48 25.69
C LYS B 366 -45.36 -50.34 26.94
N LYS B 367 -45.02 -49.68 28.07
CA LYS B 367 -44.76 -50.29 29.37
C LYS B 367 -45.73 -49.74 30.41
N LYS B 368 -45.72 -48.40 30.61
CA LYS B 368 -46.57 -47.67 31.54
C LYS B 368 -47.69 -46.96 30.75
N PRO B 369 -49.00 -47.25 31.01
CA PRO B 369 -50.06 -46.60 30.23
C PRO B 369 -50.23 -45.10 30.48
N VAL B 370 -50.43 -44.34 29.38
CA VAL B 370 -50.65 -42.89 29.38
C VAL B 370 -52.16 -42.63 29.47
N LEU B 371 -52.95 -43.20 28.54
CA LEU B 371 -54.41 -43.10 28.51
C LEU B 371 -55.03 -44.42 28.97
N LYS B 372 -56.02 -44.34 29.86
CA LYS B 372 -56.70 -45.51 30.44
C LYS B 372 -58.22 -45.47 30.24
N ASP B 373 -58.76 -46.38 29.41
CA ASP B 373 -60.19 -46.55 29.09
C ASP B 373 -60.90 -45.24 28.74
N ILE B 374 -60.28 -44.43 27.86
CA ILE B 374 -60.82 -43.15 27.40
C ILE B 374 -62.02 -43.41 26.48
N THR B 375 -63.22 -43.04 26.95
CA THR B 375 -64.46 -43.23 26.20
C THR B 375 -65.36 -41.98 26.31
N PHE B 376 -65.70 -41.38 25.14
CA PHE B 376 -66.55 -40.20 25.00
C PHE B 376 -67.15 -40.07 23.59
N HIS B 377 -68.30 -39.39 23.47
CA HIS B 377 -69.00 -39.17 22.20
C HIS B 377 -69.27 -37.69 21.93
N ILE B 378 -68.94 -37.23 20.71
CA ILE B 378 -69.15 -35.84 20.26
C ILE B 378 -70.05 -35.84 19.02
N LYS B 379 -71.21 -35.14 19.11
CA LYS B 379 -72.13 -35.01 17.97
C LYS B 379 -71.65 -33.88 17.02
N PRO B 380 -71.93 -33.96 15.68
CA PRO B 380 -71.43 -32.93 14.77
C PRO B 380 -71.89 -31.50 15.05
N GLY B 381 -70.95 -30.56 14.93
CA GLY B 381 -71.15 -29.14 15.13
C GLY B 381 -70.68 -28.62 16.48
N GLN B 382 -70.79 -29.47 17.54
CA GLN B 382 -70.42 -29.18 18.93
C GLN B 382 -69.00 -28.66 19.13
N LYS B 383 -68.84 -27.65 20.00
CA LYS B 383 -67.56 -27.07 20.38
C LYS B 383 -67.21 -27.66 21.74
N VAL B 384 -66.38 -28.71 21.75
CA VAL B 384 -65.99 -29.47 22.94
C VAL B 384 -64.64 -29.01 23.50
N ALA B 385 -64.55 -28.89 24.84
CA ALA B 385 -63.35 -28.49 25.57
C ALA B 385 -62.70 -29.69 26.26
N LEU B 386 -61.36 -29.78 26.20
CA LEU B 386 -60.59 -30.87 26.80
C LEU B 386 -59.58 -30.29 27.80
N VAL B 387 -59.99 -30.22 29.08
CA VAL B 387 -59.19 -29.66 30.18
C VAL B 387 -58.66 -30.77 31.12
N GLY B 388 -57.50 -30.50 31.74
CA GLY B 388 -56.84 -31.41 32.66
C GLY B 388 -55.48 -30.91 33.14
N PRO B 389 -54.84 -31.56 34.13
CA PRO B 389 -53.53 -31.07 34.59
C PRO B 389 -52.36 -31.41 33.65
N THR B 390 -51.17 -30.85 33.95
CA THR B 390 -49.93 -31.06 33.19
C THR B 390 -49.49 -32.53 33.22
N GLY B 391 -49.53 -33.16 32.05
CA GLY B 391 -49.17 -34.56 31.88
C GLY B 391 -50.35 -35.50 32.03
N SER B 392 -51.56 -34.96 31.87
CA SER B 392 -52.82 -35.72 31.96
C SER B 392 -53.02 -36.65 30.77
N GLY B 393 -52.72 -36.17 29.57
CA GLY B 393 -52.88 -36.92 28.33
C GLY B 393 -53.86 -36.29 27.36
N LYS B 394 -53.95 -34.93 27.38
CA LYS B 394 -54.83 -34.14 26.52
C LYS B 394 -54.34 -34.15 25.07
N THR B 395 -53.04 -33.89 24.86
CA THR B 395 -52.39 -33.88 23.54
C THR B 395 -52.38 -35.30 22.95
N THR B 396 -52.31 -36.34 23.82
CA THR B 396 -52.32 -37.76 23.45
C THR B 396 -53.65 -38.14 22.76
N ILE B 397 -54.80 -37.67 23.31
CA ILE B 397 -56.15 -37.89 22.78
C ILE B 397 -56.21 -37.37 21.33
N VAL B 398 -55.68 -36.15 21.13
CA VAL B 398 -55.61 -35.45 19.85
C VAL B 398 -54.67 -36.16 18.86
N ASN B 399 -53.45 -36.53 19.32
CA ASN B 399 -52.45 -37.23 18.49
C ASN B 399 -52.93 -38.59 17.98
N LEU B 400 -53.89 -39.21 18.69
CA LEU B 400 -54.51 -40.47 18.28
C LEU B 400 -55.59 -40.22 17.23
N LEU B 401 -56.28 -39.06 17.32
CA LEU B 401 -57.33 -38.64 16.36
C LEU B 401 -56.71 -38.25 15.01
N MET B 402 -55.46 -37.74 15.04
CA MET B 402 -54.70 -37.37 13.84
C MET B 402 -54.04 -38.61 13.22
N ARG B 403 -54.06 -39.74 13.97
CA ARG B 403 -53.52 -41.05 13.63
C ARG B 403 -51.98 -41.02 13.44
N PHE B 404 -51.29 -40.19 14.26
CA PHE B 404 -49.83 -40.09 14.27
C PHE B 404 -49.28 -41.33 14.99
N TYR B 405 -50.10 -41.85 15.93
CA TYR B 405 -49.87 -43.04 16.74
C TYR B 405 -51.15 -43.89 16.69
N ASP B 406 -51.03 -45.21 16.84
CA ASP B 406 -52.20 -46.10 16.84
C ASP B 406 -52.47 -46.72 18.21
N VAL B 407 -53.77 -46.77 18.58
CA VAL B 407 -54.33 -47.27 19.84
C VAL B 407 -53.87 -48.70 20.19
N ASP B 408 -53.58 -48.96 21.48
CA ASP B 408 -53.20 -50.29 21.97
C ASP B 408 -54.44 -51.19 21.98
N ARG B 409 -55.50 -50.74 22.68
CA ARG B 409 -56.80 -51.40 22.76
C ARG B 409 -57.92 -50.38 22.91
N GLY B 410 -58.77 -50.30 21.88
CA GLY B 410 -59.88 -49.35 21.80
C GLY B 410 -60.19 -48.95 20.38
N GLN B 411 -61.29 -48.19 20.18
CA GLN B 411 -61.72 -47.76 18.86
C GLN B 411 -62.04 -46.27 18.78
N ILE B 412 -61.51 -45.59 17.74
CA ILE B 412 -61.79 -44.19 17.47
C ILE B 412 -62.67 -44.14 16.22
N LEU B 413 -63.86 -43.54 16.34
CA LEU B 413 -64.82 -43.47 15.24
C LEU B 413 -65.07 -42.05 14.77
N VAL B 414 -64.72 -41.78 13.50
CA VAL B 414 -64.93 -40.49 12.83
C VAL B 414 -66.03 -40.72 11.80
N ASP B 415 -67.16 -40.00 11.93
CA ASP B 415 -68.37 -40.09 11.09
C ASP B 415 -69.00 -41.50 11.10
N GLY B 416 -68.78 -42.22 12.20
CA GLY B 416 -69.31 -43.57 12.41
C GLY B 416 -68.45 -44.69 11.85
N ILE B 417 -67.25 -44.35 11.34
CA ILE B 417 -66.30 -45.30 10.74
C ILE B 417 -65.03 -45.32 11.59
N ASP B 418 -64.44 -46.53 11.80
CA ASP B 418 -63.20 -46.74 12.54
C ASP B 418 -62.05 -45.99 11.87
N ILE B 419 -61.19 -45.35 12.68
CA ILE B 419 -60.04 -44.55 12.26
C ILE B 419 -59.02 -45.37 11.41
N ARG B 420 -58.90 -46.68 11.67
CA ARG B 420 -58.01 -47.60 10.95
C ARG B 420 -58.57 -47.95 9.56
N LYS B 421 -59.89 -47.79 9.36
CA LYS B 421 -60.58 -48.07 8.10
C LYS B 421 -60.68 -46.84 7.19
N ILE B 422 -60.50 -45.62 7.75
CA ILE B 422 -60.50 -44.37 6.97
C ILE B 422 -59.06 -44.11 6.54
N LYS B 423 -58.84 -43.82 5.24
CA LYS B 423 -57.51 -43.52 4.70
C LYS B 423 -56.93 -42.25 5.33
N ARG B 424 -55.61 -42.25 5.62
CA ARG B 424 -54.87 -41.15 6.25
C ARG B 424 -55.00 -39.83 5.49
N SER B 425 -55.06 -39.91 4.14
CA SER B 425 -55.19 -38.77 3.21
C SER B 425 -56.48 -38.00 3.47
N SER B 426 -57.60 -38.73 3.62
CA SER B 426 -58.93 -38.16 3.85
C SER B 426 -59.14 -37.71 5.29
N LEU B 427 -58.63 -38.49 6.27
CA LEU B 427 -58.73 -38.22 7.71
C LEU B 427 -58.08 -36.88 8.07
N ARG B 428 -56.83 -36.66 7.62
CA ARG B 428 -56.05 -35.45 7.87
C ARG B 428 -56.54 -34.24 7.05
N SER B 429 -57.41 -34.49 6.04
CA SER B 429 -58.01 -33.46 5.20
C SER B 429 -59.26 -32.91 5.89
N SER B 430 -59.96 -33.77 6.66
CA SER B 430 -61.17 -33.43 7.40
C SER B 430 -60.84 -32.80 8.74
N ILE B 431 -59.68 -33.18 9.33
CA ILE B 431 -59.22 -32.70 10.64
C ILE B 431 -58.02 -31.73 10.54
N GLY B 432 -58.15 -30.58 11.19
CA GLY B 432 -57.13 -29.55 11.28
C GLY B 432 -56.60 -29.44 12.71
N ILE B 433 -55.34 -29.02 12.87
CA ILE B 433 -54.70 -28.93 14.19
C ILE B 433 -53.77 -27.73 14.34
N VAL B 434 -53.91 -27.02 15.48
CA VAL B 434 -53.03 -25.93 15.91
C VAL B 434 -52.28 -26.59 17.07
N LEU B 435 -51.09 -27.14 16.76
CA LEU B 435 -50.23 -27.89 17.69
C LEU B 435 -49.79 -27.05 18.89
N GLN B 436 -49.54 -27.71 20.06
CA GLN B 436 -49.10 -27.07 21.30
C GLN B 436 -47.85 -26.23 21.08
N ASP B 437 -46.87 -26.79 20.33
CA ASP B 437 -45.63 -26.12 19.93
C ASP B 437 -45.81 -25.67 18.48
N THR B 438 -45.85 -24.34 18.28
CA THR B 438 -46.04 -23.71 16.97
C THR B 438 -44.77 -23.86 16.12
N ILE B 439 -44.93 -24.48 14.94
CA ILE B 439 -43.83 -24.71 13.98
C ILE B 439 -44.14 -23.92 12.70
N LEU B 440 -43.29 -22.92 12.39
CA LEU B 440 -43.43 -22.10 11.19
C LEU B 440 -42.30 -22.39 10.19
N PHE B 441 -42.42 -21.90 8.94
CA PHE B 441 -41.42 -22.15 7.90
C PHE B 441 -40.67 -20.88 7.48
N SER B 442 -39.47 -21.07 6.90
CA SER B 442 -38.58 -19.99 6.44
C SER B 442 -38.95 -19.47 5.03
N THR B 443 -40.17 -18.94 4.87
CA THR B 443 -40.70 -18.35 3.62
C THR B 443 -41.48 -17.06 3.93
N THR B 444 -42.22 -16.53 2.94
CA THR B 444 -43.04 -15.32 3.10
C THR B 444 -44.21 -15.61 4.04
N VAL B 445 -44.74 -14.55 4.69
CA VAL B 445 -45.89 -14.65 5.62
C VAL B 445 -47.10 -15.22 4.85
N LYS B 446 -47.29 -14.79 3.58
CA LYS B 446 -48.36 -15.26 2.69
C LYS B 446 -48.26 -16.77 2.47
N GLU B 447 -47.05 -17.28 2.10
CA GLU B 447 -46.81 -18.70 1.87
C GLU B 447 -46.97 -19.57 3.11
N ASN B 448 -46.64 -19.00 4.30
CA ASN B 448 -46.77 -19.69 5.58
C ASN B 448 -48.24 -19.90 5.94
N LEU B 449 -49.10 -18.92 5.56
CA LEU B 449 -50.55 -18.95 5.78
C LEU B 449 -51.26 -19.76 4.70
N LYS B 450 -50.69 -19.77 3.46
CA LYS B 450 -51.20 -20.51 2.30
C LYS B 450 -51.00 -22.02 2.43
N TYR B 451 -50.11 -22.46 3.33
CA TYR B 451 -49.83 -23.87 3.63
C TYR B 451 -51.11 -24.51 4.19
N GLY B 452 -51.48 -25.66 3.63
CA GLY B 452 -52.69 -26.38 4.02
C GLY B 452 -53.81 -26.23 3.01
N ASN B 453 -53.95 -25.01 2.46
CA ASN B 453 -54.93 -24.67 1.45
C ASN B 453 -54.25 -23.76 0.40
N PRO B 454 -53.48 -24.34 -0.56
CA PRO B 454 -52.76 -23.50 -1.55
C PRO B 454 -53.67 -22.72 -2.49
N GLY B 455 -54.91 -23.20 -2.65
CA GLY B 455 -55.92 -22.58 -3.48
C GLY B 455 -56.76 -21.57 -2.73
N ALA B 456 -56.09 -20.63 -2.04
CA ALA B 456 -56.70 -19.55 -1.26
C ALA B 456 -56.29 -18.21 -1.86
N THR B 457 -57.28 -17.37 -2.21
CA THR B 457 -57.05 -16.03 -2.80
C THR B 457 -56.40 -15.08 -1.80
N ASP B 458 -55.65 -14.09 -2.33
CA ASP B 458 -54.96 -13.05 -1.55
C ASP B 458 -55.94 -12.30 -0.63
N GLU B 459 -57.20 -12.14 -1.09
CA GLU B 459 -58.29 -11.49 -0.37
C GLU B 459 -58.74 -12.37 0.81
N GLU B 460 -58.83 -13.71 0.59
CA GLU B 460 -59.22 -14.70 1.62
C GLU B 460 -58.17 -14.77 2.74
N ILE B 461 -56.87 -14.64 2.38
CA ILE B 461 -55.74 -14.64 3.31
C ILE B 461 -55.79 -13.35 4.16
N LYS B 462 -56.00 -12.20 3.50
CA LYS B 462 -56.09 -10.88 4.14
C LYS B 462 -57.30 -10.74 5.07
N GLU B 463 -58.42 -11.39 4.72
CA GLU B 463 -59.64 -11.40 5.53
C GLU B 463 -59.50 -12.29 6.76
N ALA B 464 -58.82 -13.45 6.62
CA ALA B 464 -58.58 -14.42 7.69
C ALA B 464 -57.60 -13.88 8.73
N ALA B 465 -56.56 -13.15 8.29
CA ALA B 465 -55.56 -12.54 9.16
C ALA B 465 -56.17 -11.40 9.98
N LYS B 466 -57.09 -10.61 9.36
CA LYS B 466 -57.80 -9.50 9.98
C LYS B 466 -58.69 -9.99 11.13
N LEU B 467 -59.31 -11.20 10.97
CA LEU B 467 -60.20 -11.83 11.94
C LEU B 467 -59.49 -12.26 13.23
N THR B 468 -58.25 -12.79 13.12
CA THR B 468 -57.44 -13.26 14.26
C THR B 468 -56.45 -12.18 14.75
N HIS B 469 -56.63 -10.91 14.30
CA HIS B 469 -55.81 -9.73 14.61
C HIS B 469 -54.32 -9.94 14.27
N SER B 470 -54.06 -10.73 13.21
CA SER B 470 -52.75 -11.06 12.68
C SER B 470 -52.28 -10.00 11.69
N ASP B 471 -53.20 -9.49 10.86
CA ASP B 471 -53.00 -8.48 9.80
C ASP B 471 -52.26 -7.21 10.26
N HIS B 472 -52.46 -6.77 11.51
CA HIS B 472 -51.80 -5.56 12.01
C HIS B 472 -50.27 -5.63 11.95
N PHE B 473 -49.66 -6.63 12.62
CA PHE B 473 -48.20 -6.75 12.65
C PHE B 473 -47.60 -7.19 11.31
N ILE B 474 -48.40 -7.89 10.46
CA ILE B 474 -47.98 -8.36 9.14
C ILE B 474 -47.73 -7.16 8.21
N LYS B 475 -48.61 -6.15 8.25
CA LYS B 475 -48.50 -4.91 7.46
C LYS B 475 -47.29 -4.07 7.90
N HIS B 476 -46.94 -4.11 9.20
CA HIS B 476 -45.83 -3.38 9.82
C HIS B 476 -44.44 -3.91 9.37
N LEU B 477 -44.39 -5.13 8.82
CA LEU B 477 -43.17 -5.77 8.32
C LEU B 477 -42.61 -5.06 7.06
N PRO B 478 -41.29 -5.16 6.75
CA PRO B 478 -40.74 -4.41 5.59
C PRO B 478 -41.32 -4.74 4.20
N GLU B 479 -41.84 -5.96 3.99
CA GLU B 479 -42.41 -6.37 2.70
C GLU B 479 -43.90 -6.78 2.79
N GLY B 480 -44.47 -6.64 3.99
CA GLY B 480 -45.87 -6.99 4.26
C GLY B 480 -46.05 -8.49 4.39
N TYR B 481 -46.91 -9.07 3.55
CA TYR B 481 -47.17 -10.52 3.51
C TYR B 481 -46.04 -11.24 2.78
N GLU B 482 -45.26 -10.50 1.97
CA GLU B 482 -44.12 -11.01 1.20
C GLU B 482 -42.80 -10.94 1.98
N THR B 483 -42.87 -10.68 3.31
CA THR B 483 -41.71 -10.61 4.19
C THR B 483 -41.22 -12.02 4.48
N VAL B 484 -39.99 -12.35 4.04
CA VAL B 484 -39.40 -13.67 4.26
C VAL B 484 -39.03 -13.85 5.74
N LEU B 485 -39.56 -14.91 6.35
CA LEU B 485 -39.35 -15.24 7.77
C LEU B 485 -38.08 -16.06 7.96
N THR B 486 -37.48 -15.95 9.16
CA THR B 486 -36.29 -16.68 9.58
C THR B 486 -36.72 -18.13 9.88
N ASP B 487 -35.74 -19.02 10.16
CA ASP B 487 -35.97 -20.42 10.53
C ASP B 487 -36.97 -20.51 11.68
N ASN B 488 -38.08 -21.24 11.45
CA ASN B 488 -39.21 -21.45 12.37
C ASN B 488 -39.98 -20.16 12.72
N GLY B 489 -39.69 -19.07 11.99
CA GLY B 489 -40.33 -17.77 12.17
C GLY B 489 -40.02 -17.09 13.48
N GLU B 490 -38.75 -17.16 13.93
CA GLU B 490 -38.31 -16.58 15.19
C GLU B 490 -38.18 -15.04 15.15
N ASP B 491 -38.36 -14.42 13.96
CA ASP B 491 -38.30 -12.97 13.79
C ASP B 491 -39.65 -12.29 14.13
N LEU B 492 -40.45 -12.96 14.98
CA LEU B 492 -41.74 -12.52 15.51
C LEU B 492 -41.84 -12.93 16.98
N SER B 493 -42.76 -12.29 17.74
CA SER B 493 -42.98 -12.63 19.15
C SER B 493 -43.68 -13.98 19.24
N GLN B 494 -43.51 -14.70 20.37
CA GLN B 494 -44.12 -16.03 20.56
C GLN B 494 -45.63 -16.07 20.34
N GLY B 495 -46.33 -15.04 20.83
CA GLY B 495 -47.77 -14.87 20.65
C GLY B 495 -48.16 -14.62 19.21
N GLN B 496 -47.34 -13.82 18.48
CA GLN B 496 -47.53 -13.48 17.06
C GLN B 496 -47.38 -14.70 16.17
N ARG B 497 -46.53 -15.67 16.58
CA ARG B 497 -46.32 -16.91 15.85
C ARG B 497 -47.55 -17.80 15.97
N GLN B 498 -48.21 -17.78 17.15
CA GLN B 498 -49.42 -18.56 17.43
C GLN B 498 -50.59 -18.03 16.59
N LEU B 499 -50.69 -16.70 16.44
CA LEU B 499 -51.73 -16.03 15.64
C LEU B 499 -51.64 -16.45 14.18
N LEU B 500 -50.41 -16.66 13.67
CA LEU B 500 -50.15 -17.13 12.32
C LEU B 500 -50.55 -18.60 12.18
N ALA B 501 -50.35 -19.40 13.25
CA ALA B 501 -50.70 -20.83 13.30
C ALA B 501 -52.23 -21.01 13.30
N ILE B 502 -52.94 -20.13 14.02
CA ILE B 502 -54.40 -20.10 14.11
C ILE B 502 -54.97 -19.73 12.73
N THR B 503 -54.40 -18.69 12.07
CA THR B 503 -54.81 -18.22 10.74
C THR B 503 -54.64 -19.32 9.68
N ARG B 504 -53.46 -20.00 9.68
CA ARG B 504 -53.11 -21.09 8.77
C ARG B 504 -54.11 -22.26 8.86
N ALA B 505 -54.53 -22.61 10.09
CA ALA B 505 -55.50 -23.68 10.36
C ALA B 505 -56.91 -23.30 9.92
N PHE B 506 -57.31 -22.02 10.14
CA PHE B 506 -58.63 -21.53 9.72
C PHE B 506 -58.73 -21.39 8.20
N LEU B 507 -57.60 -21.05 7.54
CA LEU B 507 -57.51 -20.94 6.08
C LEU B 507 -57.63 -22.30 5.43
N ALA B 508 -57.18 -23.37 6.13
CA ALA B 508 -57.25 -24.76 5.67
C ALA B 508 -58.70 -25.26 5.60
N ASN B 509 -59.60 -24.57 6.34
CA ASN B 509 -61.05 -24.82 6.45
C ASN B 509 -61.40 -26.31 6.73
N PRO B 510 -61.02 -26.87 7.90
CA PRO B 510 -61.37 -28.29 8.15
C PRO B 510 -62.73 -28.44 8.82
N LYS B 511 -63.40 -29.59 8.61
CA LYS B 511 -64.70 -29.85 9.26
C LYS B 511 -64.54 -30.10 10.77
N ILE B 512 -63.38 -30.66 11.17
CA ILE B 512 -62.99 -30.90 12.57
C ILE B 512 -61.72 -30.06 12.81
N LEU B 513 -61.74 -29.17 13.82
CA LEU B 513 -60.60 -28.30 14.14
C LEU B 513 -60.14 -28.52 15.58
N ILE B 514 -58.82 -28.63 15.78
CA ILE B 514 -58.26 -28.81 17.12
C ILE B 514 -57.39 -27.60 17.51
N LEU B 515 -57.75 -26.94 18.64
CA LEU B 515 -57.03 -25.78 19.15
C LEU B 515 -56.30 -26.11 20.46
N ASP B 516 -55.30 -27.03 20.36
CA ASP B 516 -54.48 -27.48 21.50
C ASP B 516 -53.52 -26.37 21.94
N ALA B 517 -53.84 -25.72 23.09
CA ALA B 517 -53.09 -24.62 23.71
C ALA B 517 -52.69 -23.53 22.68
N ALA B 518 -53.66 -23.15 21.82
CA ALA B 518 -53.51 -22.17 20.74
C ALA B 518 -53.18 -20.74 21.19
N THR B 519 -53.59 -20.36 22.41
CA THR B 519 -53.35 -19.03 22.96
C THR B 519 -52.53 -19.08 24.26
N SER B 520 -51.41 -19.84 24.25
CA SER B 520 -50.50 -19.97 25.39
C SER B 520 -49.77 -18.66 25.68
N ASN B 521 -49.21 -18.04 24.61
CA ASN B 521 -48.45 -16.79 24.67
C ASN B 521 -49.25 -15.56 24.18
N VAL B 522 -50.51 -15.77 23.74
CA VAL B 522 -51.40 -14.71 23.30
C VAL B 522 -52.04 -14.08 24.54
N ASP B 523 -51.91 -12.76 24.72
CA ASP B 523 -52.44 -12.00 25.87
C ASP B 523 -53.96 -12.04 25.95
N THR B 524 -54.51 -11.97 27.18
CA THR B 524 -55.95 -12.01 27.50
C THR B 524 -56.78 -10.95 26.76
N LYS B 525 -56.19 -9.78 26.49
CA LYS B 525 -56.83 -8.65 25.79
C LYS B 525 -57.13 -9.03 24.32
N THR B 526 -56.14 -9.63 23.62
CA THR B 526 -56.26 -10.08 22.24
C THR B 526 -57.12 -11.35 22.16
N GLU B 527 -56.95 -12.26 23.15
CA GLU B 527 -57.67 -13.53 23.33
C GLU B 527 -59.19 -13.30 23.38
N LYS B 528 -59.62 -12.24 24.08
CA LYS B 528 -61.02 -11.83 24.23
C LYS B 528 -61.55 -11.28 22.89
N SER B 529 -60.71 -10.50 22.18
CA SER B 529 -61.03 -9.88 20.89
C SER B 529 -61.23 -10.88 19.76
N ILE B 530 -60.40 -11.94 19.69
CA ILE B 530 -60.49 -12.96 18.64
C ILE B 530 -61.70 -13.87 18.84
N GLN B 531 -61.88 -14.41 20.07
CA GLN B 531 -62.97 -15.31 20.48
C GLN B 531 -64.35 -14.93 19.94
N ALA B 532 -64.66 -13.61 19.90
CA ALA B 532 -65.91 -13.05 19.40
C ALA B 532 -66.07 -13.23 17.89
N ALA B 533 -65.00 -12.97 17.11
CA ALA B 533 -64.97 -13.11 15.65
C ALA B 533 -64.74 -14.57 15.22
N MET B 534 -64.06 -15.35 16.08
CA MET B 534 -63.71 -16.76 15.88
C MET B 534 -64.95 -17.66 15.86
N TRP B 535 -65.94 -17.39 16.74
CA TRP B 535 -67.19 -18.14 16.87
C TRP B 535 -67.97 -18.26 15.55
N LYS B 536 -67.99 -17.18 14.74
CA LYS B 536 -68.65 -17.13 13.43
C LYS B 536 -67.93 -18.06 12.44
N LEU B 537 -66.59 -18.14 12.55
CA LEU B 537 -65.74 -19.00 11.71
C LEU B 537 -65.54 -20.40 12.33
N MET B 538 -66.19 -20.67 13.47
CA MET B 538 -66.13 -21.94 14.18
C MET B 538 -67.46 -22.68 14.15
N GLU B 539 -68.60 -21.94 14.03
CA GLU B 539 -69.94 -22.51 13.95
C GLU B 539 -70.14 -23.35 12.68
N GLY B 540 -70.89 -24.44 12.81
CA GLY B 540 -71.14 -25.39 11.73
C GLY B 540 -69.96 -26.32 11.53
N LYS B 541 -69.00 -26.30 12.47
CA LYS B 541 -67.78 -27.11 12.48
C LYS B 541 -67.56 -27.68 13.89
N THR B 542 -67.22 -28.99 13.96
CA THR B 542 -66.91 -29.70 15.21
C THR B 542 -65.51 -29.28 15.65
N SER B 543 -65.32 -28.94 16.93
CA SER B 543 -64.01 -28.50 17.41
C SER B 543 -63.65 -29.00 18.82
N ILE B 544 -62.35 -29.30 19.02
CA ILE B 544 -61.78 -29.76 20.29
C ILE B 544 -60.77 -28.70 20.75
N ILE B 545 -61.09 -27.98 21.84
CA ILE B 545 -60.23 -26.90 22.35
C ILE B 545 -59.57 -27.29 23.67
N ILE B 546 -58.24 -27.46 23.67
CA ILE B 546 -57.45 -27.78 24.86
C ILE B 546 -56.90 -26.46 25.41
N ALA B 547 -57.22 -26.15 26.68
CA ALA B 547 -56.77 -24.93 27.33
C ALA B 547 -56.62 -25.04 28.83
N HIS B 548 -55.62 -24.35 29.38
CA HIS B 548 -55.36 -24.24 30.82
C HIS B 548 -55.98 -22.92 31.32
N ARG B 549 -56.42 -22.07 30.37
CA ARG B 549 -57.10 -20.80 30.62
C ARG B 549 -58.60 -21.12 30.53
N LEU B 550 -59.10 -21.80 31.56
CA LEU B 550 -60.48 -22.29 31.73
C LEU B 550 -61.58 -21.25 31.49
N ASN B 551 -61.30 -19.96 31.75
CA ASN B 551 -62.22 -18.83 31.58
C ASN B 551 -62.67 -18.61 30.11
N THR B 552 -61.95 -19.17 29.13
CA THR B 552 -62.26 -19.06 27.70
C THR B 552 -63.11 -20.24 27.22
N ILE B 553 -62.79 -21.46 27.70
CA ILE B 553 -63.46 -22.72 27.34
C ILE B 553 -64.72 -23.01 28.19
N LYS B 554 -65.14 -22.06 29.06
CA LYS B 554 -66.35 -22.21 29.90
C LYS B 554 -67.66 -22.11 29.09
N ASN B 555 -67.58 -21.52 27.90
CA ASN B 555 -68.71 -21.32 26.98
C ASN B 555 -68.99 -22.55 26.10
N ALA B 556 -68.10 -23.57 26.16
CA ALA B 556 -68.19 -24.81 25.38
C ALA B 556 -69.44 -25.64 25.66
N ASP B 557 -69.91 -26.37 24.63
CA ASP B 557 -71.09 -27.25 24.68
C ASP B 557 -70.85 -28.45 25.60
N LEU B 558 -69.60 -28.92 25.68
CA LEU B 558 -69.17 -30.05 26.51
C LEU B 558 -67.75 -29.82 27.00
N ILE B 559 -67.50 -30.12 28.30
CA ILE B 559 -66.19 -29.99 28.92
C ILE B 559 -65.78 -31.37 29.46
N ILE B 560 -64.71 -31.94 28.88
CA ILE B 560 -64.17 -33.24 29.27
C ILE B 560 -63.00 -33.00 30.23
N VAL B 561 -63.21 -33.29 31.52
CA VAL B 561 -62.20 -33.11 32.56
C VAL B 561 -61.36 -34.38 32.68
N LEU B 562 -60.06 -34.25 32.46
CA LEU B 562 -59.08 -35.34 32.49
C LEU B 562 -58.17 -35.22 33.72
N ARG B 563 -57.60 -36.36 34.17
CA ARG B 563 -56.69 -36.46 35.32
C ARG B 563 -56.06 -37.86 35.32
N ASP B 564 -54.71 -37.93 35.31
CA ASP B 564 -53.90 -39.17 35.32
C ASP B 564 -54.30 -40.15 34.19
N GLY B 565 -54.61 -39.60 33.02
CA GLY B 565 -55.01 -40.37 31.84
C GLY B 565 -56.38 -41.00 31.90
N GLU B 566 -57.30 -40.39 32.68
CA GLU B 566 -58.68 -40.87 32.83
C GLU B 566 -59.67 -39.72 32.85
N ILE B 567 -60.85 -39.92 32.24
CA ILE B 567 -61.91 -38.92 32.23
C ILE B 567 -62.61 -38.99 33.59
N VAL B 568 -62.41 -37.96 34.43
CA VAL B 568 -63.00 -37.92 35.77
C VAL B 568 -64.40 -37.29 35.73
N GLU B 569 -64.52 -36.10 35.12
CA GLU B 569 -65.78 -35.37 35.01
C GLU B 569 -66.11 -35.02 33.55
N MET B 570 -67.42 -34.92 33.22
CA MET B 570 -67.94 -34.58 31.90
C MET B 570 -69.27 -33.84 32.02
N GLY B 571 -69.44 -32.80 31.19
CA GLY B 571 -70.65 -31.99 31.16
C GLY B 571 -70.38 -30.51 30.94
N LYS B 572 -71.41 -29.68 31.18
CA LYS B 572 -71.32 -28.22 31.01
C LYS B 572 -70.72 -27.54 32.25
N HIS B 573 -70.13 -26.34 32.03
CA HIS B 573 -69.46 -25.50 33.03
C HIS B 573 -70.25 -25.31 34.34
N ASP B 574 -71.49 -24.79 34.26
CA ASP B 574 -72.36 -24.52 35.40
C ASP B 574 -72.71 -25.77 36.22
N GLU B 575 -72.85 -26.92 35.53
CA GLU B 575 -73.14 -28.23 36.12
C GLU B 575 -71.94 -28.72 36.93
N LEU B 576 -70.71 -28.58 36.36
CA LEU B 576 -69.45 -29.01 36.98
C LEU B 576 -69.01 -28.13 38.15
N ILE B 577 -69.38 -26.82 38.11
CA ILE B 577 -69.05 -25.85 39.16
C ILE B 577 -69.86 -26.15 40.44
N GLN B 578 -71.20 -26.35 40.31
CA GLN B 578 -72.07 -26.67 41.45
C GLN B 578 -71.83 -28.08 42.01
N LYS B 579 -71.16 -28.95 41.22
CA LYS B 579 -70.79 -30.31 41.60
C LYS B 579 -69.64 -30.30 42.62
N ARG B 580 -68.87 -29.18 42.66
CA ARG B 580 -67.72 -28.92 43.54
C ARG B 580 -66.63 -30.00 43.43
N GLY B 581 -66.43 -30.50 42.20
CA GLY B 581 -65.46 -31.53 41.88
C GLY B 581 -64.07 -31.04 41.58
N PHE B 582 -63.35 -31.81 40.77
CA PHE B 582 -61.97 -31.50 40.36
C PHE B 582 -61.92 -30.37 39.33
N TYR B 583 -63.04 -30.11 38.61
CA TYR B 583 -63.13 -29.00 37.66
C TYR B 583 -63.22 -27.70 38.45
N TYR B 584 -64.02 -27.71 39.53
CA TYR B 584 -64.22 -26.58 40.45
C TYR B 584 -62.89 -26.18 41.08
N GLU B 585 -62.08 -27.18 41.49
CA GLU B 585 -60.76 -26.98 42.09
C GLU B 585 -59.81 -26.34 41.07
N LEU B 586 -59.93 -26.70 39.78
CA LEU B 586 -59.13 -26.15 38.68
C LEU B 586 -59.54 -24.72 38.36
N PHE B 587 -60.85 -24.44 38.31
CA PHE B 587 -61.39 -23.12 38.00
C PHE B 587 -61.10 -22.10 39.10
N THR B 588 -61.25 -22.50 40.38
CA THR B 588 -61.02 -21.64 41.55
C THR B 588 -59.54 -21.28 41.70
N SER B 589 -58.63 -22.23 41.37
CA SER B 589 -57.18 -22.06 41.45
C SER B 589 -56.63 -20.94 40.55
N GLN B 590 -57.45 -20.46 39.60
CA GLN B 590 -57.11 -19.40 38.65
C GLN B 590 -56.95 -18.03 39.33
N TYR B 591 -57.59 -17.83 40.51
CA TYR B 591 -57.59 -16.55 41.24
C TYR B 591 -56.97 -16.66 42.62
N SER C 11 37.89 49.66 -3.12
CA SER C 11 38.69 50.30 -2.07
C SER C 11 39.17 49.30 -1.02
N LYS C 12 40.16 49.71 -0.19
CA LYS C 12 40.74 48.92 0.90
C LYS C 12 39.68 48.62 1.98
N THR C 13 38.81 49.62 2.28
CA THR C 13 37.72 49.53 3.26
C THR C 13 36.73 48.39 2.95
N LEU C 14 36.66 47.98 1.67
CA LEU C 14 35.81 46.90 1.16
C LEU C 14 36.62 45.58 1.04
N ALA C 15 37.94 45.70 0.85
CA ALA C 15 38.91 44.60 0.76
C ALA C 15 39.21 44.02 2.15
N ARG C 16 38.96 44.82 3.21
CA ARG C 16 39.14 44.49 4.63
C ARG C 16 38.24 43.31 5.05
N TYR C 17 37.10 43.12 4.37
CA TYR C 17 36.14 42.03 4.63
C TYR C 17 36.68 40.64 4.27
N LEU C 18 37.77 40.59 3.49
CA LEU C 18 38.45 39.35 3.09
C LEU C 18 39.68 39.08 3.97
N LYS C 19 40.22 40.13 4.63
CA LYS C 19 41.39 40.07 5.52
C LYS C 19 41.31 38.98 6.62
N PRO C 20 40.19 38.75 7.38
CA PRO C 20 40.20 37.68 8.38
C PRO C 20 40.22 36.25 7.81
N TYR C 21 40.01 36.12 6.49
CA TYR C 21 40.00 34.83 5.78
C TYR C 21 41.14 34.80 4.73
N TRP C 22 42.29 35.44 5.05
CA TRP C 22 43.45 35.54 4.18
C TRP C 22 44.17 34.20 3.93
N ILE C 23 44.11 33.26 4.91
CA ILE C 23 44.72 31.92 4.84
C ILE C 23 44.16 31.18 3.62
N PHE C 24 42.83 31.12 3.50
CA PHE C 24 42.13 30.49 2.38
C PHE C 24 42.27 31.35 1.10
N ALA C 25 42.40 32.69 1.26
CA ALA C 25 42.56 33.63 0.15
C ALA C 25 43.89 33.50 -0.59
N VAL C 26 44.92 32.94 0.08
CA VAL C 26 46.25 32.72 -0.48
C VAL C 26 46.43 31.25 -0.92
N LEU C 27 45.72 30.32 -0.24
CA LEU C 27 45.78 28.88 -0.56
C LEU C 27 45.04 28.54 -1.85
N ALA C 28 43.89 29.20 -2.11
CA ALA C 28 43.07 29.00 -3.30
C ALA C 28 43.85 29.24 -4.63
N PRO C 29 44.56 30.38 -4.86
CA PRO C 29 45.31 30.51 -6.13
C PRO C 29 46.58 29.65 -6.15
N LEU C 30 47.11 29.29 -4.96
CA LEU C 30 48.29 28.43 -4.79
C LEU C 30 47.96 27.00 -5.20
N PHE C 31 46.75 26.50 -4.83
CA PHE C 31 46.26 25.16 -5.18
C PHE C 31 45.96 25.03 -6.67
N MET C 32 45.67 26.16 -7.35
CA MET C 32 45.42 26.24 -8.79
C MET C 32 46.73 25.95 -9.55
N VAL C 33 47.86 26.48 -9.04
CA VAL C 33 49.22 26.30 -9.59
C VAL C 33 49.55 24.80 -9.56
N VAL C 34 49.21 24.12 -8.42
CA VAL C 34 49.39 22.67 -8.19
C VAL C 34 48.65 21.87 -9.28
N GLU C 35 47.43 22.32 -9.64
CA GLU C 35 46.63 21.69 -10.68
C GLU C 35 47.26 21.97 -12.06
N VAL C 36 47.61 23.24 -12.35
CA VAL C 36 48.21 23.73 -13.59
C VAL C 36 49.52 22.98 -13.93
N ILE C 37 50.43 22.82 -12.96
CA ILE C 37 51.70 22.11 -13.16
C ILE C 37 51.45 20.62 -13.50
N CYS C 38 50.37 20.04 -12.95
CA CYS C 38 49.97 18.65 -13.19
C CYS C 38 49.33 18.46 -14.56
N ASP C 39 48.50 19.43 -15.01
CA ASP C 39 47.84 19.37 -16.32
C ASP C 39 48.82 19.64 -17.46
N LEU C 40 49.89 20.43 -17.20
CA LEU C 40 50.93 20.72 -18.19
C LEU C 40 51.92 19.55 -18.30
N SER C 41 51.95 18.68 -17.27
CA SER C 41 52.80 17.48 -17.23
C SER C 41 52.14 16.31 -17.96
N GLN C 42 50.80 16.35 -18.13
CA GLN C 42 49.98 15.34 -18.82
C GLN C 42 50.50 14.97 -20.23
N PRO C 43 50.82 15.91 -21.16
CA PRO C 43 51.32 15.48 -22.49
C PRO C 43 52.68 14.77 -22.45
N THR C 44 53.56 15.16 -21.50
CA THR C 44 54.90 14.58 -21.34
C THR C 44 54.84 13.18 -20.70
N LEU C 45 53.97 13.00 -19.69
CA LEU C 45 53.81 11.73 -18.98
C LEU C 45 53.05 10.67 -19.80
N LEU C 46 52.15 11.11 -20.70
CA LEU C 46 51.40 10.22 -21.59
C LEU C 46 52.27 9.84 -22.80
N ALA C 47 53.31 10.66 -23.10
CA ALA C 47 54.25 10.40 -24.19
C ALA C 47 55.27 9.36 -23.72
N ARG C 48 55.71 9.45 -22.45
CA ARG C 48 56.67 8.53 -21.85
C ARG C 48 56.14 7.11 -21.71
N ILE C 49 54.82 6.95 -21.44
CA ILE C 49 54.20 5.63 -21.29
C ILE C 49 54.06 4.90 -22.65
N VAL C 50 53.94 5.65 -23.77
CA VAL C 50 53.77 5.06 -25.11
C VAL C 50 55.08 5.02 -25.91
N ALA C 51 55.76 6.17 -26.09
CA ALA C 51 57.02 6.27 -26.85
C ALA C 51 58.25 5.63 -26.17
N GLU C 52 58.20 5.47 -24.84
CA GLU C 52 59.31 4.86 -24.09
C GLU C 52 58.91 3.53 -23.44
N GLY C 53 57.69 3.46 -22.93
CA GLY C 53 57.17 2.25 -22.28
C GLY C 53 56.75 1.19 -23.28
N ILE C 54 55.63 1.43 -23.98
CA ILE C 54 55.03 0.54 -24.96
C ILE C 54 55.96 0.29 -26.17
N ALA C 55 56.53 1.37 -26.75
CA ALA C 55 57.43 1.31 -27.92
C ALA C 55 58.65 0.41 -27.73
N ARG C 56 59.34 0.51 -26.58
CA ARG C 56 60.50 -0.31 -26.25
C ARG C 56 60.10 -1.75 -25.89
N GLY C 57 58.84 -1.92 -25.45
CA GLY C 57 58.26 -3.20 -25.07
C GLY C 57 58.32 -3.52 -23.59
N ASP C 58 59.23 -2.82 -22.86
CA ASP C 58 59.50 -2.98 -21.43
C ASP C 58 58.28 -2.68 -20.55
N PHE C 59 57.66 -3.75 -20.00
CA PHE C 59 56.48 -3.66 -19.12
C PHE C 59 56.78 -3.01 -17.77
N SER C 60 58.03 -3.15 -17.27
CA SER C 60 58.47 -2.55 -16.00
C SER C 60 58.48 -1.02 -16.09
N LEU C 61 58.66 -0.46 -17.30
CA LEU C 61 58.67 0.98 -17.58
C LEU C 61 57.24 1.49 -17.87
N VAL C 62 56.33 0.59 -18.32
CA VAL C 62 54.93 0.91 -18.60
C VAL C 62 54.23 1.21 -17.26
N LEU C 63 54.38 0.30 -16.28
CA LEU C 63 53.80 0.44 -14.93
C LEU C 63 54.43 1.58 -14.14
N LYS C 64 55.75 1.80 -14.33
CA LYS C 64 56.53 2.86 -13.68
C LYS C 64 55.98 4.24 -14.04
N THR C 65 55.65 4.44 -15.34
CA THR C 65 55.06 5.68 -15.88
C THR C 65 53.55 5.69 -15.58
N GLY C 66 52.95 4.50 -15.59
CA GLY C 66 51.53 4.27 -15.31
C GLY C 66 51.11 4.71 -13.93
N ILE C 67 51.90 4.33 -12.92
CA ILE C 67 51.66 4.72 -11.52
C ILE C 67 51.95 6.20 -11.31
N LEU C 68 52.96 6.75 -12.03
CA LEU C 68 53.37 8.14 -11.98
C LEU C 68 52.30 9.07 -12.56
N MET C 69 51.70 8.70 -13.71
CA MET C 69 50.66 9.51 -14.35
C MET C 69 49.38 9.55 -13.50
N LEU C 70 49.03 8.42 -12.86
CA LEU C 70 47.85 8.33 -12.00
C LEU C 70 48.02 9.08 -10.67
N ILE C 71 49.28 9.19 -10.16
CA ILE C 71 49.51 9.93 -8.91
C ILE C 71 49.59 11.44 -9.20
N VAL C 72 50.13 11.85 -10.39
CA VAL C 72 50.19 13.25 -10.82
C VAL C 72 48.76 13.76 -11.04
N ALA C 73 47.88 12.89 -11.60
CA ALA C 73 46.46 13.18 -11.82
C ALA C 73 45.75 13.32 -10.47
N LEU C 74 46.19 12.54 -9.46
CA LEU C 74 45.65 12.57 -8.10
C LEU C 74 46.08 13.84 -7.39
N ILE C 75 47.33 14.30 -7.63
CA ILE C 75 47.86 15.57 -7.08
C ILE C 75 47.12 16.74 -7.74
N GLY C 76 46.82 16.61 -9.03
CA GLY C 76 46.06 17.58 -9.80
C GLY C 76 44.61 17.66 -9.35
N ALA C 77 44.01 16.50 -8.99
CA ALA C 77 42.64 16.39 -8.50
C ALA C 77 42.50 17.03 -7.12
N VAL C 78 43.45 16.72 -6.19
CA VAL C 78 43.52 17.26 -4.82
C VAL C 78 43.73 18.78 -4.88
N GLY C 79 44.59 19.22 -5.81
CA GLY C 79 44.88 20.63 -6.07
C GLY C 79 43.70 21.36 -6.67
N GLY C 80 42.96 20.66 -7.53
CA GLY C 80 41.77 21.16 -8.20
C GLY C 80 40.60 21.34 -7.26
N ILE C 81 40.30 20.30 -6.44
CA ILE C 81 39.22 20.33 -5.45
C ILE C 81 39.57 21.27 -4.30
N GLY C 82 40.86 21.35 -3.96
CA GLY C 82 41.41 22.22 -2.92
C GLY C 82 41.20 23.69 -3.26
N CYS C 83 41.51 24.07 -4.51
CA CYS C 83 41.33 25.43 -5.03
C CYS C 83 39.85 25.82 -4.96
N THR C 84 38.94 24.91 -5.39
CA THR C 84 37.48 25.10 -5.41
C THR C 84 36.92 25.28 -3.98
N VAL C 85 37.42 24.50 -3.01
CA VAL C 85 37.00 24.54 -1.60
C VAL C 85 37.45 25.85 -0.92
N PHE C 86 38.76 26.19 -1.02
CA PHE C 86 39.34 27.40 -0.42
C PHE C 86 38.79 28.71 -1.01
N ALA C 87 38.43 28.69 -2.31
CA ALA C 87 37.86 29.86 -2.99
C ALA C 87 36.40 30.06 -2.55
N SER C 88 35.66 28.94 -2.33
CA SER C 88 34.27 28.95 -1.87
C SER C 88 34.16 29.45 -0.43
N TYR C 89 35.18 29.16 0.42
CA TYR C 89 35.22 29.60 1.82
C TYR C 89 35.37 31.11 1.89
N ALA C 90 36.51 31.64 1.38
CA ALA C 90 36.84 33.06 1.41
C ALA C 90 35.81 33.98 0.74
N SER C 91 35.21 33.56 -0.39
CA SER C 91 34.21 34.37 -1.11
C SER C 91 32.88 34.44 -0.39
N GLN C 92 32.36 33.29 0.09
CA GLN C 92 31.08 33.22 0.82
C GLN C 92 31.16 33.94 2.16
N ASN C 93 32.32 33.84 2.83
CA ASN C 93 32.59 34.49 4.11
C ASN C 93 32.75 36.00 3.96
N PHE C 94 33.29 36.45 2.80
CA PHE C 94 33.44 37.86 2.44
C PHE C 94 32.05 38.51 2.42
N GLY C 95 31.14 37.86 1.69
CA GLY C 95 29.75 38.27 1.51
C GLY C 95 28.94 38.25 2.79
N ALA C 96 29.01 37.14 3.55
CA ALA C 96 28.31 36.95 4.83
C ALA C 96 28.67 38.04 5.85
N ASP C 97 29.97 38.40 5.94
CA ASP C 97 30.46 39.43 6.83
C ASP C 97 30.07 40.83 6.37
N LEU C 98 30.09 41.07 5.03
CA LEU C 98 29.68 42.36 4.45
C LEU C 98 28.16 42.57 4.58
N ARG C 99 27.35 41.50 4.40
CA ARG C 99 25.88 41.53 4.53
C ARG C 99 25.48 41.90 5.95
N ARG C 100 26.17 41.31 6.94
CA ARG C 100 25.99 41.52 8.38
C ARG C 100 26.34 42.96 8.77
N ASP C 101 27.46 43.48 8.21
CA ASP C 101 27.95 44.83 8.49
C ASP C 101 27.13 45.92 7.79
N LEU C 102 26.45 45.57 6.68
CA LEU C 102 25.58 46.48 5.95
C LEU C 102 24.23 46.59 6.67
N PHE C 103 23.68 45.45 7.13
CA PHE C 103 22.42 45.38 7.87
C PHE C 103 22.54 46.08 9.22
N ARG C 104 23.75 46.05 9.81
CA ARG C 104 24.08 46.73 11.07
C ARG C 104 24.01 48.24 10.83
N LYS C 105 24.53 48.69 9.66
CA LYS C 105 24.51 50.09 9.23
C LYS C 105 23.08 50.52 8.92
N VAL C 106 22.27 49.65 8.28
CA VAL C 106 20.87 49.91 7.95
C VAL C 106 20.04 50.04 9.24
N LEU C 107 20.38 49.25 10.28
CA LEU C 107 19.71 49.31 11.58
C LEU C 107 20.04 50.59 12.33
N SER C 108 21.22 51.19 12.06
CA SER C 108 21.65 52.44 12.69
C SER C 108 20.97 53.67 12.09
N PHE C 109 20.47 53.54 10.84
CA PHE C 109 19.81 54.60 10.08
C PHE C 109 18.54 55.14 10.72
N SER C 110 18.21 56.39 10.38
CA SER C 110 16.99 57.10 10.75
C SER C 110 16.07 56.94 9.51
N ILE C 111 14.82 57.43 9.56
CA ILE C 111 13.93 57.30 8.40
C ILE C 111 14.37 58.20 7.23
N SER C 112 15.04 59.35 7.54
CA SER C 112 15.56 60.29 6.54
C SER C 112 16.72 59.69 5.73
N ASN C 113 17.44 58.70 6.32
CA ASN C 113 18.54 57.98 5.68
C ASN C 113 17.96 56.89 4.76
N VAL C 114 16.87 56.23 5.23
CA VAL C 114 16.14 55.19 4.49
C VAL C 114 15.36 55.83 3.34
N ASN C 115 15.03 57.13 3.45
CA ASN C 115 14.33 57.88 2.40
C ASN C 115 15.26 58.24 1.24
N ARG C 116 16.57 58.39 1.51
CA ARG C 116 17.58 58.69 0.47
C ARG C 116 17.75 57.44 -0.39
N PHE C 117 18.21 56.32 0.21
CA PHE C 117 18.34 55.04 -0.50
C PHE C 117 17.00 54.37 -0.29
N HIS C 118 16.07 54.51 -1.25
CA HIS C 118 14.71 53.95 -1.18
C HIS C 118 14.68 52.52 -0.64
N THR C 119 13.70 52.20 0.24
CA THR C 119 13.57 50.88 0.89
C THR C 119 13.87 49.71 -0.07
N SER C 120 13.27 49.74 -1.27
CA SER C 120 13.45 48.74 -2.34
C SER C 120 14.90 48.64 -2.83
N SER C 121 15.61 49.78 -2.92
CA SER C 121 17.01 49.85 -3.35
C SER C 121 17.94 49.22 -2.32
N LEU C 122 17.67 49.44 -1.01
CA LEU C 122 18.46 48.89 0.09
C LEU C 122 18.47 47.37 0.06
N ILE C 123 17.30 46.75 -0.25
CA ILE C 123 17.12 45.29 -0.34
C ILE C 123 18.10 44.71 -1.37
N THR C 124 18.21 45.37 -2.54
CA THR C 124 19.11 45.00 -3.63
C THR C 124 20.58 45.19 -3.18
N ARG C 125 20.87 46.32 -2.50
CA ARG C 125 22.21 46.68 -1.99
C ARG C 125 22.76 45.66 -0.99
N LEU C 126 21.87 45.05 -0.20
CA LEU C 126 22.20 44.06 0.83
C LEU C 126 22.19 42.62 0.30
N THR C 127 21.60 42.38 -0.90
CA THR C 127 21.53 41.03 -1.47
C THR C 127 22.23 40.92 -2.82
N ASN C 128 21.67 41.55 -3.88
CA ASN C 128 22.18 41.51 -5.25
C ASN C 128 23.54 42.19 -5.44
N ASP C 129 23.74 43.37 -4.84
CA ASP C 129 25.01 44.10 -4.94
C ASP C 129 26.16 43.39 -4.22
N VAL C 130 25.84 42.66 -3.13
CA VAL C 130 26.80 41.86 -2.35
C VAL C 130 27.22 40.64 -3.18
N THR C 131 26.22 39.93 -3.77
CA THR C 131 26.39 38.75 -4.63
C THR C 131 27.39 39.02 -5.77
N GLN C 132 27.25 40.19 -6.45
CA GLN C 132 28.12 40.62 -7.55
C GLN C 132 29.56 40.83 -7.08
N LEU C 133 29.74 41.35 -5.86
CA LEU C 133 31.06 41.57 -5.27
C LEU C 133 31.68 40.26 -4.78
N GLN C 134 30.85 39.32 -4.25
CA GLN C 134 31.37 38.05 -3.75
C GLN C 134 31.70 37.08 -4.90
N ASN C 135 31.02 37.22 -6.07
CA ASN C 135 31.32 36.42 -7.26
C ASN C 135 32.64 36.87 -7.90
N LEU C 136 32.96 38.18 -7.77
CA LEU C 136 34.21 38.78 -8.26
C LEU C 136 35.38 38.21 -7.46
N VAL C 137 35.24 38.17 -6.11
CA VAL C 137 36.23 37.62 -5.18
C VAL C 137 36.42 36.12 -5.48
N MET C 138 35.30 35.39 -5.72
CA MET C 138 35.26 33.96 -6.04
C MET C 138 36.18 33.56 -7.20
N MET C 139 35.98 34.18 -8.38
CA MET C 139 36.79 33.90 -9.57
C MET C 139 38.20 34.49 -9.45
N LEU C 140 38.37 35.57 -8.67
CA LEU C 140 39.66 36.21 -8.45
C LEU C 140 40.58 35.32 -7.60
N LEU C 141 40.00 34.43 -6.78
CA LEU C 141 40.77 33.50 -5.93
C LEU C 141 41.24 32.28 -6.74
N ARG C 142 40.78 32.16 -8.00
CA ARG C 142 41.13 31.05 -8.89
C ARG C 142 42.10 31.44 -10.02
N ILE C 143 41.80 32.53 -10.76
CA ILE C 143 42.62 32.94 -11.91
C ILE C 143 43.40 34.27 -11.69
N VAL C 144 43.84 34.55 -10.44
CA VAL C 144 44.64 35.76 -10.14
C VAL C 144 46.12 35.50 -10.48
N VAL C 145 46.56 34.23 -10.38
CA VAL C 145 47.94 33.82 -10.66
C VAL C 145 47.99 32.82 -11.84
N ARG C 146 46.84 32.18 -12.16
CA ARG C 146 46.75 31.22 -13.27
C ARG C 146 46.91 31.91 -14.63
N ALA C 147 46.15 33.00 -14.86
CA ALA C 147 46.18 33.79 -16.10
C ALA C 147 47.53 34.50 -16.35
N PRO C 148 48.15 35.26 -15.40
CA PRO C 148 49.43 35.92 -15.71
C PRO C 148 50.62 34.96 -15.92
N LEU C 149 50.69 33.85 -15.13
CA LEU C 149 51.78 32.87 -15.24
C LEU C 149 51.74 32.10 -16.57
N LEU C 150 50.52 31.80 -17.08
CA LEU C 150 50.32 31.12 -18.36
C LEU C 150 50.63 32.07 -19.53
N PHE C 151 50.46 33.38 -19.30
CA PHE C 151 50.73 34.45 -20.27
C PHE C 151 52.22 34.78 -20.33
N VAL C 152 52.88 34.89 -19.15
CA VAL C 152 54.31 35.16 -19.03
C VAL C 152 55.10 33.90 -19.48
N GLY C 153 54.65 32.72 -19.04
CA GLY C 153 55.24 31.44 -19.41
C GLY C 153 55.10 31.14 -20.89
N GLY C 154 54.00 31.62 -21.48
CA GLY C 154 53.70 31.49 -22.90
C GLY C 154 54.60 32.34 -23.77
N ILE C 155 54.77 33.65 -23.39
CA ILE C 155 55.63 34.59 -24.13
C ILE C 155 57.10 34.22 -23.97
N VAL C 156 57.49 33.61 -22.82
CA VAL C 156 58.85 33.13 -22.54
C VAL C 156 59.21 32.03 -23.54
N MET C 157 58.24 31.11 -23.81
CA MET C 157 58.40 30.03 -24.79
C MET C 157 58.45 30.54 -26.23
N ALA C 158 57.79 31.69 -26.50
CA ALA C 158 57.77 32.32 -27.82
C ALA C 158 59.10 33.02 -28.09
N VAL C 159 59.68 33.68 -27.07
CA VAL C 159 60.96 34.38 -27.17
C VAL C 159 62.10 33.35 -27.30
N SER C 160 62.01 32.21 -26.57
CA SER C 160 62.99 31.10 -26.59
C SER C 160 63.17 30.51 -28.00
N ILE C 161 62.06 30.40 -28.76
CA ILE C 161 62.07 29.90 -30.14
C ILE C 161 62.67 30.98 -31.05
N ASN C 162 62.04 32.17 -31.10
CA ASN C 162 62.50 33.30 -31.91
C ASN C 162 62.16 34.65 -31.27
N VAL C 163 63.19 35.48 -31.03
CA VAL C 163 63.07 36.82 -30.43
C VAL C 163 62.54 37.82 -31.46
N LYS C 164 63.07 37.76 -32.72
CA LYS C 164 62.70 38.63 -33.83
C LYS C 164 61.24 38.47 -34.26
N LEU C 165 60.71 37.22 -34.18
CA LEU C 165 59.32 36.92 -34.53
C LEU C 165 58.37 37.37 -33.39
N SER C 166 58.89 37.46 -32.16
CA SER C 166 58.11 37.92 -30.99
C SER C 166 57.89 39.46 -31.00
N SER C 167 58.17 40.11 -32.14
CA SER C 167 58.02 41.57 -32.35
C SER C 167 56.59 41.95 -32.74
N VAL C 168 55.89 41.07 -33.49
CA VAL C 168 54.52 41.30 -33.97
C VAL C 168 53.48 41.35 -32.83
N LEU C 169 53.72 40.62 -31.71
CA LEU C 169 52.81 40.62 -30.56
C LEU C 169 52.83 41.95 -29.80
N ILE C 170 53.95 42.70 -29.88
CA ILE C 170 54.14 44.02 -29.27
C ILE C 170 53.26 45.03 -30.03
N PHE C 171 53.16 44.85 -31.37
CA PHE C 171 52.35 45.66 -32.29
C PHE C 171 50.85 45.34 -32.10
N LEU C 172 50.55 44.14 -31.58
CA LEU C 172 49.21 43.61 -31.31
C LEU C 172 48.65 44.08 -29.95
N ILE C 173 49.51 44.53 -29.02
CA ILE C 173 49.14 45.01 -27.67
C ILE C 173 48.34 46.34 -27.71
N PRO C 174 48.72 47.43 -28.46
CA PRO C 174 47.90 48.67 -28.42
C PRO C 174 46.41 48.54 -28.77
N PRO C 175 45.94 47.82 -29.84
CA PRO C 175 44.48 47.77 -30.08
C PRO C 175 43.68 46.95 -29.07
N ILE C 176 44.25 45.83 -28.55
CA ILE C 176 43.56 44.96 -27.57
C ILE C 176 43.41 45.67 -26.21
N VAL C 177 44.42 46.49 -25.81
CA VAL C 177 44.40 47.26 -24.55
C VAL C 177 43.34 48.37 -24.66
N LEU C 178 43.25 49.02 -25.85
CA LEU C 178 42.28 50.07 -26.18
C LEU C 178 40.85 49.56 -26.04
N LEU C 179 40.62 48.27 -26.39
CA LEU C 179 39.33 47.59 -26.28
C LEU C 179 38.93 47.40 -24.82
N PHE C 180 39.90 47.08 -23.92
CA PHE C 180 39.66 46.90 -22.49
C PHE C 180 39.27 48.20 -21.80
N VAL C 181 39.79 49.35 -22.30
CA VAL C 181 39.53 50.70 -21.79
C VAL C 181 38.09 51.10 -22.16
N TRP C 182 37.67 50.81 -23.41
CA TRP C 182 36.35 51.11 -23.97
C TRP C 182 35.25 50.35 -23.22
N LEU C 183 35.54 49.09 -22.84
CA LEU C 183 34.63 48.22 -22.09
C LEU C 183 34.48 48.71 -20.64
N THR C 184 35.46 49.50 -20.14
CA THR C 184 35.45 50.06 -18.79
C THR C 184 34.64 51.36 -18.72
N LYS C 185 34.94 52.31 -19.63
CA LYS C 185 34.29 53.63 -19.72
C LYS C 185 32.79 53.52 -20.04
N LYS C 186 32.44 52.73 -21.08
CA LYS C 186 31.05 52.55 -21.51
C LYS C 186 30.29 51.51 -20.69
N GLY C 187 30.98 50.46 -20.25
CA GLY C 187 30.41 49.35 -19.48
C GLY C 187 29.88 49.68 -18.10
N ASN C 188 30.77 50.15 -17.20
CA ASN C 188 30.49 50.49 -15.79
C ASN C 188 29.14 51.24 -15.54
N PRO C 189 28.79 52.38 -16.21
CA PRO C 189 27.48 53.03 -15.90
C PRO C 189 26.26 52.22 -16.34
N LEU C 190 26.43 51.34 -17.34
CA LEU C 190 25.35 50.49 -17.87
C LEU C 190 24.97 49.34 -16.93
N PHE C 191 25.94 48.79 -16.16
CA PHE C 191 25.67 47.74 -15.17
C PHE C 191 25.02 48.34 -13.92
N ARG C 192 25.27 49.64 -13.68
CA ARG C 192 24.69 50.41 -12.59
C ARG C 192 23.20 50.59 -12.88
N LYS C 193 22.85 50.85 -14.15
CA LYS C 193 21.47 51.02 -14.62
C LYS C 193 20.63 49.73 -14.49
N ILE C 194 21.29 48.55 -14.53
CA ILE C 194 20.64 47.23 -14.35
C ILE C 194 20.27 47.12 -12.86
N GLN C 195 21.25 47.43 -11.97
CA GLN C 195 21.07 47.41 -10.52
C GLN C 195 20.09 48.50 -10.06
N GLU C 196 19.94 49.58 -10.85
CA GLU C 196 18.99 50.66 -10.57
C GLU C 196 17.59 50.24 -11.06
N SER C 197 17.52 49.41 -12.14
CA SER C 197 16.27 48.89 -12.68
C SER C 197 15.71 47.75 -11.82
N THR C 198 16.60 47.02 -11.11
CA THR C 198 16.19 45.94 -10.17
C THR C 198 15.54 46.57 -8.94
N ASP C 199 15.94 47.83 -8.60
CA ASP C 199 15.38 48.60 -7.50
C ASP C 199 13.94 48.98 -7.83
N GLU C 200 13.65 49.23 -9.11
CA GLU C 200 12.31 49.58 -9.58
C GLU C 200 11.37 48.38 -9.59
N VAL C 201 11.85 47.19 -10.04
CA VAL C 201 11.04 45.97 -10.04
C VAL C 201 10.81 45.49 -8.61
N ASN C 202 11.74 45.84 -7.68
CA ASN C 202 11.64 45.57 -6.25
C ASN C 202 10.53 46.45 -5.67
N ARG C 203 10.51 47.74 -6.07
CA ARG C 203 9.55 48.76 -5.65
C ARG C 203 8.12 48.42 -6.08
N VAL C 204 7.95 47.93 -7.32
CA VAL C 204 6.63 47.57 -7.86
C VAL C 204 6.09 46.31 -7.16
N VAL C 205 6.94 45.27 -7.01
CA VAL C 205 6.53 44.03 -6.34
C VAL C 205 6.32 44.27 -4.82
N ARG C 206 7.10 45.18 -4.20
CA ARG C 206 7.00 45.51 -2.77
C ARG C 206 5.69 46.24 -2.44
N GLU C 207 5.37 47.32 -3.18
CA GLU C 207 4.15 48.12 -2.99
C GLU C 207 2.89 47.32 -3.24
N ASN C 208 2.95 46.34 -4.17
CA ASN C 208 1.83 45.45 -4.48
C ASN C 208 1.58 44.46 -3.34
N LEU C 209 2.65 43.88 -2.77
CA LEU C 209 2.57 42.95 -1.63
C LEU C 209 2.07 43.68 -0.39
N LEU C 210 2.60 44.89 -0.14
CA LEU C 210 2.22 45.76 0.99
C LEU C 210 1.14 46.74 0.54
N GLY C 211 -0.06 46.22 0.33
CA GLY C 211 -1.22 46.98 -0.11
C GLY C 211 -1.98 46.30 -1.22
N VAL C 212 -2.12 44.96 -1.13
CA VAL C 212 -2.83 44.12 -2.10
C VAL C 212 -4.36 44.37 -1.99
N ARG C 213 -4.88 44.63 -0.78
CA ARG C 213 -6.29 44.88 -0.51
C ARG C 213 -6.81 46.15 -1.19
N VAL C 214 -5.97 47.20 -1.32
CA VAL C 214 -6.29 48.48 -1.98
C VAL C 214 -6.40 48.27 -3.50
N VAL C 215 -5.46 47.49 -4.07
CA VAL C 215 -5.41 47.15 -5.50
C VAL C 215 -6.67 46.37 -5.92
N ARG C 216 -7.07 45.36 -5.12
CA ARG C 216 -8.24 44.52 -5.37
C ARG C 216 -9.54 45.30 -5.20
N ALA C 217 -9.63 46.14 -4.13
CA ALA C 217 -10.80 46.95 -3.80
C ALA C 217 -11.13 48.03 -4.81
N PHE C 218 -10.11 48.64 -5.42
CA PHE C 218 -10.29 49.69 -6.41
C PHE C 218 -10.17 49.19 -7.86
N ARG C 219 -10.12 47.84 -8.02
CA ARG C 219 -10.05 47.10 -9.30
C ARG C 219 -8.92 47.63 -10.23
N ARG C 220 -7.80 48.06 -9.63
CA ARG C 220 -6.64 48.57 -10.36
C ARG C 220 -5.56 47.49 -10.49
N GLU C 221 -6.00 46.23 -10.70
CA GLU C 221 -5.13 45.07 -10.86
C GLU C 221 -4.42 45.12 -12.21
N GLU C 222 -5.16 45.46 -13.29
CA GLU C 222 -4.67 45.59 -14.67
C GLU C 222 -3.65 46.73 -14.75
N TYR C 223 -3.89 47.83 -14.00
CA TYR C 223 -3.04 49.01 -13.90
C TYR C 223 -1.70 48.65 -13.27
N GLU C 224 -1.72 47.80 -12.24
CA GLU C 224 -0.51 47.33 -11.56
C GLU C 224 0.30 46.36 -12.43
N ASN C 225 -0.38 45.54 -13.27
CA ASN C 225 0.26 44.62 -14.21
C ASN C 225 1.01 45.44 -15.27
N GLU C 226 0.40 46.57 -15.70
CA GLU C 226 0.96 47.52 -16.66
C GLU C 226 2.13 48.27 -16.02
N ASN C 227 2.00 48.64 -14.72
CA ASN C 227 3.03 49.32 -13.93
C ASN C 227 4.25 48.41 -13.77
N PHE C 228 4.00 47.10 -13.63
CA PHE C 228 5.07 46.10 -13.53
C PHE C 228 5.73 45.86 -14.89
N ARG C 229 4.92 45.75 -15.98
CA ARG C 229 5.46 45.51 -17.32
C ARG C 229 6.31 46.69 -17.82
N LYS C 230 6.03 47.93 -17.34
CA LYS C 230 6.81 49.12 -17.66
C LYS C 230 8.18 49.06 -16.97
N ALA C 231 8.24 48.43 -15.78
CA ALA C 231 9.45 48.25 -14.98
C ALA C 231 10.25 47.01 -15.43
N ASN C 232 9.53 45.94 -15.86
CA ASN C 232 10.11 44.69 -16.33
C ASN C 232 10.75 44.87 -17.71
N GLU C 233 10.12 45.70 -18.58
CA GLU C 233 10.66 46.01 -19.91
C GLU C 233 11.88 46.90 -19.77
N SER C 234 11.82 47.91 -18.86
CA SER C 234 12.93 48.83 -18.59
C SER C 234 14.13 48.10 -17.99
N LEU C 235 13.89 46.96 -17.32
CA LEU C 235 14.94 46.12 -16.72
C LEU C 235 15.65 45.31 -17.80
N ARG C 236 14.89 44.56 -18.66
CA ARG C 236 15.48 43.74 -19.73
C ARG C 236 16.18 44.61 -20.79
N ARG C 237 15.70 45.85 -21.01
CA ARG C 237 16.29 46.80 -21.94
C ARG C 237 17.65 47.29 -21.42
N SER C 238 17.79 47.40 -20.08
CA SER C 238 19.04 47.80 -19.43
C SER C 238 20.07 46.67 -19.49
N ILE C 239 19.60 45.40 -19.43
CA ILE C 239 20.43 44.20 -19.49
C ILE C 239 21.00 44.02 -20.90
N ILE C 240 20.13 43.97 -21.93
CA ILE C 240 20.54 43.81 -23.33
C ILE C 240 21.46 44.95 -23.80
N SER C 241 21.28 46.18 -23.26
CA SER C 241 22.10 47.34 -23.62
C SER C 241 23.53 47.28 -23.05
N ALA C 242 23.72 46.62 -21.89
CA ALA C 242 25.03 46.47 -21.25
C ALA C 242 25.76 45.20 -21.70
N PHE C 243 25.00 44.15 -22.06
CA PHE C 243 25.59 42.89 -22.51
C PHE C 243 25.88 42.88 -24.02
N SER C 244 25.31 43.86 -24.77
CA SER C 244 25.55 44.03 -26.21
C SER C 244 26.99 44.52 -26.42
N LEU C 245 27.57 45.15 -25.39
CA LEU C 245 28.96 45.64 -25.38
C LEU C 245 29.91 44.44 -25.36
N ILE C 246 29.55 43.37 -24.62
CA ILE C 246 30.34 42.15 -24.49
C ILE C 246 30.19 41.24 -25.73
N VAL C 247 28.98 41.14 -26.31
CA VAL C 247 28.72 40.31 -27.50
C VAL C 247 29.32 40.94 -28.78
N PHE C 248 29.80 42.20 -28.68
CA PHE C 248 30.44 42.92 -29.79
C PHE C 248 31.95 42.98 -29.59
N ALA C 249 32.41 43.29 -28.35
CA ALA C 249 33.83 43.41 -28.03
C ALA C 249 34.59 42.09 -28.05
N LEU C 250 34.01 41.00 -27.46
CA LEU C 250 34.63 39.67 -27.43
C LEU C 250 34.93 39.10 -28.83
N PRO C 251 33.99 39.08 -29.82
CA PRO C 251 34.34 38.56 -31.15
C PRO C 251 35.29 39.47 -31.92
N LEU C 252 35.25 40.80 -31.63
CA LEU C 252 36.14 41.79 -32.23
C LEU C 252 37.56 41.59 -31.70
N PHE C 253 37.68 41.23 -30.41
CA PHE C 253 38.95 40.93 -29.75
C PHE C 253 39.54 39.63 -30.31
N ILE C 254 38.72 38.54 -30.37
CA ILE C 254 39.17 37.24 -30.88
C ILE C 254 39.54 37.33 -32.38
N PHE C 255 38.99 38.33 -33.12
CA PHE C 255 39.36 38.58 -34.51
C PHE C 255 40.81 39.08 -34.56
N ILE C 256 41.15 40.13 -33.76
CA ILE C 256 42.50 40.71 -33.66
C ILE C 256 43.49 39.64 -33.16
N VAL C 257 43.02 38.76 -32.25
CA VAL C 257 43.74 37.63 -31.69
C VAL C 257 44.14 36.64 -32.82
N ASN C 258 43.17 36.25 -33.66
CA ASN C 258 43.38 35.34 -34.80
C ASN C 258 44.15 36.00 -35.95
N MET C 259 44.16 37.36 -35.99
CA MET C 259 44.91 38.14 -36.98
C MET C 259 46.40 38.10 -36.62
N GLY C 260 46.67 37.81 -35.34
CA GLY C 260 48.02 37.66 -34.79
C GLY C 260 48.74 36.47 -35.38
N MET C 261 47.99 35.40 -35.72
CA MET C 261 48.50 34.18 -36.34
C MET C 261 49.00 34.49 -37.76
N ILE C 262 48.20 35.26 -38.53
CA ILE C 262 48.51 35.71 -39.89
C ILE C 262 49.76 36.61 -39.88
N ALA C 263 49.87 37.47 -38.84
CA ALA C 263 51.02 38.36 -38.63
C ALA C 263 52.30 37.54 -38.34
N VAL C 264 52.15 36.41 -37.63
CA VAL C 264 53.24 35.49 -37.30
C VAL C 264 53.64 34.68 -38.55
N LEU C 265 52.66 34.16 -39.30
CA LEU C 265 52.90 33.39 -40.51
C LEU C 265 53.54 34.24 -41.61
N TRP C 266 53.12 35.52 -41.74
CA TRP C 266 53.67 36.45 -42.75
C TRP C 266 55.10 36.86 -42.42
N PHE C 267 55.34 37.37 -41.21
CA PHE C 267 56.67 37.79 -40.77
C PHE C 267 57.64 36.62 -40.64
N GLY C 268 57.12 35.45 -40.22
CA GLY C 268 57.86 34.21 -40.10
C GLY C 268 58.31 33.71 -41.45
N GLY C 269 57.47 33.94 -42.46
CA GLY C 269 57.74 33.62 -43.86
C GLY C 269 58.91 34.42 -44.39
N VAL C 270 58.99 35.71 -43.98
CA VAL C 270 60.05 36.65 -44.34
C VAL C 270 61.37 36.20 -43.65
N LEU C 271 61.27 35.77 -42.37
CA LEU C 271 62.42 35.30 -41.57
C LEU C 271 63.03 34.02 -42.12
N VAL C 272 62.18 33.02 -42.52
CA VAL C 272 62.62 31.75 -43.11
C VAL C 272 63.26 32.02 -44.49
N ARG C 273 62.68 32.99 -45.25
CA ARG C 273 63.18 33.45 -46.57
C ARG C 273 64.55 34.10 -46.44
N ASN C 274 64.82 34.74 -45.28
CA ASN C 274 66.08 35.40 -44.98
C ASN C 274 66.99 34.56 -44.05
N ASN C 275 66.53 33.31 -43.75
CA ASN C 275 67.19 32.30 -42.91
C ASN C 275 67.57 32.82 -41.51
N GLN C 276 66.55 33.29 -40.78
CA GLN C 276 66.67 33.82 -39.41
C GLN C 276 65.84 32.94 -38.46
N MET C 277 65.01 32.06 -39.04
CA MET C 277 64.15 31.12 -38.32
C MET C 277 64.12 29.77 -39.05
N GLU C 278 64.10 28.66 -38.28
CA GLU C 278 64.06 27.29 -38.79
C GLU C 278 62.64 26.87 -39.16
N ILE C 279 62.52 25.91 -40.10
CA ILE C 279 61.25 25.35 -40.58
C ILE C 279 60.57 24.49 -39.51
N GLY C 280 61.36 23.86 -38.65
CA GLY C 280 60.88 23.03 -37.55
C GLY C 280 60.42 23.87 -36.37
N SER C 281 60.98 25.09 -36.24
CA SER C 281 60.68 26.05 -35.18
C SER C 281 59.27 26.65 -35.28
N ILE C 282 58.74 26.82 -36.52
CA ILE C 282 57.41 27.38 -36.74
C ILE C 282 56.28 26.45 -36.25
N MET C 283 56.50 25.12 -36.30
CA MET C 283 55.55 24.08 -35.89
C MET C 283 55.22 24.19 -34.40
N ALA C 284 56.24 24.46 -33.55
CA ALA C 284 56.10 24.61 -32.10
C ALA C 284 55.59 26.01 -31.71
N TYR C 285 56.02 27.05 -32.46
CA TYR C 285 55.65 28.46 -32.24
C TYR C 285 54.14 28.68 -32.32
N THR C 286 53.46 27.98 -33.26
CA THR C 286 52.01 28.05 -33.47
C THR C 286 51.21 27.63 -32.24
N ASN C 287 51.70 26.59 -31.52
CA ASN C 287 51.06 26.06 -30.31
C ASN C 287 51.17 27.02 -29.13
N TYR C 288 52.39 27.53 -28.83
CA TYR C 288 52.60 28.46 -27.71
C TYR C 288 52.02 29.85 -27.97
N LEU C 289 51.76 30.21 -29.26
CA LEU C 289 51.16 31.50 -29.61
C LEU C 289 49.68 31.50 -29.21
N MET C 290 48.99 30.36 -29.40
CA MET C 290 47.58 30.16 -29.04
C MET C 290 47.41 30.22 -27.52
N GLN C 291 48.43 29.76 -26.76
CA GLN C 291 48.48 29.76 -25.30
C GLN C 291 48.54 31.20 -24.77
N ILE C 292 49.29 32.10 -25.47
CA ILE C 292 49.43 33.52 -25.15
C ILE C 292 48.07 34.20 -25.35
N MET C 293 47.40 33.90 -26.47
CA MET C 293 46.10 34.43 -26.85
C MET C 293 44.97 33.98 -25.93
N PHE C 294 44.99 32.69 -25.53
CA PHE C 294 44.01 32.10 -24.59
C PHE C 294 44.13 32.75 -23.21
N SER C 295 45.38 33.04 -22.78
CA SER C 295 45.68 33.69 -21.51
C SER C 295 45.32 35.17 -21.54
N LEU C 296 45.39 35.80 -22.74
CA LEU C 296 45.05 37.21 -22.96
C LEU C 296 43.53 37.43 -22.82
N MET C 297 42.74 36.39 -23.15
CA MET C 297 41.28 36.37 -23.06
C MET C 297 40.84 36.39 -21.58
N MET C 298 41.62 35.73 -20.70
CA MET C 298 41.39 35.65 -19.26
C MET C 298 41.60 37.01 -18.58
N ILE C 299 42.53 37.83 -19.11
CA ILE C 299 42.83 39.19 -18.62
C ILE C 299 41.66 40.13 -19.00
N GLY C 300 40.99 39.82 -20.11
CA GLY C 300 39.83 40.56 -20.59
C GLY C 300 38.58 40.20 -19.79
N ASN C 301 38.47 38.90 -19.42
CA ASN C 301 37.37 38.33 -18.64
C ASN C 301 37.30 38.90 -17.22
N ILE C 302 38.48 39.10 -16.56
CA ILE C 302 38.55 39.69 -15.22
C ILE C 302 38.05 41.15 -15.24
N LEU C 303 38.36 41.89 -16.34
CA LEU C 303 37.92 43.26 -16.58
C LEU C 303 36.41 43.34 -16.82
N ASN C 304 35.81 42.27 -17.41
CA ASN C 304 34.37 42.16 -17.65
C ASN C 304 33.62 41.96 -16.32
N PHE C 305 34.27 41.30 -15.34
CA PHE C 305 33.69 41.10 -14.03
C PHE C 305 34.00 42.27 -13.11
N ILE C 306 35.12 42.99 -13.36
CA ILE C 306 35.51 44.18 -12.61
C ILE C 306 34.53 45.33 -12.88
N VAL C 307 34.12 45.53 -14.15
CA VAL C 307 33.18 46.59 -14.55
C VAL C 307 31.77 46.37 -13.96
N ARG C 308 31.35 45.10 -13.82
CA ARG C 308 30.05 44.75 -13.24
C ARG C 308 30.11 44.94 -11.71
N ALA C 309 31.22 44.51 -11.07
CA ALA C 309 31.43 44.62 -9.63
C ALA C 309 31.67 46.06 -9.17
N SER C 310 32.27 46.92 -10.03
CA SER C 310 32.57 48.33 -9.73
C SER C 310 31.31 49.16 -9.50
N ALA C 311 30.21 48.82 -10.23
CA ALA C 311 28.92 49.49 -10.12
C ALA C 311 28.26 49.09 -8.78
N SER C 312 28.42 47.81 -8.38
CA SER C 312 27.91 47.26 -7.12
C SER C 312 28.71 47.75 -5.91
N ALA C 313 30.04 47.91 -6.09
CA ALA C 313 30.96 48.39 -5.06
C ALA C 313 30.65 49.83 -4.65
N LYS C 314 30.24 50.67 -5.63
CA LYS C 314 29.87 52.07 -5.39
C LYS C 314 28.57 52.13 -4.56
N ARG C 315 27.58 51.29 -4.94
CA ARG C 315 26.28 51.17 -4.29
C ARG C 315 26.39 50.64 -2.85
N VAL C 316 27.31 49.68 -2.62
CA VAL C 316 27.55 49.08 -1.30
C VAL C 316 28.26 50.08 -0.38
N LEU C 317 29.35 50.71 -0.87
CA LEU C 317 30.15 51.67 -0.12
C LEU C 317 29.40 52.93 0.31
N GLU C 318 28.52 53.49 -0.55
CA GLU C 318 27.76 54.70 -0.20
C GLU C 318 26.77 54.47 0.96
N VAL C 319 26.30 53.21 1.15
CA VAL C 319 25.41 52.82 2.24
C VAL C 319 26.24 52.78 3.53
N LEU C 320 27.42 52.14 3.48
CA LEU C 320 28.36 52.03 4.61
C LEU C 320 28.93 53.38 5.02
N ASN C 321 29.11 54.30 4.04
CA ASN C 321 29.65 55.64 4.29
C ASN C 321 28.58 56.67 4.72
N GLU C 322 27.28 56.30 4.62
CA GLU C 322 26.18 57.17 5.01
C GLU C 322 26.10 57.28 6.55
N LYS C 323 26.23 58.51 7.05
CA LYS C 323 26.15 58.81 8.49
C LYS C 323 24.68 59.01 8.90
N PRO C 324 24.18 58.27 9.93
CA PRO C 324 22.78 58.43 10.33
C PRO C 324 22.46 59.81 10.89
N ALA C 325 21.21 60.28 10.70
CA ALA C 325 20.73 61.59 11.15
C ALA C 325 20.92 61.78 12.66
N ILE C 326 20.65 60.72 13.45
CA ILE C 326 20.81 60.71 14.90
C ILE C 326 22.04 59.86 15.25
N GLU C 327 23.04 60.49 15.89
CA GLU C 327 24.30 59.85 16.28
C GLU C 327 24.67 60.19 17.73
N GLU C 328 25.24 59.20 18.43
CA GLU C 328 25.67 59.34 19.82
C GLU C 328 27.00 60.12 19.86
N ALA C 329 27.14 61.01 20.86
CA ALA C 329 28.35 61.84 21.05
C ALA C 329 29.56 61.02 21.52
N ASP C 330 30.78 61.55 21.30
CA ASP C 330 32.01 60.88 21.72
C ASP C 330 32.15 60.89 23.25
N ASN C 331 31.71 61.98 23.89
CA ASN C 331 31.71 62.15 25.34
C ASN C 331 30.28 61.95 25.90
N ALA C 332 29.56 60.95 25.34
CA ALA C 332 28.19 60.58 25.68
C ALA C 332 28.02 60.22 27.15
N LEU C 333 26.95 60.71 27.78
CA LEU C 333 26.65 60.48 29.19
C LEU C 333 25.72 59.29 29.38
N ALA C 334 26.13 58.34 30.23
CA ALA C 334 25.35 57.14 30.55
C ALA C 334 24.21 57.52 31.50
N LEU C 335 22.99 57.01 31.21
CA LEU C 335 21.79 57.29 31.99
C LEU C 335 21.19 55.99 32.54
N PRO C 336 21.71 55.44 33.67
CA PRO C 336 21.16 54.18 34.20
C PRO C 336 19.84 54.36 34.96
N ASN C 337 19.65 55.52 35.60
CA ASN C 337 18.44 55.85 36.36
C ASN C 337 17.87 57.20 35.95
N VAL C 338 16.53 57.24 35.73
CA VAL C 338 15.79 58.44 35.30
C VAL C 338 14.64 58.75 36.29
N GLU C 339 14.25 60.03 36.38
CA GLU C 339 13.15 60.53 37.23
C GLU C 339 11.90 60.81 36.38
N GLY C 340 12.10 61.39 35.19
CA GLY C 340 11.05 61.73 34.25
C GLY C 340 10.78 63.22 34.13
N SER C 341 11.86 64.03 34.12
CA SER C 341 11.77 65.50 34.01
C SER C 341 11.92 65.93 32.55
N VAL C 342 10.83 65.85 31.78
CA VAL C 342 10.79 66.21 30.36
C VAL C 342 10.61 67.73 30.24
N SER C 343 11.54 68.39 29.55
CA SER C 343 11.55 69.84 29.35
C SER C 343 11.88 70.23 27.90
N PHE C 344 11.22 71.26 27.38
CA PHE C 344 11.43 71.78 26.03
C PHE C 344 11.87 73.25 26.15
N GLU C 345 13.11 73.55 25.72
CA GLU C 345 13.69 74.89 25.84
C GLU C 345 13.76 75.65 24.50
N ASN C 346 12.67 76.38 24.15
CA ASN C 346 12.49 77.17 22.92
C ASN C 346 12.81 76.35 21.64
N VAL C 347 12.24 75.13 21.58
CA VAL C 347 12.41 74.14 20.52
C VAL C 347 11.81 74.61 19.19
N GLU C 348 12.59 74.42 18.11
CA GLU C 348 12.26 74.77 16.74
C GLU C 348 12.54 73.53 15.88
N PHE C 349 11.46 72.84 15.44
CA PHE C 349 11.62 71.65 14.60
C PHE C 349 10.93 71.78 13.25
N ARG C 350 11.65 71.34 12.21
CA ARG C 350 11.26 71.31 10.80
C ARG C 350 11.90 70.05 10.21
N TYR C 351 11.14 69.28 9.42
CA TYR C 351 11.65 68.07 8.78
C TYR C 351 12.69 68.39 7.71
N PHE C 352 13.65 67.46 7.50
CA PHE C 352 14.75 67.58 6.55
C PHE C 352 14.33 68.10 5.16
N GLU C 353 14.94 69.23 4.74
CA GLU C 353 14.75 69.94 3.46
C GLU C 353 13.36 70.55 3.24
N ASN C 354 12.43 70.44 4.23
CA ASN C 354 11.09 71.02 4.11
C ASN C 354 11.11 72.55 4.16
N THR C 355 10.15 73.19 3.47
CA THR C 355 10.04 74.65 3.34
C THR C 355 9.71 75.37 4.65
N ASP C 356 8.64 74.95 5.34
CA ASP C 356 8.19 75.59 6.58
C ASP C 356 8.36 74.68 7.81
N PRO C 357 8.50 75.25 9.04
CA PRO C 357 8.66 74.39 10.23
C PRO C 357 7.34 73.76 10.69
N VAL C 358 7.44 72.63 11.41
CA VAL C 358 6.29 71.89 11.95
C VAL C 358 6.07 72.20 13.44
N LEU C 359 7.12 72.71 14.11
CA LEU C 359 7.14 73.12 15.53
C LEU C 359 8.03 74.37 15.68
N SER C 360 7.54 75.39 16.42
CA SER C 360 8.28 76.64 16.64
C SER C 360 7.83 77.33 17.91
N GLY C 361 8.79 77.89 18.66
CA GLY C 361 8.54 78.59 19.92
C GLY C 361 7.91 77.73 20.99
N VAL C 362 8.39 76.46 21.09
CA VAL C 362 7.88 75.49 22.05
C VAL C 362 8.71 75.51 23.33
N ASN C 363 8.14 76.10 24.40
CA ASN C 363 8.80 76.22 25.69
C ASN C 363 7.86 75.84 26.83
N PHE C 364 8.12 74.67 27.47
CA PHE C 364 7.37 74.13 28.60
C PHE C 364 8.18 73.08 29.37
N SER C 365 7.76 72.80 30.61
CA SER C 365 8.40 71.82 31.49
C SER C 365 7.34 70.91 32.11
N VAL C 366 7.69 69.61 32.25
CA VAL C 366 6.81 68.58 32.82
C VAL C 366 7.42 68.00 34.11
N LYS C 367 6.59 67.97 35.18
CA LYS C 367 6.93 67.46 36.50
C LYS C 367 7.14 65.92 36.46
N PRO C 368 8.09 65.33 37.23
CA PRO C 368 8.25 63.86 37.18
C PRO C 368 7.04 63.13 37.77
N GLY C 369 6.61 62.08 37.08
CA GLY C 369 5.46 61.27 37.48
C GLY C 369 4.10 61.79 37.05
N SER C 370 4.05 63.08 36.65
CA SER C 370 2.86 63.80 36.20
C SER C 370 2.31 63.30 34.86
N LEU C 371 0.97 63.24 34.75
CA LEU C 371 0.25 62.83 33.54
C LEU C 371 -0.17 64.08 32.78
N VAL C 372 0.35 64.25 31.55
CA VAL C 372 0.06 65.40 30.69
C VAL C 372 -0.72 64.97 29.44
N ALA C 373 -1.96 65.45 29.30
CA ALA C 373 -2.80 65.14 28.15
C ALA C 373 -2.47 66.08 27.00
N VAL C 374 -2.04 65.53 25.86
CA VAL C 374 -1.69 66.30 24.67
C VAL C 374 -2.89 66.34 23.74
N LEU C 375 -3.32 67.56 23.38
CA LEU C 375 -4.48 67.78 22.51
C LEU C 375 -4.14 68.73 21.36
N GLY C 376 -5.03 68.77 20.37
CA GLY C 376 -4.89 69.62 19.20
C GLY C 376 -5.45 69.03 17.93
N GLU C 377 -5.74 69.90 16.96
CA GLU C 377 -6.28 69.55 15.64
C GLU C 377 -5.30 68.69 14.82
N THR C 378 -5.80 67.97 13.80
CA THR C 378 -5.00 67.12 12.93
C THR C 378 -3.92 67.94 12.21
N GLY C 379 -2.67 67.56 12.40
CA GLY C 379 -1.50 68.22 11.82
C GLY C 379 -0.90 69.32 12.66
N SER C 380 -1.18 69.33 13.99
CA SER C 380 -0.64 70.32 14.93
C SER C 380 0.85 70.11 15.16
N GLY C 381 1.23 68.85 15.34
CA GLY C 381 2.61 68.45 15.61
C GLY C 381 2.72 67.65 16.89
N LYS C 382 1.60 67.02 17.31
CA LYS C 382 1.49 66.20 18.53
C LYS C 382 2.42 64.99 18.45
N SER C 383 2.35 64.23 17.34
CA SER C 383 3.18 63.05 17.11
C SER C 383 4.65 63.44 16.95
N THR C 384 4.90 64.60 16.31
CA THR C 384 6.25 65.16 16.07
C THR C 384 6.91 65.58 17.40
N LEU C 385 6.17 66.29 18.27
CA LEU C 385 6.62 66.76 19.58
C LEU C 385 7.03 65.60 20.47
N MET C 386 6.31 64.47 20.38
CA MET C 386 6.57 63.26 21.14
C MET C 386 7.85 62.56 20.69
N ASN C 387 8.09 62.49 19.36
CA ASN C 387 9.25 61.85 18.74
C ASN C 387 10.60 62.51 19.13
N LEU C 388 10.57 63.76 19.65
CA LEU C 388 11.77 64.48 20.08
C LEU C 388 12.33 63.92 21.39
N ILE C 389 11.44 63.40 22.27
CA ILE C 389 11.76 62.81 23.59
C ILE C 389 12.67 61.55 23.45
N PRO C 390 12.32 60.47 22.68
CA PRO C 390 13.26 59.32 22.58
C PRO C 390 14.37 59.52 21.53
N ARG C 391 14.64 60.79 21.16
CA ARG C 391 15.63 61.25 20.19
C ARG C 391 15.51 60.59 18.80
N LEU C 392 14.27 60.47 18.30
CA LEU C 392 14.02 59.94 16.96
C LEU C 392 14.32 61.04 15.95
N ILE C 393 14.19 62.32 16.39
CA ILE C 393 14.42 63.56 15.65
C ILE C 393 15.04 64.62 16.57
N ASP C 394 15.85 65.53 15.98
CA ASP C 394 16.53 66.61 16.71
C ASP C 394 16.12 68.00 16.20
N PRO C 395 15.90 68.99 17.11
CA PRO C 395 15.51 70.33 16.65
C PRO C 395 16.67 71.12 16.02
N GLU C 396 16.33 72.18 15.26
CA GLU C 396 17.32 73.08 14.62
C GLU C 396 17.86 74.00 15.71
N ARG C 397 16.93 74.78 16.31
CA ARG C 397 17.18 75.76 17.35
C ARG C 397 16.49 75.31 18.63
N GLY C 398 17.17 75.47 19.77
CA GLY C 398 16.66 75.07 21.07
C GLY C 398 17.05 73.66 21.47
N ARG C 399 16.73 73.27 22.72
CA ARG C 399 17.08 71.93 23.22
C ARG C 399 15.94 71.23 23.96
N VAL C 400 15.94 69.88 23.85
CA VAL C 400 15.01 68.97 24.51
C VAL C 400 15.78 68.32 25.68
N GLU C 401 15.19 68.33 26.89
CA GLU C 401 15.85 67.83 28.10
C GLU C 401 15.05 66.77 28.87
N VAL C 402 15.76 65.72 29.32
CA VAL C 402 15.23 64.63 30.15
C VAL C 402 16.12 64.60 31.39
N ASP C 403 15.51 64.87 32.58
CA ASP C 403 16.19 64.97 33.89
C ASP C 403 17.19 66.14 33.91
N GLU C 404 16.78 67.30 33.33
CA GLU C 404 17.58 68.54 33.20
C GLU C 404 18.89 68.35 32.39
N LEU C 405 19.02 67.21 31.67
CA LEU C 405 20.17 66.85 30.81
C LEU C 405 19.74 66.89 29.35
N ASP C 406 20.53 67.54 28.47
CA ASP C 406 20.21 67.60 27.03
C ASP C 406 20.30 66.22 26.40
N VAL C 407 19.16 65.75 25.86
CA VAL C 407 18.93 64.45 25.22
C VAL C 407 20.04 64.08 24.19
N ARG C 408 20.60 65.09 23.49
CA ARG C 408 21.67 64.97 22.50
C ARG C 408 22.98 64.41 23.11
N THR C 409 23.37 64.91 24.30
CA THR C 409 24.59 64.54 25.05
C THR C 409 24.45 63.29 25.93
N VAL C 410 23.38 62.49 25.73
CA VAL C 410 23.10 61.27 26.48
C VAL C 410 23.25 60.03 25.56
N LYS C 411 23.64 58.87 26.15
CA LYS C 411 23.76 57.59 25.45
C LYS C 411 22.36 57.16 25.01
N LEU C 412 22.20 56.83 23.71
CA LEU C 412 20.93 56.48 23.08
C LEU C 412 20.26 55.22 23.64
N LYS C 413 21.01 54.11 23.83
CA LYS C 413 20.46 52.86 24.38
C LYS C 413 19.90 53.06 25.80
N ASP C 414 20.60 53.88 26.61
CA ASP C 414 20.22 54.22 27.97
C ASP C 414 18.94 55.06 27.98
N LEU C 415 18.90 56.14 27.17
CA LEU C 415 17.76 57.06 27.05
C LEU C 415 16.50 56.39 26.52
N ARG C 416 16.62 55.67 25.38
CA ARG C 416 15.49 54.97 24.75
C ARG C 416 14.97 53.80 25.59
N GLY C 417 15.82 53.25 26.46
CA GLY C 417 15.48 52.16 27.35
C GLY C 417 14.46 52.53 28.41
N HIS C 418 14.54 53.79 28.90
CA HIS C 418 13.64 54.33 29.92
C HIS C 418 12.37 54.99 29.36
N ILE C 419 12.35 55.23 28.03
CA ILE C 419 11.20 55.84 27.35
C ILE C 419 10.47 54.79 26.49
N SER C 420 9.22 54.45 26.88
CA SER C 420 8.39 53.49 26.14
C SER C 420 7.31 54.24 25.38
N ALA C 421 7.01 53.78 24.16
CA ALA C 421 6.01 54.41 23.32
C ALA C 421 5.02 53.47 22.66
N VAL C 422 3.78 53.96 22.46
CA VAL C 422 2.70 53.28 21.76
C VAL C 422 2.46 54.16 20.53
N PRO C 423 2.98 53.77 19.34
CA PRO C 423 2.81 54.62 18.14
C PRO C 423 1.37 54.80 17.69
N GLN C 424 1.09 55.87 16.92
CA GLN C 424 -0.23 56.18 16.39
C GLN C 424 -0.67 55.09 15.40
N GLU C 425 0.27 54.62 14.56
CA GLU C 425 0.07 53.53 13.61
C GLU C 425 0.82 52.31 14.15
N THR C 426 0.09 51.46 14.90
CA THR C 426 0.62 50.27 15.56
C THR C 426 1.10 49.21 14.57
N VAL C 427 2.37 48.80 14.72
CA VAL C 427 3.02 47.79 13.89
C VAL C 427 3.59 46.70 14.78
N LEU C 428 3.15 45.46 14.56
CA LEU C 428 3.63 44.28 15.28
C LEU C 428 4.61 43.50 14.37
N PHE C 429 5.32 42.52 14.92
CA PHE C 429 6.29 41.76 14.14
C PHE C 429 5.99 40.26 14.13
N SER C 430 6.52 39.55 13.11
CA SER C 430 6.32 38.12 12.95
C SER C 430 7.01 37.30 14.05
N GLY C 431 6.26 36.36 14.61
CA GLY C 431 6.70 35.48 15.70
C GLY C 431 5.55 35.06 16.60
N THR C 432 5.76 35.13 17.92
CA THR C 432 4.74 34.79 18.91
C THR C 432 4.31 36.04 19.69
N ILE C 433 3.15 35.97 20.39
CA ILE C 433 2.64 37.07 21.20
C ILE C 433 3.63 37.35 22.34
N LYS C 434 4.13 36.28 23.00
CA LYS C 434 5.11 36.32 24.09
C LYS C 434 6.40 37.02 23.67
N GLU C 435 6.91 36.74 22.45
CA GLU C 435 8.13 37.36 21.93
C GLU C 435 7.91 38.83 21.52
N ASN C 436 6.70 39.16 21.04
CA ASN C 436 6.31 40.53 20.67
C ASN C 436 6.14 41.43 21.89
N LEU C 437 5.74 40.86 23.05
CA LEU C 437 5.57 41.64 24.28
C LEU C 437 6.91 41.82 24.98
N LYS C 438 7.82 40.82 24.83
CA LYS C 438 9.17 40.84 25.39
C LYS C 438 10.11 41.82 24.64
N TRP C 439 9.57 42.51 23.59
CA TRP C 439 10.24 43.52 22.75
C TRP C 439 10.72 44.69 23.63
N GLY C 440 9.94 45.01 24.68
CA GLY C 440 10.27 46.04 25.67
C GLY C 440 11.41 45.58 26.55
N ARG C 441 11.13 44.61 27.45
CA ARG C 441 12.12 44.02 28.34
C ARG C 441 12.28 42.52 28.04
N GLU C 442 13.52 42.12 27.67
CA GLU C 442 13.84 40.72 27.33
C GLU C 442 13.94 39.84 28.58
N ASP C 443 14.30 40.45 29.73
CA ASP C 443 14.43 39.79 31.02
C ASP C 443 13.09 39.71 31.79
N ALA C 444 11.97 40.04 31.10
CA ALA C 444 10.62 40.03 31.67
C ALA C 444 10.13 38.63 32.06
N THR C 445 9.48 38.55 33.23
CA THR C 445 8.91 37.32 33.80
C THR C 445 7.56 37.03 33.14
N ASP C 446 7.10 35.77 33.20
CA ASP C 446 5.81 35.33 32.66
C ASP C 446 4.67 36.03 33.38
N ASP C 447 4.86 36.34 34.68
CA ASP C 447 3.89 37.06 35.50
C ASP C 447 3.87 38.52 35.08
N GLU C 448 5.05 39.09 34.73
CA GLU C 448 5.21 40.48 34.30
C GLU C 448 4.51 40.78 32.99
N ILE C 449 4.62 39.86 31.99
CA ILE C 449 3.98 40.02 30.67
C ILE C 449 2.46 39.86 30.79
N VAL C 450 2.00 38.94 31.65
CA VAL C 450 0.59 38.66 31.92
C VAL C 450 -0.06 39.89 32.60
N GLU C 451 0.67 40.51 33.55
CA GLU C 451 0.24 41.72 34.26
C GLU C 451 0.04 42.90 33.29
N ALA C 452 0.98 43.10 32.36
CA ALA C 452 0.94 44.15 31.34
C ALA C 452 -0.21 43.95 30.36
N ALA C 453 -0.49 42.69 30.00
CA ALA C 453 -1.59 42.32 29.11
C ALA C 453 -2.95 42.43 29.82
N LYS C 454 -2.96 42.23 31.16
CA LYS C 454 -4.16 42.35 31.99
C LYS C 454 -4.57 43.82 32.12
N ILE C 455 -3.58 44.75 32.16
CA ILE C 455 -3.79 46.20 32.23
C ILE C 455 -4.29 46.70 30.85
N ALA C 456 -3.78 46.07 29.77
CA ALA C 456 -4.14 46.37 28.40
C ALA C 456 -5.45 45.69 27.94
N GLN C 457 -6.05 44.84 28.82
CA GLN C 457 -7.30 44.07 28.61
C GLN C 457 -7.21 43.06 27.45
N ILE C 458 -5.99 42.85 26.91
CA ILE C 458 -5.72 41.92 25.82
C ILE C 458 -5.50 40.49 26.34
N HIS C 459 -5.16 40.35 27.65
CA HIS C 459 -4.91 39.06 28.32
C HIS C 459 -6.06 38.07 28.10
N ASP C 460 -7.32 38.54 28.24
CA ASP C 460 -8.55 37.75 28.04
C ASP C 460 -8.61 37.10 26.66
N PHE C 461 -8.15 37.82 25.63
CA PHE C 461 -8.14 37.33 24.26
C PHE C 461 -7.01 36.32 24.02
N ILE C 462 -5.78 36.63 24.51
CA ILE C 462 -4.59 35.79 24.35
C ILE C 462 -4.82 34.39 24.93
N ILE C 463 -5.40 34.30 26.15
CA ILE C 463 -5.71 33.02 26.81
C ILE C 463 -6.79 32.23 26.06
N SER C 464 -7.75 32.94 25.40
CA SER C 464 -8.85 32.34 24.64
C SER C 464 -8.37 31.59 23.38
N LEU C 465 -7.19 31.99 22.85
CA LEU C 465 -6.54 31.38 21.68
C LEU C 465 -6.05 29.94 21.99
N PRO C 466 -5.94 29.03 20.99
CA PRO C 466 -5.52 27.65 21.30
C PRO C 466 -4.06 27.50 21.74
N GLU C 467 -3.16 28.34 21.21
CA GLU C 467 -1.73 28.30 21.53
C GLU C 467 -1.33 29.23 22.68
N GLY C 468 -2.27 30.06 23.13
CA GLY C 468 -2.05 31.00 24.23
C GLY C 468 -1.13 32.14 23.87
N TYR C 469 -0.13 32.41 24.73
CA TYR C 469 0.88 33.46 24.50
C TYR C 469 1.86 33.10 23.39
N ASP C 470 1.96 31.81 23.05
CA ASP C 470 2.83 31.30 22.00
C ASP C 470 2.14 31.26 20.63
N SER C 471 0.96 31.90 20.51
CA SER C 471 0.17 31.98 19.27
C SER C 471 0.90 32.82 18.22
N ARG C 472 0.83 32.39 16.96
CA ARG C 472 1.49 33.02 15.83
C ARG C 472 0.96 34.43 15.54
N VAL C 473 1.90 35.37 15.32
CA VAL C 473 1.64 36.78 14.96
C VAL C 473 2.20 36.94 13.54
N GLU C 474 1.39 37.46 12.62
CA GLU C 474 1.81 37.67 11.23
C GLU C 474 2.54 39.01 11.07
N ARG C 475 3.08 39.27 9.86
CA ARG C 475 3.80 40.50 9.54
C ARG C 475 2.89 41.72 9.71
N GLY C 476 3.24 42.58 10.67
CA GLY C 476 2.48 43.78 11.01
C GLY C 476 1.31 43.55 11.94
N GLY C 477 1.12 42.29 12.35
CA GLY C 477 0.04 41.85 13.22
C GLY C 477 -1.29 41.78 12.49
N ARG C 478 -1.25 41.39 11.19
CA ARG C 478 -2.40 41.32 10.29
C ARG C 478 -3.48 40.29 10.68
N ASN C 479 -3.14 39.31 11.55
CA ASN C 479 -4.10 38.29 12.00
C ASN C 479 -4.85 38.69 13.31
N PHE C 480 -4.91 40.01 13.58
CA PHE C 480 -5.57 40.61 14.73
C PHE C 480 -6.38 41.84 14.32
N SER C 481 -7.47 42.15 15.05
CA SER C 481 -8.34 43.30 14.78
C SER C 481 -7.64 44.64 15.07
N GLY C 482 -8.25 45.74 14.62
CA GLY C 482 -7.73 47.10 14.78
C GLY C 482 -7.27 47.45 16.18
N GLY C 483 -8.19 47.35 17.14
CA GLY C 483 -7.94 47.62 18.55
C GLY C 483 -7.23 46.50 19.29
N GLN C 484 -7.18 45.29 18.70
CA GLN C 484 -6.51 44.11 19.27
C GLN C 484 -5.00 44.30 19.27
N LYS C 485 -4.43 44.67 18.10
CA LYS C 485 -3.00 44.94 17.97
C LYS C 485 -2.61 46.22 18.72
N GLN C 486 -3.56 47.15 18.84
CA GLN C 486 -3.40 48.42 19.57
C GLN C 486 -3.22 48.10 21.06
N ARG C 487 -4.05 47.18 21.60
CA ARG C 487 -3.99 46.72 22.99
C ARG C 487 -2.71 45.92 23.24
N LEU C 488 -2.18 45.26 22.20
CA LEU C 488 -0.93 44.50 22.28
C LEU C 488 0.27 45.45 22.35
N SER C 489 0.17 46.63 21.69
CA SER C 489 1.20 47.66 21.67
C SER C 489 1.31 48.37 23.02
N ILE C 490 0.16 48.51 23.73
CA ILE C 490 0.07 49.10 25.07
C ILE C 490 0.77 48.14 26.05
N ALA C 491 0.46 46.83 25.95
CA ALA C 491 1.04 45.76 26.76
C ALA C 491 2.54 45.61 26.53
N ARG C 492 3.00 45.89 25.28
CA ARG C 492 4.41 45.84 24.87
C ARG C 492 5.21 46.96 25.57
N ALA C 493 4.67 48.20 25.58
CA ALA C 493 5.30 49.37 26.19
C ALA C 493 5.33 49.27 27.72
N LEU C 494 4.26 48.71 28.33
CA LEU C 494 4.13 48.52 29.78
C LEU C 494 5.18 47.58 30.35
N VAL C 495 5.52 46.49 29.61
CA VAL C 495 6.51 45.47 29.97
C VAL C 495 7.88 46.08 30.28
N LYS C 496 8.31 47.05 29.44
CA LYS C 496 9.59 47.77 29.53
C LYS C 496 9.79 48.52 30.86
N LYS C 497 8.69 48.73 31.65
CA LYS C 497 8.66 49.45 32.94
C LYS C 497 9.33 50.83 32.77
N PRO C 498 8.65 51.77 32.06
CA PRO C 498 9.30 53.06 31.79
C PRO C 498 9.20 54.08 32.90
N LYS C 499 10.02 55.14 32.79
CA LYS C 499 10.01 56.30 33.66
C LYS C 499 9.32 57.45 32.91
N VAL C 500 9.30 57.35 31.56
CA VAL C 500 8.63 58.25 30.62
C VAL C 500 7.82 57.38 29.65
N LEU C 501 6.49 57.58 29.59
CA LEU C 501 5.60 56.83 28.71
C LEU C 501 4.91 57.77 27.72
N ILE C 502 4.92 57.40 26.43
CA ILE C 502 4.32 58.17 25.35
C ILE C 502 3.18 57.37 24.71
N LEU C 503 1.95 57.93 24.71
CA LEU C 503 0.78 57.25 24.16
C LEU C 503 0.10 58.06 23.04
N ASP C 504 0.47 57.78 21.77
CA ASP C 504 -0.07 58.43 20.59
C ASP C 504 -1.45 57.81 20.26
N ASP C 505 -2.50 58.31 20.95
CA ASP C 505 -3.90 57.85 20.84
C ASP C 505 -3.99 56.33 20.87
N CYS C 506 -3.75 55.76 22.07
CA CYS C 506 -3.72 54.31 22.31
C CYS C 506 -5.10 53.63 22.30
N THR C 507 -6.19 54.41 22.17
CA THR C 507 -7.54 53.85 22.13
C THR C 507 -8.34 54.39 20.95
N SER C 508 -7.67 54.59 19.79
CA SER C 508 -8.33 55.09 18.57
C SER C 508 -9.28 54.04 17.99
N SER C 509 -8.82 52.76 17.95
CA SER C 509 -9.59 51.63 17.43
C SER C 509 -10.17 50.73 18.54
N VAL C 510 -10.35 51.30 19.74
CA VAL C 510 -10.90 50.59 20.92
C VAL C 510 -12.28 51.18 21.31
N ASP C 511 -13.26 50.29 21.62
CA ASP C 511 -14.63 50.65 22.04
C ASP C 511 -14.67 51.44 23.37
N PRO C 512 -15.74 52.25 23.64
CA PRO C 512 -15.76 53.04 24.89
C PRO C 512 -15.67 52.27 26.21
N ILE C 513 -16.24 51.04 26.27
CA ILE C 513 -16.23 50.21 27.49
C ILE C 513 -14.81 49.73 27.80
N THR C 514 -14.12 49.16 26.79
CA THR C 514 -12.74 48.67 26.91
C THR C 514 -11.78 49.85 27.13
N GLU C 515 -12.08 51.02 26.52
CA GLU C 515 -11.32 52.27 26.62
C GLU C 515 -11.21 52.72 28.08
N LYS C 516 -12.33 52.65 28.83
CA LYS C 516 -12.42 53.01 30.25
C LYS C 516 -11.56 52.09 31.10
N ARG C 517 -11.64 50.76 30.85
CA ARG C 517 -10.90 49.72 31.56
C ARG C 517 -9.38 49.90 31.42
N ILE C 518 -8.92 50.34 30.24
CA ILE C 518 -7.51 50.59 29.96
C ILE C 518 -7.06 51.89 30.65
N LEU C 519 -7.75 53.03 30.39
CA LEU C 519 -7.46 54.36 30.94
C LEU C 519 -7.44 54.43 32.46
N ASP C 520 -8.44 53.81 33.14
CA ASP C 520 -8.51 53.76 34.60
C ASP C 520 -7.52 52.73 35.17
N GLY C 521 -7.16 51.75 34.34
CA GLY C 521 -6.19 50.72 34.66
C GLY C 521 -4.79 51.29 34.67
N LEU C 522 -4.48 52.16 33.68
CA LEU C 522 -3.18 52.83 33.55
C LEU C 522 -2.93 53.80 34.71
N LYS C 523 -3.96 54.60 35.10
CA LYS C 523 -3.89 55.55 36.21
C LYS C 523 -3.60 54.87 37.56
N ARG C 524 -3.97 53.58 37.68
CA ARG C 524 -3.80 52.74 38.88
C ARG C 524 -2.42 52.08 38.98
N TYR C 525 -1.73 51.82 37.84
CA TYR C 525 -0.44 51.13 37.86
C TYR C 525 0.75 51.91 37.26
N THR C 526 0.51 53.01 36.53
CA THR C 526 1.59 53.84 35.97
C THR C 526 1.82 55.09 36.84
N LYS C 527 1.69 54.93 38.17
CA LYS C 527 1.84 56.00 39.15
C LYS C 527 3.26 56.53 39.26
N GLY C 528 4.27 55.67 39.11
CA GLY C 528 5.65 56.12 39.17
C GLY C 528 6.24 56.33 37.78
N CYS C 529 5.50 57.05 36.90
CA CYS C 529 5.91 57.23 35.51
C CYS C 529 5.30 58.49 34.90
N THR C 530 6.15 59.30 34.23
CA THR C 530 5.74 60.53 33.54
C THR C 530 5.03 60.09 32.24
N THR C 531 3.69 60.17 32.23
CA THR C 531 2.89 59.72 31.09
C THR C 531 2.37 60.88 30.24
N PHE C 532 2.61 60.79 28.92
CA PHE C 532 2.14 61.73 27.91
C PHE C 532 1.07 61.02 27.13
N ILE C 533 -0.17 61.54 27.15
CA ILE C 533 -1.28 60.88 26.46
C ILE C 533 -1.91 61.80 25.40
N ILE C 534 -1.72 61.44 24.11
CA ILE C 534 -2.33 62.15 23.00
C ILE C 534 -3.76 61.65 22.91
N THR C 535 -4.74 62.57 22.98
CA THR C 535 -6.16 62.22 22.91
C THR C 535 -6.98 63.23 22.11
N GLN C 536 -8.10 62.74 21.53
CA GLN C 536 -9.05 63.53 20.76
C GLN C 536 -10.33 63.69 21.58
N LYS C 537 -10.36 63.12 22.81
CA LYS C 537 -11.50 63.12 23.72
C LYS C 537 -11.23 63.91 25.01
N ILE C 538 -12.13 64.88 25.33
CA ILE C 538 -12.10 65.71 26.54
C ILE C 538 -12.27 64.85 27.82
N PRO C 539 -13.26 63.90 27.91
CA PRO C 539 -13.40 63.10 29.16
C PRO C 539 -12.13 62.36 29.57
N THR C 540 -11.39 61.79 28.61
CA THR C 540 -10.14 61.07 28.84
C THR C 540 -9.00 62.04 29.19
N ALA C 541 -9.09 63.29 28.69
CA ALA C 541 -8.12 64.37 28.91
C ALA C 541 -8.23 64.97 30.32
N LEU C 542 -9.44 64.92 30.92
CA LEU C 542 -9.71 65.45 32.27
C LEU C 542 -8.99 64.65 33.37
N LEU C 543 -8.62 63.39 33.06
CA LEU C 543 -7.89 62.45 33.93
C LEU C 543 -6.48 62.98 34.28
N ALA C 544 -5.87 63.73 33.35
CA ALA C 544 -4.53 64.29 33.46
C ALA C 544 -4.38 65.42 34.47
N ASP C 545 -3.16 65.54 35.05
CA ASP C 545 -2.78 66.56 36.02
C ASP C 545 -2.68 67.94 35.34
N LYS C 546 -2.23 67.95 34.07
CA LYS C 546 -2.07 69.15 33.25
C LYS C 546 -2.39 68.80 31.79
N ILE C 547 -2.94 69.77 31.04
CA ILE C 547 -3.31 69.57 29.64
C ILE C 547 -2.50 70.51 28.73
N LEU C 548 -1.78 69.90 27.77
CA LEU C 548 -0.95 70.58 26.77
C LEU C 548 -1.72 70.61 25.43
N VAL C 549 -1.93 71.82 24.89
CA VAL C 549 -2.70 72.00 23.64
C VAL C 549 -1.83 72.68 22.58
N LEU C 550 -1.74 72.02 21.40
CA LEU C 550 -0.99 72.51 20.24
C LEU C 550 -1.95 72.98 19.15
N HIS C 551 -1.56 74.03 18.42
CA HIS C 551 -2.35 74.57 17.31
C HIS C 551 -1.44 75.24 16.28
N GLU C 552 -1.49 74.74 15.04
CA GLU C 552 -0.74 75.24 13.87
C GLU C 552 0.81 75.25 14.07
N GLY C 553 1.32 74.30 14.85
CA GLY C 553 2.75 74.17 15.10
C GLY C 553 3.24 74.67 16.44
N LYS C 554 2.84 75.89 16.81
CA LYS C 554 3.22 76.55 18.06
C LYS C 554 2.35 76.05 19.24
N VAL C 555 2.89 76.13 20.48
CA VAL C 555 2.15 75.72 21.68
C VAL C 555 1.04 76.75 21.99
N ALA C 556 -0.22 76.31 21.91
CA ALA C 556 -1.41 77.15 22.11
C ALA C 556 -1.76 77.38 23.58
N GLY C 557 -1.54 76.37 24.42
CA GLY C 557 -1.82 76.43 25.85
C GLY C 557 -1.22 75.31 26.66
N PHE C 558 -1.15 75.52 28.00
CA PHE C 558 -0.63 74.57 28.98
C PHE C 558 -1.14 74.94 30.36
N GLY C 559 -1.89 74.01 30.97
CA GLY C 559 -2.49 74.19 32.30
C GLY C 559 -3.73 73.35 32.53
N THR C 560 -4.48 73.68 33.59
CA THR C 560 -5.72 72.99 33.98
C THR C 560 -6.88 73.30 33.02
N HIS C 561 -7.92 72.43 33.05
CA HIS C 561 -9.15 72.50 32.26
C HIS C 561 -9.81 73.88 32.32
N LYS C 562 -9.92 74.43 33.54
CA LYS C 562 -10.51 75.74 33.81
C LYS C 562 -9.75 76.88 33.12
N GLU C 563 -8.41 76.86 33.18
CA GLU C 563 -7.53 77.86 32.56
C GLU C 563 -7.66 77.85 31.04
N LEU C 564 -7.74 76.65 30.44
CA LEU C 564 -7.86 76.46 28.99
C LEU C 564 -9.22 76.87 28.44
N LEU C 565 -10.30 76.70 29.24
CA LEU C 565 -11.65 77.08 28.83
C LEU C 565 -11.84 78.60 28.83
N GLU C 566 -11.02 79.33 29.60
CA GLU C 566 -11.10 80.78 29.73
C GLU C 566 -10.03 81.55 28.96
N HIS C 567 -8.94 80.88 28.54
CA HIS C 567 -7.83 81.55 27.85
C HIS C 567 -7.46 80.93 26.50
N CYS C 568 -7.43 79.58 26.41
CA CYS C 568 -7.07 78.86 25.19
C CYS C 568 -8.23 78.69 24.21
N LYS C 569 -8.21 79.49 23.11
CA LYS C 569 -9.23 79.47 22.06
C LYS C 569 -9.35 78.09 21.37
N PRO C 570 -8.26 77.40 20.90
CA PRO C 570 -8.45 76.09 20.27
C PRO C 570 -8.94 74.98 21.21
N TYR C 571 -8.62 75.06 22.53
CA TYR C 571 -9.11 74.06 23.51
C TYR C 571 -10.62 74.17 23.60
N ARG C 572 -11.15 75.42 23.63
CA ARG C 572 -12.58 75.73 23.68
C ARG C 572 -13.27 75.17 22.44
N GLU C 573 -12.64 75.34 21.26
CA GLU C 573 -13.11 74.83 19.98
C GLU C 573 -13.22 73.30 19.98
N ILE C 574 -12.23 72.62 20.62
CA ILE C 574 -12.19 71.16 20.77
C ILE C 574 -13.26 70.72 21.80
N TYR C 575 -13.45 71.52 22.86
CA TYR C 575 -14.44 71.25 23.92
C TYR C 575 -15.87 71.36 23.36
N GLU C 576 -16.14 72.41 22.56
CA GLU C 576 -17.44 72.69 21.93
C GLU C 576 -17.86 71.63 20.91
N SER C 577 -16.87 71.00 20.23
CA SER C 577 -17.10 69.94 19.24
C SER C 577 -17.59 68.63 19.88
N GLN C 578 -17.40 68.49 21.20
CA GLN C 578 -17.81 67.32 21.98
C GLN C 578 -18.97 67.64 22.92
N PHE C 579 -18.96 68.84 23.54
CA PHE C 579 -20.00 69.28 24.47
C PHE C 579 -20.53 70.66 24.07
N LEU D 18 15.90 11.79 -9.56
CA LEU D 18 15.83 11.85 -11.02
C LEU D 18 14.40 12.08 -11.56
N LYS D 19 13.37 11.71 -10.76
CA LYS D 19 11.95 11.84 -11.14
C LYS D 19 11.49 13.31 -11.20
N ASN D 20 11.66 14.07 -10.08
CA ASN D 20 11.33 15.50 -9.98
C ASN D 20 12.25 16.39 -10.85
N PRO D 21 13.61 16.20 -10.86
CA PRO D 21 14.46 17.04 -11.74
C PRO D 21 14.08 17.09 -13.21
N THR D 22 13.76 15.92 -13.80
CA THR D 22 13.37 15.80 -15.21
C THR D 22 12.03 16.47 -15.51
N ALA D 23 11.10 16.48 -14.52
CA ALA D 23 9.78 17.10 -14.65
C ALA D 23 9.86 18.63 -14.72
N THR D 24 10.72 19.25 -13.88
CA THR D 24 10.94 20.70 -13.85
C THR D 24 11.71 21.15 -15.09
N LEU D 25 12.66 20.31 -15.56
CA LEU D 25 13.49 20.56 -16.74
C LEU D 25 12.61 20.66 -17.99
N ARG D 26 11.64 19.72 -18.15
CA ARG D 26 10.70 19.67 -19.26
C ARG D 26 9.82 20.93 -19.30
N ARG D 27 9.40 21.42 -18.12
CA ARG D 27 8.58 22.62 -17.96
C ARG D 27 9.38 23.88 -18.28
N LEU D 28 10.64 23.97 -17.77
CA LEU D 28 11.55 25.09 -18.00
C LEU D 28 11.97 25.18 -19.48
N LEU D 29 12.15 24.00 -20.12
CA LEU D 29 12.50 23.91 -21.54
C LEU D 29 11.32 24.28 -22.43
N GLY D 30 10.11 24.27 -21.86
CA GLY D 30 8.88 24.62 -22.56
C GLY D 30 8.78 26.10 -22.87
N TYR D 31 9.55 26.94 -22.14
CA TYR D 31 9.60 28.39 -22.35
C TYR D 31 10.41 28.75 -23.60
N LEU D 32 11.12 27.75 -24.17
CA LEU D 32 11.94 27.88 -25.37
C LEU D 32 11.14 27.56 -26.63
N ARG D 33 9.94 26.95 -26.50
CA ARG D 33 9.04 26.58 -27.59
C ARG D 33 8.63 27.77 -28.49
N PRO D 34 8.34 29.01 -28.01
CA PRO D 34 8.00 30.10 -28.95
C PRO D 34 9.24 30.65 -29.67
N HIS D 35 10.44 30.12 -29.35
CA HIS D 35 11.72 30.52 -29.93
C HIS D 35 12.39 29.38 -30.73
N THR D 36 11.64 28.30 -31.04
CA THR D 36 12.09 27.09 -31.75
C THR D 36 12.89 27.42 -33.03
N PHE D 37 12.29 28.19 -33.97
CA PHE D 37 12.94 28.57 -35.24
C PHE D 37 14.24 29.33 -35.04
N THR D 38 14.24 30.34 -34.14
CA THR D 38 15.42 31.16 -33.86
C THR D 38 16.53 30.30 -33.22
N LEU D 39 16.15 29.33 -32.36
CA LEU D 39 17.08 28.40 -31.71
C LEU D 39 17.69 27.41 -32.70
N ILE D 40 16.97 27.12 -33.81
CA ILE D 40 17.46 26.25 -34.89
C ILE D 40 18.58 27.00 -35.63
N MET D 41 18.37 28.31 -35.91
CA MET D 41 19.35 29.20 -36.55
C MET D 41 20.63 29.22 -35.71
N VAL D 42 20.48 29.40 -34.37
CA VAL D 42 21.57 29.42 -33.38
C VAL D 42 22.39 28.12 -33.52
N PHE D 43 21.69 26.97 -33.65
CA PHE D 43 22.31 25.66 -33.84
C PHE D 43 23.01 25.58 -35.20
N VAL D 44 22.41 26.15 -36.26
CA VAL D 44 23.00 26.17 -37.61
C VAL D 44 24.29 27.00 -37.63
N PHE D 45 24.27 28.20 -36.98
CA PHE D 45 25.43 29.09 -36.89
C PHE D 45 26.56 28.53 -36.04
N VAL D 46 26.24 27.87 -34.91
CA VAL D 46 27.23 27.30 -34.00
C VAL D 46 27.92 26.06 -34.60
N THR D 47 27.21 25.29 -35.46
CA THR D 47 27.76 24.10 -36.13
C THR D 47 28.79 24.54 -37.20
N VAL D 48 28.51 25.65 -37.89
CA VAL D 48 29.38 26.27 -38.90
C VAL D 48 30.62 26.82 -38.17
N SER D 49 30.43 27.45 -36.99
CA SER D 49 31.51 27.96 -36.14
C SER D 49 32.41 26.82 -35.64
N SER D 50 31.81 25.63 -35.40
CA SER D 50 32.50 24.43 -34.93
C SER D 50 33.34 23.78 -36.03
N ILE D 51 32.82 23.73 -37.28
CA ILE D 51 33.56 23.15 -38.41
C ILE D 51 34.68 24.11 -38.86
N LEU D 52 34.51 25.43 -38.62
CA LEU D 52 35.51 26.46 -38.92
C LEU D 52 36.59 26.44 -37.84
N GLY D 53 36.20 26.08 -36.62
CA GLY D 53 37.07 25.97 -35.45
C GLY D 53 38.08 24.85 -35.54
N VAL D 54 37.79 23.83 -36.37
CA VAL D 54 38.64 22.67 -36.61
C VAL D 54 39.38 22.80 -37.96
N LEU D 55 38.85 23.65 -38.86
CA LEU D 55 39.39 23.97 -40.18
C LEU D 55 40.58 24.93 -40.05
N SER D 56 40.52 25.85 -39.06
CA SER D 56 41.55 26.85 -38.75
C SER D 56 42.90 26.20 -38.39
N PRO D 57 43.04 25.28 -37.38
CA PRO D 57 44.35 24.66 -37.12
C PRO D 57 44.80 23.69 -38.22
N TYR D 58 43.84 23.16 -39.01
CA TYR D 58 44.12 22.28 -40.14
C TYR D 58 44.82 23.08 -41.23
N LEU D 59 44.34 24.31 -41.50
CA LEU D 59 44.90 25.20 -42.51
C LEU D 59 46.28 25.72 -42.10
N ILE D 60 46.50 25.97 -40.79
CA ILE D 60 47.81 26.40 -40.27
C ILE D 60 48.79 25.23 -40.47
N GLY D 61 48.33 24.01 -40.22
CA GLY D 61 49.09 22.78 -40.43
C GLY D 61 49.38 22.51 -41.89
N LYS D 62 48.42 22.90 -42.77
CA LYS D 62 48.55 22.75 -44.22
C LYS D 62 49.54 23.77 -44.79
N THR D 63 49.46 25.06 -44.35
CA THR D 63 50.36 26.14 -44.81
C THR D 63 51.83 25.81 -44.57
N ILE D 64 52.16 25.21 -43.40
CA ILE D 64 53.53 24.81 -43.05
C ILE D 64 54.01 23.73 -44.03
N ALA D 65 53.19 22.68 -44.26
CA ALA D 65 53.52 21.57 -45.14
C ALA D 65 53.50 21.89 -46.65
N VAL D 66 52.77 22.94 -47.07
CA VAL D 66 52.62 23.30 -48.49
C VAL D 66 53.48 24.53 -48.89
N VAL D 67 53.63 25.52 -47.99
CA VAL D 67 54.39 26.75 -48.25
C VAL D 67 55.80 26.72 -47.62
N PHE D 68 55.89 26.51 -46.30
CA PHE D 68 57.14 26.54 -45.51
C PHE D 68 58.08 25.35 -45.72
N VAL D 69 57.56 24.11 -45.78
CA VAL D 69 58.35 22.89 -45.98
C VAL D 69 58.97 22.85 -47.41
N PRO D 70 58.19 22.96 -48.53
CA PRO D 70 58.82 22.96 -49.86
C PRO D 70 59.49 24.29 -50.23
N ARG D 71 59.40 25.30 -49.33
CA ARG D 71 59.96 26.66 -49.46
C ARG D 71 59.44 27.41 -50.70
N ARG D 72 58.11 27.28 -50.94
CA ARG D 72 57.40 27.92 -52.05
C ARG D 72 56.47 29.00 -51.44
N PHE D 73 57.03 30.19 -51.17
CA PHE D 73 56.34 31.31 -50.53
C PHE D 73 55.51 32.18 -51.51
N ASP D 74 55.50 31.82 -52.80
CA ASP D 74 54.73 32.52 -53.84
C ASP D 74 53.22 32.32 -53.64
N LEU D 75 52.83 31.16 -53.07
CA LEU D 75 51.43 30.80 -52.80
C LEU D 75 50.99 31.11 -51.35
N LEU D 76 51.89 31.69 -50.52
CA LEU D 76 51.59 32.14 -49.14
C LEU D 76 50.50 33.24 -49.10
N PRO D 77 50.49 34.31 -49.95
CA PRO D 77 49.40 35.31 -49.88
C PRO D 77 48.00 34.73 -50.08
N ARG D 78 47.87 33.66 -50.90
CA ARG D 78 46.60 32.96 -51.19
C ARG D 78 46.08 32.25 -49.92
N TYR D 79 46.92 31.38 -49.32
CA TYR D 79 46.60 30.62 -48.11
C TYR D 79 46.30 31.51 -46.92
N MET D 80 47.00 32.66 -46.82
CA MET D 80 46.81 33.67 -45.78
C MET D 80 45.46 34.35 -45.94
N LEU D 81 45.07 34.65 -47.20
CA LEU D 81 43.79 35.27 -47.54
C LEU D 81 42.63 34.34 -47.20
N ILE D 82 42.79 33.02 -47.49
CA ILE D 82 41.79 31.98 -47.19
C ILE D 82 41.62 31.88 -45.67
N LEU D 83 42.74 31.79 -44.93
CA LEU D 83 42.77 31.72 -43.46
C LEU D 83 42.20 32.99 -42.81
N GLY D 84 42.43 34.14 -43.44
CA GLY D 84 41.93 35.44 -42.99
C GLY D 84 40.43 35.56 -43.11
N THR D 85 39.86 35.00 -44.19
CA THR D 85 38.43 34.97 -44.48
C THR D 85 37.71 34.04 -43.48
N ILE D 86 38.38 32.93 -43.10
CA ILE D 86 37.91 31.95 -42.13
C ILE D 86 37.72 32.63 -40.78
N TYR D 87 38.76 33.36 -40.31
CA TYR D 87 38.75 34.11 -39.05
C TYR D 87 37.74 35.26 -39.04
N ALA D 88 37.53 35.90 -40.20
CA ALA D 88 36.57 36.98 -40.38
C ALA D 88 35.15 36.44 -40.24
N LEU D 89 34.90 35.23 -40.80
CA LEU D 89 33.62 34.55 -40.75
C LEU D 89 33.34 34.00 -39.35
N THR D 90 34.36 33.37 -38.72
CA THR D 90 34.29 32.77 -37.37
C THR D 90 33.91 33.83 -36.31
N SER D 91 34.57 35.01 -36.36
CA SER D 91 34.32 36.12 -35.43
C SER D 91 32.93 36.74 -35.66
N LEU D 92 32.53 36.90 -36.94
CA LEU D 92 31.22 37.45 -37.30
C LEU D 92 30.08 36.52 -36.86
N LEU D 93 30.31 35.20 -36.91
CA LEU D 93 29.33 34.20 -36.49
C LEU D 93 29.16 34.21 -34.97
N PHE D 94 30.27 34.36 -34.21
CA PHE D 94 30.26 34.43 -32.74
C PHE D 94 29.50 35.65 -32.24
N TRP D 95 29.61 36.78 -32.98
CA TRP D 95 28.90 38.03 -32.69
C TRP D 95 27.41 37.81 -32.94
N LEU D 96 27.07 37.19 -34.09
CA LEU D 96 25.71 36.89 -34.53
C LEU D 96 25.02 35.92 -33.57
N GLN D 97 25.77 34.91 -33.05
CA GLN D 97 25.28 33.91 -32.10
C GLN D 97 24.85 34.59 -30.80
N GLY D 98 25.71 35.45 -30.26
CA GLY D 98 25.48 36.20 -29.03
C GLY D 98 24.38 37.24 -29.13
N LYS D 99 24.39 38.05 -30.20
CA LYS D 99 23.42 39.12 -30.45
C LYS D 99 21.96 38.62 -30.46
N ILE D 100 21.70 37.48 -31.13
CA ILE D 100 20.35 36.91 -31.19
C ILE D 100 20.00 36.14 -29.91
N MET D 101 21.00 35.51 -29.26
CA MET D 101 20.80 34.76 -28.02
C MET D 101 20.51 35.67 -26.83
N LEU D 102 21.18 36.83 -26.75
CA LEU D 102 21.01 37.81 -25.67
C LEU D 102 19.55 38.29 -25.59
N THR D 103 18.96 38.64 -26.75
CA THR D 103 17.57 39.10 -26.85
C THR D 103 16.61 37.93 -26.59
N LEU D 104 16.93 36.72 -27.11
CA LEU D 104 16.15 35.49 -26.94
C LEU D 104 16.05 35.08 -25.46
N SER D 105 17.18 35.15 -24.72
CA SER D 105 17.27 34.78 -23.31
C SER D 105 16.47 35.73 -22.43
N GLN D 106 16.60 37.06 -22.69
CA GLN D 106 15.92 38.10 -21.92
C GLN D 106 14.41 38.12 -22.12
N ASP D 107 13.92 37.60 -23.27
CA ASP D 107 12.49 37.48 -23.58
C ASP D 107 11.86 36.36 -22.72
N VAL D 108 12.65 35.30 -22.44
CA VAL D 108 12.25 34.15 -21.60
C VAL D 108 12.21 34.62 -20.13
N VAL D 109 13.28 35.32 -19.66
CA VAL D 109 13.41 35.88 -18.32
C VAL D 109 12.29 36.92 -18.06
N PHE D 110 11.93 37.71 -19.09
CA PHE D 110 10.84 38.70 -19.04
C PHE D 110 9.50 37.99 -18.85
N ARG D 111 9.26 36.89 -19.61
CA ARG D 111 8.03 36.09 -19.56
C ARG D 111 7.84 35.47 -18.16
N LEU D 112 8.93 34.98 -17.54
CA LEU D 112 8.91 34.37 -16.21
C LEU D 112 8.57 35.39 -15.12
N ARG D 113 9.15 36.60 -15.20
CA ARG D 113 8.88 37.71 -14.26
C ARG D 113 7.44 38.21 -14.43
N LYS D 114 6.93 38.24 -15.68
CA LYS D 114 5.57 38.64 -16.04
C LYS D 114 4.58 37.61 -15.47
N GLU D 115 4.85 36.31 -15.70
CA GLU D 115 4.04 35.16 -15.24
C GLU D 115 3.87 35.11 -13.72
N LEU D 116 4.92 35.50 -12.96
CA LEU D 116 4.89 35.51 -11.50
C LEU D 116 4.01 36.63 -10.94
N PHE D 117 4.23 37.88 -11.38
CA PHE D 117 3.47 39.05 -10.94
C PHE D 117 1.98 38.93 -11.25
N GLU D 118 1.64 38.54 -12.50
CA GLU D 118 0.26 38.34 -12.95
C GLU D 118 -0.45 37.29 -12.08
N LYS D 119 0.28 36.22 -11.68
CA LYS D 119 -0.21 35.13 -10.84
C LYS D 119 -0.60 35.63 -9.44
N LEU D 120 0.28 36.45 -8.82
CA LEU D 120 0.05 37.02 -7.49
C LEU D 120 -1.22 37.88 -7.45
N GLN D 121 -1.54 38.56 -8.57
CA GLN D 121 -2.74 39.39 -8.73
C GLN D 121 -4.03 38.54 -8.79
N ARG D 122 -3.90 37.21 -9.00
CA ARG D 122 -4.99 36.24 -9.05
C ARG D 122 -5.09 35.41 -7.76
N VAL D 123 -3.94 35.21 -7.08
CA VAL D 123 -3.79 34.45 -5.83
C VAL D 123 -4.55 35.13 -4.65
N PRO D 124 -5.23 34.36 -3.74
CA PRO D 124 -5.98 34.99 -2.63
C PRO D 124 -5.15 35.82 -1.64
N VAL D 125 -5.82 36.76 -0.95
CA VAL D 125 -5.24 37.68 0.05
C VAL D 125 -4.60 36.92 1.23
N GLY D 126 -5.21 35.80 1.62
CA GLY D 126 -4.76 34.94 2.70
C GLY D 126 -3.30 34.52 2.64
N PHE D 127 -2.76 34.38 1.40
CA PHE D 127 -1.38 34.01 1.12
C PHE D 127 -0.39 35.11 1.50
N PHE D 128 -0.68 36.38 1.16
CA PHE D 128 0.19 37.54 1.42
C PHE D 128 0.39 37.82 2.91
N ASP D 129 -0.63 37.55 3.73
CA ASP D 129 -0.60 37.75 5.18
C ASP D 129 0.28 36.69 5.88
N ARG D 130 0.18 35.42 5.44
CA ARG D 130 0.93 34.29 6.03
C ARG D 130 2.37 34.14 5.53
N THR D 131 2.64 34.38 4.22
CA THR D 131 3.98 34.24 3.65
C THR D 131 4.77 35.57 3.68
N PRO D 132 6.08 35.56 4.02
CA PRO D 132 6.85 36.82 4.06
C PRO D 132 6.98 37.45 2.68
N HIS D 133 6.86 38.79 2.62
CA HIS D 133 6.94 39.54 1.37
C HIS D 133 8.34 39.51 0.75
N GLY D 134 9.37 39.50 1.59
CA GLY D 134 10.76 39.45 1.17
C GLY D 134 11.11 38.21 0.38
N ASP D 135 10.49 37.06 0.75
CA ASP D 135 10.65 35.77 0.07
C ASP D 135 10.04 35.83 -1.33
N ILE D 136 8.88 36.51 -1.47
CA ILE D 136 8.19 36.69 -2.75
C ILE D 136 9.01 37.62 -3.67
N ILE D 137 9.59 38.70 -3.10
CA ILE D 137 10.46 39.67 -3.80
C ILE D 137 11.72 38.92 -4.33
N SER D 138 12.30 38.02 -3.50
CA SER D 138 13.46 37.19 -3.82
C SER D 138 13.17 36.26 -5.01
N ARG D 139 12.00 35.58 -4.98
CA ARG D 139 11.56 34.66 -6.02
C ARG D 139 11.36 35.31 -7.39
N VAL D 140 11.04 36.62 -7.40
CA VAL D 140 10.81 37.41 -8.62
C VAL D 140 12.14 37.89 -9.24
N ILE D 141 13.11 38.31 -8.40
CA ILE D 141 14.38 38.83 -8.91
C ILE D 141 15.52 37.80 -8.80
N ASN D 142 15.90 37.41 -7.57
CA ASN D 142 17.02 36.48 -7.31
C ASN D 142 16.84 35.08 -7.92
N ASP D 143 15.62 34.51 -7.86
CA ASP D 143 15.35 33.18 -8.40
C ASP D 143 15.23 33.16 -9.92
N VAL D 144 14.59 34.19 -10.51
CA VAL D 144 14.41 34.32 -11.97
C VAL D 144 15.75 34.64 -12.65
N ASP D 145 16.54 35.59 -12.10
CA ASP D 145 17.86 35.95 -12.64
C ASP D 145 18.83 34.76 -12.56
N ASN D 146 18.61 33.84 -11.61
CA ASN D 146 19.43 32.64 -11.42
C ASN D 146 19.30 31.65 -12.58
N ILE D 147 18.14 31.62 -13.29
CA ILE D 147 17.94 30.67 -14.39
C ILE D 147 18.63 31.18 -15.69
N ASN D 148 19.47 32.23 -15.62
CA ASN D 148 20.23 32.74 -16.76
C ASN D 148 21.36 31.77 -17.15
N ASN D 149 21.66 30.77 -16.28
CA ASN D 149 22.67 29.74 -16.52
C ASN D 149 22.07 28.46 -17.14
N VAL D 150 20.97 28.63 -17.89
CA VAL D 150 20.27 27.61 -18.71
C VAL D 150 19.97 28.25 -20.10
N LEU D 151 20.20 29.58 -20.19
CA LEU D 151 20.00 30.42 -21.36
C LEU D 151 21.31 31.15 -21.73
N GLY D 152 21.29 31.84 -22.88
CA GLY D 152 22.43 32.61 -23.38
C GLY D 152 23.56 31.75 -23.89
N ASN D 153 24.75 31.90 -23.30
CA ASN D 153 25.95 31.14 -23.66
C ASN D 153 25.86 29.68 -23.21
N SER D 154 24.95 29.37 -22.27
CA SER D 154 24.71 28.00 -21.77
C SER D 154 24.12 27.14 -22.90
N ILE D 155 23.26 27.76 -23.75
CA ILE D 155 22.64 27.11 -24.90
C ILE D 155 23.70 26.98 -26.01
N ILE D 156 24.52 28.02 -26.22
CA ILE D 156 25.62 28.07 -27.22
C ILE D 156 26.65 26.98 -26.91
N GLN D 157 27.08 26.86 -25.63
CA GLN D 157 28.04 25.86 -25.16
C GLN D 157 27.51 24.43 -25.32
N PHE D 158 26.20 24.21 -25.04
CA PHE D 158 25.53 22.92 -25.18
C PHE D 158 25.46 22.53 -26.66
N PHE D 159 25.04 23.48 -27.52
CA PHE D 159 24.92 23.32 -28.98
C PHE D 159 26.29 23.00 -29.60
N SER D 160 27.35 23.71 -29.16
CA SER D 160 28.74 23.50 -29.62
C SER D 160 29.30 22.21 -29.06
N GLY D 161 28.88 21.85 -27.85
CA GLY D 161 29.29 20.64 -27.16
C GLY D 161 28.78 19.37 -27.80
N ILE D 162 27.48 19.34 -28.16
CA ILE D 162 26.86 18.17 -28.78
C ILE D 162 27.38 17.94 -30.22
N VAL D 163 27.69 19.02 -30.97
CA VAL D 163 28.20 18.88 -32.33
C VAL D 163 29.66 18.37 -32.30
N THR D 164 30.54 18.95 -31.45
CA THR D 164 31.92 18.52 -31.30
C THR D 164 32.01 17.06 -30.85
N LEU D 165 31.15 16.63 -29.90
CA LEU D 165 31.08 15.26 -29.38
C LEU D 165 30.69 14.27 -30.49
N ALA D 166 29.67 14.62 -31.29
CA ALA D 166 29.19 13.81 -32.41
C ALA D 166 30.24 13.77 -33.53
N GLY D 167 30.92 14.89 -33.73
CA GLY D 167 31.97 15.06 -34.73
C GLY D 167 33.27 14.36 -34.35
N ALA D 168 33.50 14.14 -33.05
CA ALA D 168 34.71 13.48 -32.56
C ALA D 168 34.54 11.97 -32.56
N VAL D 169 33.37 11.48 -32.07
CA VAL D 169 33.04 10.06 -31.98
C VAL D 169 33.07 9.38 -33.39
N ILE D 170 32.70 10.13 -34.46
CA ILE D 170 32.73 9.60 -35.83
C ILE D 170 34.18 9.48 -36.33
N MET D 171 35.07 10.39 -35.87
CA MET D 171 36.50 10.40 -36.24
C MET D 171 37.27 9.30 -35.51
N MET D 172 36.82 8.91 -34.31
CA MET D 172 37.45 7.86 -33.48
C MET D 172 37.31 6.50 -34.14
N PHE D 173 36.08 6.13 -34.56
CA PHE D 173 35.77 4.88 -35.24
C PHE D 173 36.41 4.81 -36.63
N ARG D 174 36.72 6.00 -37.21
CA ARG D 174 37.39 6.18 -38.49
C ARG D 174 38.87 5.78 -38.36
N VAL D 175 39.45 5.98 -37.15
CA VAL D 175 40.84 5.63 -36.82
C VAL D 175 40.89 4.13 -36.44
N ASN D 176 40.31 3.77 -35.27
CA ASN D 176 40.26 2.38 -34.78
C ASN D 176 38.97 2.12 -34.01
N VAL D 177 38.19 1.13 -34.48
CA VAL D 177 36.91 0.71 -33.91
C VAL D 177 37.08 0.04 -32.54
N ILE D 178 38.08 -0.87 -32.41
CA ILE D 178 38.39 -1.63 -31.20
C ILE D 178 38.72 -0.71 -30.01
N LEU D 179 39.58 0.30 -30.23
CA LEU D 179 39.98 1.29 -29.23
C LEU D 179 38.84 2.25 -28.89
N SER D 180 37.93 2.51 -29.86
CA SER D 180 36.77 3.38 -29.69
C SER D 180 35.76 2.81 -28.70
N LEU D 181 35.68 1.47 -28.62
CA LEU D 181 34.81 0.75 -27.69
C LEU D 181 35.35 0.87 -26.26
N VAL D 182 36.69 0.97 -26.12
CA VAL D 182 37.38 1.13 -24.84
C VAL D 182 37.14 2.55 -24.28
N THR D 183 37.21 3.58 -25.15
CA THR D 183 36.96 4.98 -24.78
C THR D 183 35.48 5.22 -24.48
N LEU D 184 34.58 4.46 -25.12
CA LEU D 184 33.14 4.59 -24.87
C LEU D 184 32.72 3.84 -23.60
N SER D 185 33.49 2.81 -23.20
CA SER D 185 33.21 2.03 -22.00
C SER D 185 33.59 2.76 -20.70
N ILE D 186 34.33 3.89 -20.81
CA ILE D 186 34.72 4.72 -19.66
C ILE D 186 33.68 5.83 -19.42
N VAL D 187 32.83 6.10 -20.43
CA VAL D 187 31.75 7.09 -20.41
C VAL D 187 30.72 6.81 -19.28
N PRO D 188 30.22 5.55 -19.05
CA PRO D 188 29.26 5.34 -17.94
C PRO D 188 29.76 5.76 -16.55
N LEU D 189 31.10 5.73 -16.34
CA LEU D 189 31.73 6.14 -15.08
C LEU D 189 31.64 7.65 -14.92
N THR D 190 31.81 8.40 -16.03
CA THR D 190 31.71 9.87 -16.12
C THR D 190 30.25 10.29 -15.84
N VAL D 191 29.28 9.56 -16.43
CA VAL D 191 27.84 9.78 -16.28
C VAL D 191 27.41 9.53 -14.82
N LEU D 192 27.93 8.45 -14.20
CA LEU D 192 27.63 8.09 -12.82
C LEU D 192 28.11 9.13 -11.81
N ILE D 193 29.38 9.62 -11.95
CA ILE D 193 29.93 10.64 -11.05
C ILE D 193 29.23 12.00 -11.23
N THR D 194 28.70 12.27 -12.45
CA THR D 194 27.95 13.49 -12.73
C THR D 194 26.62 13.41 -11.97
N GLN D 195 25.94 12.24 -12.05
CA GLN D 195 24.67 11.97 -11.36
C GLN D 195 24.74 12.18 -9.85
N ILE D 196 25.85 11.73 -9.22
CA ILE D 196 26.09 11.85 -7.78
C ILE D 196 26.28 13.32 -7.37
N VAL D 197 27.17 14.03 -8.10
CA VAL D 197 27.51 15.43 -7.87
C VAL D 197 26.31 16.36 -8.12
N SER D 198 25.63 16.23 -9.30
CA SER D 198 24.47 17.02 -9.72
C SER D 198 23.31 16.96 -8.72
N SER D 199 23.02 15.76 -8.17
CA SER D 199 21.94 15.55 -7.20
C SER D 199 22.21 16.32 -5.90
N GLN D 200 23.49 16.33 -5.46
CA GLN D 200 23.94 17.05 -4.26
C GLN D 200 23.94 18.56 -4.50
N THR D 201 24.33 19.00 -5.73
CA THR D 201 24.36 20.41 -6.13
C THR D 201 22.96 21.03 -6.05
N ARG D 202 21.94 20.31 -6.57
CA ARG D 202 20.53 20.73 -6.57
C ARG D 202 19.96 20.76 -5.14
N LYS D 203 20.37 19.78 -4.30
CA LYS D 203 19.96 19.64 -2.90
C LYS D 203 20.36 20.88 -2.09
N TYR D 204 21.65 21.28 -2.18
CA TYR D 204 22.18 22.44 -1.46
C TYR D 204 21.81 23.77 -2.10
N PHE D 205 21.58 23.80 -3.43
CA PHE D 205 21.21 25.05 -4.09
C PHE D 205 19.75 25.44 -3.84
N TYR D 206 18.84 24.44 -3.74
CA TYR D 206 17.43 24.68 -3.43
C TYR D 206 17.31 25.24 -2.01
N GLU D 207 18.14 24.71 -1.08
CA GLU D 207 18.23 25.16 0.31
C GLU D 207 18.81 26.57 0.37
N ASN D 208 19.84 26.87 -0.46
CA ASN D 208 20.49 28.18 -0.54
C ASN D 208 19.47 29.26 -0.91
N GLN D 209 18.65 28.99 -1.94
CA GLN D 209 17.65 29.93 -2.43
C GLN D 209 16.47 30.10 -1.46
N ARG D 210 16.17 29.07 -0.64
CA ARG D 210 15.11 29.07 0.37
C ARG D 210 15.51 29.91 1.59
N VAL D 211 16.80 29.80 2.00
CA VAL D 211 17.40 30.53 3.14
C VAL D 211 17.59 32.01 2.73
N LEU D 212 17.86 32.25 1.43
CA LEU D 212 18.01 33.59 0.84
C LEU D 212 16.70 34.36 0.97
N GLY D 213 15.58 33.69 0.68
CA GLY D 213 14.24 34.25 0.78
C GLY D 213 13.87 34.60 2.21
N GLN D 214 14.37 33.79 3.17
CA GLN D 214 14.18 33.99 4.62
C GLN D 214 14.90 35.27 5.03
N LEU D 215 16.19 35.40 4.62
CA LEU D 215 17.03 36.57 4.89
C LEU D 215 16.45 37.81 4.23
N ASN D 216 15.90 37.65 3.00
CA ASN D 216 15.24 38.71 2.23
C ASN D 216 13.96 39.16 2.93
N GLY D 217 13.35 38.27 3.69
CA GLY D 217 12.14 38.53 4.47
C GLY D 217 12.41 39.36 5.71
N ILE D 218 13.56 39.11 6.36
CA ILE D 218 14.02 39.81 7.57
C ILE D 218 14.39 41.25 7.24
N ILE D 219 15.27 41.46 6.24
CA ILE D 219 15.71 42.80 5.80
C ILE D 219 14.50 43.67 5.38
N GLU D 220 13.54 43.07 4.65
CA GLU D 220 12.31 43.71 4.18
C GLU D 220 11.41 44.16 5.34
N GLU D 221 11.12 43.26 6.31
CA GLU D 221 10.26 43.54 7.46
C GLU D 221 10.90 44.53 8.43
N ASP D 222 12.21 44.38 8.70
CA ASP D 222 12.94 45.24 9.62
C ASP D 222 13.05 46.68 9.15
N ILE D 223 13.27 46.90 7.82
CA ILE D 223 13.33 48.25 7.24
C ILE D 223 11.95 48.92 7.40
N SER D 224 10.86 48.17 7.11
CA SER D 224 9.49 48.67 7.27
C SER D 224 9.00 48.41 8.71
N GLY D 225 9.63 49.09 9.66
CA GLY D 225 9.34 48.99 11.08
C GLY D 225 10.56 49.29 11.93
N LEU D 226 11.58 49.91 11.30
CA LEU D 226 12.85 50.30 11.91
C LEU D 226 12.65 51.21 13.11
N THR D 227 11.68 52.15 13.04
CA THR D 227 11.34 53.07 14.13
C THR D 227 11.00 52.29 15.41
N VAL D 228 10.17 51.24 15.28
CA VAL D 228 9.74 50.35 16.38
C VAL D 228 10.94 49.58 16.95
N ILE D 229 11.84 49.11 16.08
CA ILE D 229 13.07 48.38 16.45
C ILE D 229 14.00 49.32 17.25
N LYS D 230 14.10 50.59 16.80
CA LYS D 230 14.91 51.63 17.44
C LYS D 230 14.32 52.06 18.78
N LEU D 231 12.98 52.22 18.85
CA LEU D 231 12.23 52.63 20.04
C LEU D 231 12.32 51.63 21.19
N PHE D 232 12.39 50.32 20.85
CA PHE D 232 12.47 49.24 21.84
C PHE D 232 13.89 48.66 21.95
N THR D 233 14.90 49.40 21.41
CA THR D 233 16.33 49.07 21.39
C THR D 233 16.62 47.62 20.92
N ARG D 234 15.76 47.09 20.04
CA ARG D 234 15.86 45.73 19.52
C ARG D 234 16.89 45.56 18.39
N GLU D 235 17.69 46.62 18.12
CA GLU D 235 18.74 46.65 17.09
C GLU D 235 19.71 45.47 17.21
N GLU D 236 20.12 45.12 18.45
CA GLU D 236 21.02 44.00 18.74
C GLU D 236 20.30 42.66 18.63
N LYS D 237 19.08 42.54 19.22
CA LYS D 237 18.30 41.30 19.18
C LYS D 237 17.84 40.93 17.76
N GLU D 238 17.71 41.93 16.88
CA GLU D 238 17.36 41.71 15.47
C GLU D 238 18.61 41.36 14.67
N MET D 239 19.79 41.81 15.15
CA MET D 239 21.08 41.51 14.54
C MET D 239 21.43 40.04 14.76
N GLU D 240 21.20 39.54 16.00
CA GLU D 240 21.46 38.14 16.33
C GLU D 240 20.41 37.22 15.69
N LYS D 241 19.22 37.77 15.37
CA LYS D 241 18.13 37.05 14.68
C LYS D 241 18.58 36.87 13.21
N PHE D 242 19.18 37.93 12.63
CA PHE D 242 19.72 37.99 11.27
C PHE D 242 20.92 37.06 11.14
N ASP D 243 21.86 37.13 12.10
CA ASP D 243 23.09 36.32 12.15
C ASP D 243 22.84 34.82 12.14
N ARG D 244 21.66 34.38 12.63
CA ARG D 244 21.27 32.96 12.65
C ARG D 244 20.99 32.46 11.22
N VAL D 245 20.29 33.30 10.42
CA VAL D 245 19.92 33.01 9.03
C VAL D 245 21.10 33.27 8.08
N ASN D 246 21.91 34.31 8.39
CA ASN D 246 23.09 34.69 7.61
C ASN D 246 24.17 33.59 7.69
N GLU D 247 24.37 32.99 8.89
CA GLU D 247 25.32 31.90 9.13
C GLU D 247 24.83 30.63 8.41
N SER D 248 23.50 30.42 8.38
CA SER D 248 22.87 29.28 7.72
C SER D 248 23.04 29.41 6.19
N LEU D 249 23.01 30.66 5.67
CA LEU D 249 23.20 30.98 4.25
C LEU D 249 24.66 30.75 3.84
N ARG D 250 25.60 31.13 4.73
CA ARG D 250 27.04 30.96 4.53
C ARG D 250 27.40 29.46 4.53
N LYS D 251 26.74 28.67 5.40
CA LYS D 251 26.96 27.23 5.54
C LYS D 251 26.50 26.41 4.33
N VAL D 252 25.27 26.63 3.84
CA VAL D 252 24.72 25.90 2.70
C VAL D 252 25.23 26.47 1.36
N GLY D 253 25.55 27.76 1.33
CA GLY D 253 26.08 28.45 0.16
C GLY D 253 27.45 27.98 -0.25
N THR D 254 28.29 27.62 0.75
CA THR D 254 29.64 27.08 0.56
C THR D 254 29.54 25.66 -0.02
N LYS D 255 28.62 24.84 0.54
CA LYS D 255 28.34 23.46 0.13
C LYS D 255 27.88 23.42 -1.32
N ALA D 256 26.98 24.34 -1.71
CA ALA D 256 26.46 24.45 -3.08
C ALA D 256 27.55 24.89 -4.06
N GLN D 257 28.43 25.83 -3.64
CA GLN D 257 29.54 26.35 -4.45
C GLN D 257 30.63 25.30 -4.67
N ILE D 258 30.90 24.46 -3.64
CA ILE D 258 31.91 23.39 -3.70
C ILE D 258 31.44 22.31 -4.69
N PHE D 259 30.19 21.83 -4.54
CA PHE D 259 29.60 20.82 -5.42
C PHE D 259 29.44 21.29 -6.86
N SER D 260 29.30 22.61 -7.08
CA SER D 260 29.15 23.22 -8.40
C SER D 260 30.41 23.08 -9.28
N GLY D 261 31.59 23.19 -8.66
CA GLY D 261 32.87 23.10 -9.36
C GLY D 261 33.78 21.96 -8.95
N VAL D 262 33.21 20.87 -8.38
CA VAL D 262 33.97 19.70 -7.94
C VAL D 262 34.13 18.68 -9.11
N LEU D 263 33.21 18.73 -10.09
CA LEU D 263 33.21 17.84 -11.25
C LEU D 263 34.41 18.04 -12.21
N PRO D 264 34.79 19.28 -12.68
CA PRO D 264 35.95 19.39 -13.60
C PRO D 264 37.27 18.75 -13.12
N PRO D 265 37.80 18.95 -11.86
CA PRO D 265 39.05 18.26 -11.50
C PRO D 265 38.87 16.74 -11.31
N LEU D 266 37.65 16.31 -10.94
CA LEU D 266 37.29 14.90 -10.77
C LEU D 266 37.26 14.20 -12.12
N MET D 267 36.84 14.95 -13.18
CA MET D 267 36.76 14.50 -14.57
C MET D 267 38.13 14.23 -15.15
N ASN D 268 39.12 15.07 -14.79
CA ASN D 268 40.51 14.98 -15.25
C ASN D 268 41.18 13.72 -14.69
N MET D 269 40.73 13.29 -13.49
CA MET D 269 41.19 12.07 -12.81
C MET D 269 40.63 10.84 -13.57
N VAL D 270 39.35 10.92 -14.00
CA VAL D 270 38.65 9.86 -14.76
C VAL D 270 39.28 9.70 -16.16
N ASN D 271 39.61 10.83 -16.84
CA ASN D 271 40.25 10.86 -18.17
C ASN D 271 41.59 10.14 -18.16
N ASN D 272 42.39 10.34 -17.09
CA ASN D 272 43.70 9.72 -16.89
C ASN D 272 43.62 8.20 -16.76
N LEU D 273 42.52 7.70 -16.16
CA LEU D 273 42.26 6.26 -16.02
C LEU D 273 41.92 5.67 -17.40
N GLY D 274 41.21 6.46 -18.21
CA GLY D 274 40.84 6.12 -19.57
C GLY D 274 42.05 6.12 -20.49
N PHE D 275 42.96 7.10 -20.31
CA PHE D 275 44.21 7.24 -21.08
C PHE D 275 45.15 6.07 -20.80
N ALA D 276 45.22 5.62 -19.52
CA ALA D 276 46.05 4.50 -19.08
C ALA D 276 45.50 3.18 -19.61
N LEU D 277 44.15 3.05 -19.66
CA LEU D 277 43.45 1.86 -20.15
C LEU D 277 43.62 1.68 -21.66
N ILE D 278 43.54 2.78 -22.44
CA ILE D 278 43.72 2.75 -23.90
C ILE D 278 45.20 2.58 -24.27
N SER D 279 46.13 2.93 -23.35
CA SER D 279 47.57 2.75 -23.55
C SER D 279 47.89 1.27 -23.41
N GLY D 280 47.21 0.61 -22.47
CA GLY D 280 47.32 -0.83 -22.22
C GLY D 280 46.68 -1.65 -23.32
N PHE D 281 45.46 -1.25 -23.74
CA PHE D 281 44.71 -1.88 -24.81
C PHE D 281 45.40 -1.68 -26.16
N GLY D 282 45.88 -0.46 -26.40
CA GLY D 282 46.59 -0.07 -27.61
C GLY D 282 47.89 -0.83 -27.79
N GLY D 283 48.61 -1.02 -26.67
CA GLY D 283 49.86 -1.76 -26.60
C GLY D 283 49.64 -3.25 -26.86
N TRP D 284 48.51 -3.78 -26.37
CA TRP D 284 48.08 -5.16 -26.55
C TRP D 284 47.80 -5.48 -28.02
N LEU D 285 47.09 -4.57 -28.71
CA LEU D 285 46.72 -4.68 -30.14
C LEU D 285 47.96 -4.63 -31.03
N ALA D 286 48.97 -3.82 -30.63
CA ALA D 286 50.25 -3.65 -31.34
C ALA D 286 51.06 -4.94 -31.26
N LEU D 287 50.96 -5.67 -30.14
CA LEU D 287 51.64 -6.94 -29.90
C LEU D 287 50.92 -8.11 -30.61
N LYS D 288 49.67 -7.89 -31.07
CA LYS D 288 48.87 -8.89 -31.78
C LYS D 288 48.89 -8.68 -33.32
N ASP D 289 49.74 -7.75 -33.81
CA ASP D 289 49.96 -7.39 -35.22
C ASP D 289 48.74 -6.65 -35.86
N ILE D 290 47.72 -6.28 -35.03
CA ILE D 290 46.52 -5.57 -35.49
C ILE D 290 46.85 -4.12 -35.89
N ILE D 291 47.47 -3.36 -34.97
CA ILE D 291 47.87 -1.96 -35.20
C ILE D 291 49.36 -1.75 -34.92
N THR D 292 49.85 -0.50 -35.04
CA THR D 292 51.25 -0.15 -34.78
C THR D 292 51.35 0.76 -33.53
N VAL D 293 52.58 1.16 -33.16
CA VAL D 293 52.87 2.04 -32.02
C VAL D 293 52.35 3.46 -32.30
N GLY D 294 52.49 3.90 -33.56
CA GLY D 294 52.05 5.21 -34.04
C GLY D 294 50.54 5.42 -33.95
N THR D 295 49.77 4.33 -34.11
CA THR D 295 48.30 4.33 -34.03
C THR D 295 47.82 4.66 -32.60
N ILE D 296 48.57 4.18 -31.57
CA ILE D 296 48.27 4.45 -30.15
C ILE D 296 48.42 5.96 -29.87
N ALA D 297 49.54 6.55 -30.36
CA ALA D 297 49.86 7.97 -30.23
C ALA D 297 48.86 8.86 -30.98
N THR D 298 48.25 8.31 -32.06
CA THR D 298 47.25 9.00 -32.87
C THR D 298 45.89 8.96 -32.17
N PHE D 299 45.52 7.78 -31.62
CA PHE D 299 44.23 7.60 -30.93
C PHE D 299 44.12 8.43 -29.66
N ILE D 300 45.24 8.69 -28.95
CA ILE D 300 45.24 9.52 -27.74
C ILE D 300 44.90 10.99 -28.10
N GLY D 301 45.25 11.40 -29.32
CA GLY D 301 44.96 12.72 -29.86
C GLY D 301 43.49 12.87 -30.21
N TYR D 302 42.90 11.80 -30.81
CA TYR D 302 41.49 11.75 -31.20
C TYR D 302 40.55 11.56 -30.01
N SER D 303 41.05 10.93 -28.92
CA SER D 303 40.25 10.72 -27.70
C SER D 303 40.12 12.04 -26.93
N ARG D 304 41.14 12.91 -27.03
CA ARG D 304 41.18 14.24 -26.42
C ARG D 304 40.11 15.15 -27.01
N GLN D 305 39.80 14.97 -28.31
CA GLN D 305 38.77 15.71 -29.03
C GLN D 305 37.36 15.24 -28.65
N PHE D 306 37.25 14.07 -27.98
CA PHE D 306 36.00 13.47 -27.52
C PHE D 306 35.76 13.73 -26.03
N THR D 307 36.82 13.63 -25.21
CA THR D 307 36.76 13.85 -23.76
C THR D 307 36.46 15.31 -23.42
N ARG D 308 37.04 16.27 -24.19
CA ARG D 308 36.84 17.71 -24.02
C ARG D 308 35.33 18.07 -24.04
N PRO D 309 34.52 17.78 -25.11
CA PRO D 309 33.08 18.10 -25.05
C PRO D 309 32.28 17.25 -24.05
N LEU D 310 32.71 15.99 -23.79
CA LEU D 310 32.04 15.07 -22.85
C LEU D 310 32.09 15.63 -21.43
N ASN D 311 33.25 16.17 -21.01
CA ASN D 311 33.44 16.77 -19.69
C ASN D 311 32.73 18.13 -19.63
N GLU D 312 32.77 18.88 -20.75
CA GLU D 312 32.12 20.20 -20.90
C GLU D 312 30.60 20.07 -20.74
N LEU D 313 29.99 19.05 -21.38
CA LEU D 313 28.55 18.79 -21.30
C LEU D 313 28.14 18.27 -19.93
N SER D 314 29.01 17.45 -19.29
CA SER D 314 28.78 16.91 -17.95
C SER D 314 28.87 18.01 -16.89
N ASN D 315 29.83 18.95 -17.07
CA ASN D 315 30.00 20.11 -16.18
C ASN D 315 28.82 21.06 -16.35
N GLN D 316 28.32 21.21 -17.61
CA GLN D 316 27.15 22.05 -17.93
C GLN D 316 25.90 21.50 -17.25
N PHE D 317 25.81 20.16 -17.09
CA PHE D 317 24.70 19.50 -16.42
C PHE D 317 24.71 19.80 -14.92
N ASN D 318 25.91 19.96 -14.33
CA ASN D 318 26.09 20.29 -12.92
C ASN D 318 25.77 21.77 -12.67
N MET D 319 26.04 22.62 -13.67
CA MET D 319 25.79 24.07 -13.61
C MET D 319 24.31 24.41 -13.74
N ILE D 320 23.56 23.67 -14.60
CA ILE D 320 22.12 23.91 -14.82
C ILE D 320 21.27 23.50 -13.59
N GLN D 321 21.90 22.91 -12.55
CA GLN D 321 21.23 22.52 -11.30
C GLN D 321 20.85 23.78 -10.51
N MET D 322 21.61 24.88 -10.69
CA MET D 322 21.38 26.19 -10.08
C MET D 322 20.09 26.78 -10.61
N ALA D 323 19.85 26.63 -11.93
CA ALA D 323 18.65 27.10 -12.62
C ALA D 323 17.47 26.21 -12.26
N LEU D 324 17.70 24.88 -12.21
CA LEU D 324 16.68 23.87 -11.89
C LEU D 324 16.13 23.96 -10.48
N ALA D 325 17.00 24.27 -9.48
CA ALA D 325 16.59 24.42 -8.09
C ALA D 325 15.77 25.71 -7.93
N SER D 326 16.17 26.80 -8.64
CA SER D 326 15.50 28.10 -8.65
C SER D 326 14.18 28.03 -9.41
N ALA D 327 14.11 27.20 -10.48
CA ALA D 327 12.92 26.98 -11.31
C ALA D 327 11.78 26.41 -10.46
N GLU D 328 12.12 25.50 -9.52
CA GLU D 328 11.18 24.88 -8.58
C GLU D 328 10.52 25.98 -7.74
N ARG D 329 11.33 26.92 -7.22
CA ARG D 329 10.91 28.09 -6.42
C ARG D 329 10.02 29.03 -7.24
N ILE D 330 10.28 29.16 -8.55
CA ILE D 330 9.49 29.99 -9.48
C ILE D 330 8.14 29.31 -9.71
N PHE D 331 8.15 28.01 -10.10
CA PHE D 331 6.95 27.22 -10.38
C PHE D 331 6.04 27.05 -9.16
N GLU D 332 6.62 27.08 -7.94
CA GLU D 332 5.86 26.96 -6.67
C GLU D 332 4.78 28.03 -6.55
N ILE D 333 5.11 29.27 -6.96
CA ILE D 333 4.22 30.44 -6.97
C ILE D 333 3.19 30.28 -8.11
N LEU D 334 3.62 29.74 -9.26
CA LEU D 334 2.79 29.55 -10.44
C LEU D 334 1.72 28.45 -10.30
N ASP D 335 1.85 27.55 -9.30
CA ASP D 335 0.86 26.49 -9.06
C ASP D 335 0.12 26.66 -7.72
N LEU D 336 -0.28 27.90 -7.41
CA LEU D 336 -1.04 28.23 -6.19
C LEU D 336 -2.52 28.36 -6.55
N GLU D 337 -3.40 27.77 -5.73
CA GLU D 337 -4.85 27.84 -5.96
C GLU D 337 -5.37 29.29 -5.89
N GLU D 338 -5.50 29.92 -7.07
CA GLU D 338 -5.91 31.30 -7.25
C GLU D 338 -7.43 31.52 -7.15
N GLU D 339 -7.85 32.79 -6.88
CA GLU D 339 -9.25 33.21 -6.79
C GLU D 339 -9.90 33.07 -8.17
N LYS D 340 -10.98 32.28 -8.25
CA LYS D 340 -11.69 32.04 -9.51
C LYS D 340 -13.16 32.40 -9.42
N ASP D 341 -13.69 33.00 -10.48
CA ASP D 341 -15.10 33.38 -10.61
C ASP D 341 -15.92 32.17 -11.06
N ASP D 342 -17.23 32.15 -10.74
CA ASP D 342 -18.16 31.07 -11.11
C ASP D 342 -18.29 30.96 -12.65
N PRO D 343 -18.38 29.74 -13.25
CA PRO D 343 -18.50 29.64 -14.72
C PRO D 343 -19.73 30.34 -15.30
N ASP D 344 -20.82 30.43 -14.52
CA ASP D 344 -22.08 31.09 -14.90
C ASP D 344 -22.31 32.39 -14.10
N ALA D 345 -21.22 33.10 -13.75
CA ALA D 345 -21.25 34.34 -12.98
C ALA D 345 -21.84 35.51 -13.79
N VAL D 346 -22.65 36.34 -13.12
CA VAL D 346 -23.33 37.50 -13.73
C VAL D 346 -22.67 38.84 -13.33
N GLU D 347 -22.77 39.85 -14.22
CA GLU D 347 -22.26 41.20 -14.02
C GLU D 347 -23.40 42.08 -13.52
N LEU D 348 -23.16 42.80 -12.41
CA LEU D 348 -24.16 43.68 -11.79
C LEU D 348 -24.39 44.96 -12.60
N ARG D 349 -25.58 45.07 -13.22
CA ARG D 349 -26.01 46.22 -14.03
C ARG D 349 -27.11 46.97 -13.29
N GLU D 350 -27.03 48.33 -13.30
CA GLU D 350 -27.97 49.25 -12.64
C GLU D 350 -28.06 48.95 -11.12
N VAL D 351 -26.93 49.15 -10.44
CA VAL D 351 -26.74 48.89 -9.01
C VAL D 351 -27.60 49.81 -8.15
N ARG D 352 -28.29 49.21 -7.14
CA ARG D 352 -29.16 49.89 -6.18
C ARG D 352 -28.47 49.91 -4.81
N GLY D 353 -27.96 48.75 -4.40
CA GLY D 353 -27.28 48.55 -3.13
C GLY D 353 -28.09 47.74 -2.14
N GLU D 354 -28.87 46.75 -2.65
CA GLU D 354 -29.71 45.88 -1.82
C GLU D 354 -28.86 44.77 -1.20
N ILE D 355 -28.11 45.14 -0.14
CA ILE D 355 -27.22 44.26 0.61
C ILE D 355 -27.94 43.55 1.75
N GLU D 356 -27.77 42.22 1.82
CA GLU D 356 -28.40 41.33 2.80
C GLU D 356 -27.48 40.18 3.22
N PHE D 357 -27.57 39.77 4.49
CA PHE D 357 -26.83 38.67 5.10
C PHE D 357 -27.87 37.66 5.60
N LYS D 358 -27.69 36.37 5.27
CA LYS D 358 -28.63 35.32 5.67
C LYS D 358 -27.94 34.14 6.37
N ASN D 359 -28.03 34.12 7.73
CA ASN D 359 -27.47 33.10 8.62
C ASN D 359 -25.99 32.80 8.32
N VAL D 360 -25.17 33.86 8.20
CA VAL D 360 -23.75 33.80 7.85
C VAL D 360 -22.88 33.40 9.06
N TRP D 361 -22.03 32.38 8.85
CA TRP D 361 -21.06 31.86 9.82
C TRP D 361 -19.67 31.92 9.17
N PHE D 362 -18.67 32.45 9.90
CA PHE D 362 -17.30 32.52 9.36
C PHE D 362 -16.22 32.32 10.42
N SER D 363 -15.16 31.57 10.05
CA SER D 363 -13.99 31.26 10.89
C SER D 363 -12.73 31.48 10.05
N TYR D 364 -11.73 32.20 10.61
CA TYR D 364 -10.46 32.44 9.90
C TYR D 364 -9.57 31.21 9.98
N ASP D 365 -9.38 30.68 11.19
CA ASP D 365 -8.57 29.48 11.50
C ASP D 365 -9.26 28.20 11.02
N LYS D 366 -10.60 28.25 10.86
CA LYS D 366 -11.51 27.16 10.47
C LYS D 366 -11.59 26.09 11.58
N LYS D 367 -11.41 26.53 12.85
CA LYS D 367 -11.48 25.71 14.06
C LYS D 367 -12.60 26.24 14.97
N LYS D 368 -12.56 27.55 15.30
CA LYS D 368 -13.56 28.24 16.11
C LYS D 368 -14.12 29.45 15.32
N PRO D 369 -15.46 29.68 15.30
CA PRO D 369 -15.99 30.79 14.49
C PRO D 369 -15.83 32.19 15.07
N VAL D 370 -15.59 33.17 14.17
CA VAL D 370 -15.46 34.59 14.45
C VAL D 370 -16.87 35.21 14.38
N LEU D 371 -17.64 34.85 13.33
CA LEU D 371 -19.03 35.30 13.13
C LEU D 371 -19.98 34.11 13.30
N LYS D 372 -21.06 34.31 14.08
CA LYS D 372 -22.05 33.27 14.38
C LYS D 372 -23.48 33.70 14.00
N ASP D 373 -24.06 33.03 12.98
CA ASP D 373 -25.43 33.23 12.46
C ASP D 373 -25.78 34.72 12.21
N ILE D 374 -24.87 35.45 11.55
CA ILE D 374 -25.03 36.86 11.22
C ILE D 374 -26.10 37.00 10.12
N THR D 375 -27.26 37.58 10.49
CA THR D 375 -28.38 37.77 9.58
C THR D 375 -28.99 39.18 9.75
N PHE D 376 -29.01 39.97 8.64
CA PHE D 376 -29.54 41.33 8.58
C PHE D 376 -29.87 41.76 7.13
N HIS D 377 -30.81 42.70 6.96
CA HIS D 377 -31.22 43.22 5.65
C HIS D 377 -31.11 44.74 5.57
N ILE D 378 -30.48 45.24 4.49
CA ILE D 378 -30.29 46.67 4.21
C ILE D 378 -30.95 47.05 2.89
N LYS D 379 -31.91 47.98 2.93
CA LYS D 379 -32.62 48.48 1.75
C LYS D 379 -31.76 49.53 1.01
N PRO D 380 -31.86 49.66 -0.34
CA PRO D 380 -31.00 50.62 -1.06
C PRO D 380 -31.16 52.09 -0.64
N GLY D 381 -30.02 52.78 -0.52
CA GLY D 381 -29.96 54.19 -0.17
C GLY D 381 -29.75 54.54 1.29
N GLN D 382 -30.17 53.67 2.22
CA GLN D 382 -30.04 53.95 3.65
C GLN D 382 -28.61 53.79 4.19
N LYS D 383 -28.24 54.68 5.12
CA LYS D 383 -26.95 54.74 5.80
C LYS D 383 -27.04 53.92 7.10
N VAL D 384 -26.38 52.75 7.11
CA VAL D 384 -26.37 51.79 8.22
C VAL D 384 -25.05 51.86 9.01
N ALA D 385 -25.16 51.81 10.34
CA ALA D 385 -24.02 51.82 11.27
C ALA D 385 -23.77 50.43 11.85
N LEU D 386 -22.48 50.04 11.95
CA LEU D 386 -22.07 48.73 12.48
C LEU D 386 -21.13 48.94 13.67
N VAL D 387 -21.71 48.96 14.89
CA VAL D 387 -20.99 49.20 16.15
C VAL D 387 -20.86 47.89 16.97
N GLY D 388 -19.79 47.81 17.75
CA GLY D 388 -19.49 46.67 18.62
C GLY D 388 -18.15 46.79 19.33
N PRO D 389 -17.83 45.89 20.30
CA PRO D 389 -16.54 46.01 20.98
C PRO D 389 -15.34 45.51 20.16
N THR D 390 -14.12 45.73 20.69
CA THR D 390 -12.85 45.35 20.06
C THR D 390 -12.74 43.81 19.93
N GLY D 391 -12.72 43.36 18.67
CA GLY D 391 -12.63 41.95 18.32
C GLY D 391 -13.98 41.28 18.13
N SER D 392 -15.05 42.10 17.99
CA SER D 392 -16.43 41.65 17.80
C SER D 392 -16.65 40.93 16.48
N GLY D 393 -16.06 41.46 15.41
CA GLY D 393 -16.17 40.91 14.06
C GLY D 393 -16.83 41.87 13.08
N LYS D 394 -16.62 43.20 13.29
CA LYS D 394 -17.17 44.26 12.45
C LYS D 394 -16.48 44.31 11.09
N THR D 395 -15.13 44.28 11.09
CA THR D 395 -14.30 44.28 9.88
C THR D 395 -14.50 42.99 9.10
N THR D 396 -14.79 41.86 9.81
CA THR D 396 -15.06 40.54 9.23
C THR D 396 -16.31 40.57 8.33
N ILE D 397 -17.40 41.22 8.80
CA ILE D 397 -18.67 41.39 8.06
C ILE D 397 -18.39 42.07 6.71
N VAL D 398 -17.58 43.15 6.76
CA VAL D 398 -17.15 43.96 5.62
C VAL D 398 -16.25 43.17 4.66
N ASN D 399 -15.22 42.47 5.21
CA ASN D 399 -14.28 41.65 4.45
C ASN D 399 -14.97 40.55 3.64
N LEU D 400 -16.13 40.06 4.15
CA LEU D 400 -16.95 39.03 3.48
C LEU D 400 -17.76 39.66 2.35
N LEU D 401 -18.19 40.93 2.51
CA LEU D 401 -18.96 41.69 1.52
C LEU D 401 -18.08 42.08 0.33
N MET D 402 -16.77 42.28 0.58
CA MET D 402 -15.77 42.60 -0.43
C MET D 402 -15.31 41.31 -1.15
N ARG D 403 -15.69 40.15 -0.58
CA ARG D 403 -15.40 38.79 -1.02
C ARG D 403 -13.88 38.50 -1.04
N PHE D 404 -13.17 39.01 -0.01
CA PHE D 404 -11.74 38.76 0.18
C PHE D 404 -11.60 37.35 0.77
N TYR D 405 -12.63 36.94 1.52
CA TYR D 405 -12.78 35.64 2.17
C TYR D 405 -14.20 35.12 1.85
N ASP D 406 -14.39 33.79 1.82
CA ASP D 406 -15.70 33.21 1.54
C ASP D 406 -16.31 32.52 2.76
N VAL D 407 -17.63 32.72 2.95
CA VAL D 407 -18.48 32.24 4.05
C VAL D 407 -18.40 30.70 4.21
N ASP D 408 -18.39 30.23 5.48
CA ASP D 408 -18.38 28.80 5.81
C ASP D 408 -19.78 28.22 5.54
N ARG D 409 -20.81 28.83 6.14
CA ARG D 409 -22.22 28.48 5.96
C ARG D 409 -23.11 29.72 6.12
N GLY D 410 -23.73 30.11 5.02
CA GLY D 410 -24.58 31.29 4.93
C GLY D 410 -24.57 31.91 3.55
N GLN D 411 -25.43 32.92 3.34
CA GLN D 411 -25.53 33.60 2.05
C GLN D 411 -25.51 35.12 2.15
N ILE D 412 -24.69 35.77 1.30
CA ILE D 412 -24.61 37.23 1.21
C ILE D 412 -25.26 37.61 -0.12
N LEU D 413 -26.30 38.45 -0.06
CA LEU D 413 -27.02 38.87 -1.26
C LEU D 413 -26.90 40.36 -1.54
N VAL D 414 -26.31 40.70 -2.70
CA VAL D 414 -26.16 42.08 -3.15
C VAL D 414 -27.05 42.24 -4.37
N ASP D 415 -28.04 43.15 -4.28
CA ASP D 415 -29.06 43.44 -5.30
C ASP D 415 -30.00 42.23 -5.56
N GLY D 416 -30.11 41.35 -4.55
CA GLY D 416 -30.94 40.15 -4.60
C GLY D 416 -30.27 38.94 -5.22
N ILE D 417 -28.96 39.05 -5.53
CA ILE D 417 -28.15 37.97 -6.12
C ILE D 417 -27.06 37.55 -5.13
N ASP D 418 -26.80 36.22 -5.04
CA ASP D 418 -25.76 35.66 -4.17
C ASP D 418 -24.38 36.19 -4.58
N ILE D 419 -23.54 36.51 -3.58
CA ILE D 419 -22.19 37.07 -3.74
C ILE D 419 -21.26 36.15 -4.57
N ARG D 420 -21.46 34.81 -4.48
CA ARG D 420 -20.68 33.81 -5.20
C ARG D 420 -21.07 33.75 -6.70
N LYS D 421 -22.29 34.23 -7.03
CA LYS D 421 -22.82 34.26 -8.40
C LYS D 421 -22.50 35.57 -9.13
N ILE D 422 -22.05 36.60 -8.39
CA ILE D 422 -21.65 37.90 -8.96
C ILE D 422 -20.14 37.85 -9.27
N LYS D 423 -19.74 38.42 -10.43
CA LYS D 423 -18.34 38.49 -10.85
C LYS D 423 -17.61 39.47 -9.94
N ARG D 424 -16.45 39.05 -9.37
CA ARG D 424 -15.60 39.85 -8.47
C ARG D 424 -15.29 41.24 -9.04
N SER D 425 -15.15 41.33 -10.37
CA SER D 425 -14.87 42.56 -11.13
C SER D 425 -15.99 43.59 -10.94
N SER D 426 -17.26 43.13 -11.04
CA SER D 426 -18.45 43.96 -10.89
C SER D 426 -18.76 44.30 -9.44
N LEU D 427 -18.61 43.30 -8.52
CA LEU D 427 -18.88 43.44 -7.09
C LEU D 427 -18.01 44.52 -6.44
N ARG D 428 -16.69 44.48 -6.70
CA ARG D 428 -15.71 45.44 -6.18
C ARG D 428 -15.79 46.82 -6.87
N SER D 429 -16.52 46.90 -8.00
CA SER D 429 -16.75 48.13 -8.75
C SER D 429 -17.94 48.88 -8.15
N SER D 430 -18.92 48.13 -7.61
CA SER D 430 -20.13 48.65 -6.99
C SER D 430 -19.88 49.03 -5.53
N ILE D 431 -18.93 48.33 -4.86
CA ILE D 431 -18.60 48.53 -3.45
C ILE D 431 -17.22 49.20 -3.26
N GLY D 432 -17.20 50.27 -2.46
CA GLY D 432 -16.01 51.02 -2.08
C GLY D 432 -15.70 50.85 -0.60
N ILE D 433 -14.41 50.94 -0.23
CA ILE D 433 -14.00 50.73 1.16
C ILE D 433 -12.86 51.66 1.61
N VAL D 434 -13.02 52.24 2.83
CA VAL D 434 -12.02 53.05 3.53
C VAL D 434 -11.61 52.09 4.65
N LEU D 435 -10.54 51.32 4.42
CA LEU D 435 -10.00 50.29 5.33
C LEU D 435 -9.58 50.86 6.68
N GLN D 436 -9.67 50.03 7.76
CA GLN D 436 -9.31 50.38 9.13
C GLN D 436 -7.88 50.94 9.20
N ASP D 437 -6.94 50.27 8.50
CA ASP D 437 -5.55 50.70 8.37
C ASP D 437 -5.39 51.36 7.01
N THR D 438 -5.13 52.67 7.00
CA THR D 438 -4.98 53.47 5.79
C THR D 438 -3.65 53.16 5.09
N ILE D 439 -3.74 52.73 3.81
CA ILE D 439 -2.58 52.38 2.98
C ILE D 439 -2.53 53.37 1.80
N LEU D 440 -1.46 54.17 1.74
CA LEU D 440 -1.25 55.14 0.65
C LEU D 440 -0.07 54.71 -0.25
N PHE D 441 0.09 55.37 -1.41
CA PHE D 441 1.15 55.03 -2.35
C PHE D 441 2.22 56.12 -2.49
N SER D 442 3.41 55.74 -2.96
CA SER D 442 4.57 56.62 -3.15
C SER D 442 4.54 57.38 -4.50
N THR D 443 3.49 58.21 -4.71
CA THR D 443 3.29 59.05 -5.91
C THR D 443 2.77 60.43 -5.48
N THR D 444 2.31 61.25 -6.46
CA THR D 444 1.75 62.58 -6.21
C THR D 444 0.43 62.46 -5.47
N VAL D 445 0.04 63.52 -4.73
CA VAL D 445 -1.21 63.59 -3.96
C VAL D 445 -2.40 63.41 -4.93
N LYS D 446 -2.31 64.03 -6.14
CA LYS D 446 -3.30 63.94 -7.21
C LYS D 446 -3.50 62.48 -7.64
N GLU D 447 -2.39 61.76 -7.95
CA GLU D 447 -2.43 60.36 -8.37
C GLU D 447 -2.94 59.41 -7.29
N ASN D 448 -2.68 59.72 -6.01
CA ASN D 448 -3.14 58.93 -4.86
C ASN D 448 -4.66 59.03 -4.73
N LEU D 449 -5.22 60.21 -5.04
CA LEU D 449 -6.65 60.50 -4.99
C LEU D 449 -7.35 60.01 -6.27
N LYS D 450 -6.63 60.02 -7.41
CA LYS D 450 -7.10 59.58 -8.73
C LYS D 450 -7.24 58.06 -8.82
N TYR D 451 -6.61 57.30 -7.89
CA TYR D 451 -6.69 55.84 -7.80
C TYR D 451 -8.14 55.45 -7.48
N GLY D 452 -8.69 54.48 -8.22
CA GLY D 452 -10.07 54.06 -8.03
C GLY D 452 -11.03 54.62 -9.05
N ASN D 453 -10.69 55.79 -9.64
CA ASN D 453 -11.41 56.49 -10.69
C ASN D 453 -10.41 57.36 -11.49
N PRO D 454 -9.63 56.75 -12.43
CA PRO D 454 -8.62 57.53 -13.17
C PRO D 454 -9.21 58.61 -14.09
N GLY D 455 -10.48 58.44 -14.47
CA GLY D 455 -11.21 59.38 -15.30
C GLY D 455 -11.93 60.44 -14.49
N ALA D 456 -11.19 61.12 -13.60
CA ALA D 456 -11.68 62.20 -12.73
C ALA D 456 -10.92 63.48 -13.05
N THR D 457 -11.65 64.57 -13.36
CA THR D 457 -11.06 65.87 -13.70
C THR D 457 -10.37 66.52 -12.51
N ASP D 458 -9.36 67.37 -12.78
CA ASP D 458 -8.60 68.11 -11.77
C ASP D 458 -9.52 68.94 -10.87
N GLU D 459 -10.63 69.46 -11.45
CA GLU D 459 -11.68 70.23 -10.79
C GLU D 459 -12.46 69.34 -9.80
N GLU D 460 -12.79 68.10 -10.22
CA GLU D 460 -13.52 67.11 -9.41
C GLU D 460 -12.69 66.67 -8.21
N ILE D 461 -11.36 66.54 -8.40
CA ILE D 461 -10.41 66.16 -7.35
C ILE D 461 -10.29 67.31 -6.33
N LYS D 462 -10.15 68.56 -6.81
CA LYS D 462 -10.06 69.79 -5.99
C LYS D 462 -11.34 70.02 -5.18
N GLU D 463 -12.51 69.75 -5.77
CA GLU D 463 -13.81 69.91 -5.11
C GLU D 463 -14.04 68.86 -4.03
N ALA D 464 -13.61 67.60 -4.27
CA ALA D 464 -13.75 66.48 -3.35
C ALA D 464 -12.83 66.64 -2.14
N ALA D 465 -11.61 67.16 -2.34
CA ALA D 465 -10.64 67.41 -1.28
C ALA D 465 -11.11 68.56 -0.37
N LYS D 466 -11.72 69.61 -0.96
CA LYS D 466 -12.27 70.76 -0.27
C LYS D 466 -13.40 70.36 0.67
N LEU D 467 -14.21 69.37 0.24
CA LEU D 467 -15.36 68.83 0.96
C LEU D 467 -14.96 68.13 2.27
N THR D 468 -13.89 67.30 2.24
CA THR D 468 -13.38 66.54 3.39
C THR D 468 -12.27 67.28 4.15
N HIS D 469 -12.10 68.61 3.89
CA HIS D 469 -11.09 69.51 4.47
C HIS D 469 -9.65 69.00 4.28
N SER D 470 -9.42 68.29 3.15
CA SER D 470 -8.12 67.73 2.76
C SER D 470 -7.29 68.77 2.01
N ASP D 471 -7.96 69.58 1.14
CA ASP D 471 -7.38 70.64 0.29
C ASP D 471 -6.46 71.63 1.03
N HIS D 472 -6.76 71.88 2.33
CA HIS D 472 -6.07 72.79 3.26
C HIS D 472 -4.56 72.52 3.41
N PHE D 473 -4.19 71.27 3.74
CA PHE D 473 -2.79 70.84 3.91
C PHE D 473 -2.10 70.44 2.60
N ILE D 474 -2.91 70.06 1.56
CA ILE D 474 -2.40 69.68 0.24
C ILE D 474 -1.75 70.89 -0.45
N LYS D 475 -2.40 72.08 -0.35
CA LYS D 475 -1.92 73.34 -0.91
C LYS D 475 -0.62 73.81 -0.22
N HIS D 476 -0.50 73.53 1.10
CA HIS D 476 0.65 73.88 1.94
C HIS D 476 1.93 73.12 1.58
N LEU D 477 1.81 71.99 0.84
CA LEU D 477 2.92 71.16 0.39
C LEU D 477 3.80 71.88 -0.68
N PRO D 478 5.09 71.52 -0.86
CA PRO D 478 5.95 72.26 -1.81
C PRO D 478 5.52 72.26 -3.29
N GLU D 479 4.79 71.22 -3.76
CA GLU D 479 4.34 71.12 -5.15
C GLU D 479 2.81 71.06 -5.28
N GLY D 480 2.10 71.17 -4.15
CA GLY D 480 0.64 71.12 -4.09
C GLY D 480 0.13 69.71 -4.22
N TYR D 481 -0.71 69.46 -5.24
CA TYR D 481 -1.26 68.13 -5.53
C TYR D 481 -0.21 67.26 -6.23
N GLU D 482 0.81 67.90 -6.82
CA GLU D 482 1.91 67.24 -7.53
C GLU D 482 3.09 66.89 -6.60
N THR D 483 2.89 67.00 -5.27
CA THR D 483 3.91 66.67 -4.27
C THR D 483 4.03 65.16 -4.15
N VAL D 484 5.21 64.62 -4.48
CA VAL D 484 5.47 63.18 -4.42
C VAL D 484 5.57 62.74 -2.94
N LEU D 485 4.74 61.76 -2.57
CA LEU D 485 4.68 61.22 -1.21
C LEU D 485 5.69 60.10 -1.01
N THR D 486 6.12 59.92 0.26
CA THR D 486 7.05 58.87 0.69
C THR D 486 6.28 57.53 0.70
N ASP D 487 6.97 56.37 0.81
CA ASP D 487 6.28 55.07 0.83
C ASP D 487 5.27 55.00 1.95
N ASN D 488 3.99 54.70 1.58
CA ASN D 488 2.79 54.63 2.42
C ASN D 488 2.29 56.02 2.87
N GLY D 489 2.89 57.08 2.33
CA GLY D 489 2.55 58.47 2.62
C GLY D 489 2.80 58.89 4.05
N GLU D 490 3.95 58.46 4.62
CA GLU D 490 4.33 58.76 6.00
C GLU D 490 4.80 60.21 6.21
N ASP D 491 4.94 61.00 5.11
CA ASP D 491 5.33 62.41 5.18
C ASP D 491 4.11 63.34 5.47
N LEU D 492 3.07 62.75 6.10
CA LEU D 492 1.82 63.40 6.54
C LEU D 492 1.45 62.87 7.92
N SER D 493 0.51 63.55 8.60
CA SER D 493 0.01 63.10 9.92
C SER D 493 -0.97 61.95 9.72
N GLN D 494 -1.15 61.09 10.74
CA GLN D 494 -2.05 59.93 10.67
C GLN D 494 -3.49 60.29 10.28
N GLY D 495 -4.00 61.39 10.84
CA GLY D 495 -5.33 61.92 10.53
C GLY D 495 -5.44 62.43 9.10
N GLN D 496 -4.38 63.11 8.61
CA GLN D 496 -4.28 63.66 7.26
C GLN D 496 -4.28 62.54 6.20
N ARG D 497 -3.71 61.37 6.55
CA ARG D 497 -3.65 60.19 5.68
C ARG D 497 -5.05 59.60 5.52
N GLN D 498 -5.87 59.65 6.60
CA GLN D 498 -7.25 59.17 6.61
C GLN D 498 -8.15 60.04 5.74
N LEU D 499 -7.93 61.37 5.78
CA LEU D 499 -8.67 62.37 4.98
C LEU D 499 -8.47 62.12 3.50
N LEU D 500 -7.25 61.71 3.10
CA LEU D 500 -6.90 61.37 1.73
C LEU D 500 -7.59 60.05 1.32
N ALA D 501 -7.69 59.09 2.27
CA ALA D 501 -8.34 57.78 2.05
C ALA D 501 -9.83 57.95 1.85
N ILE D 502 -10.46 58.89 2.61
CA ILE D 502 -11.89 59.22 2.51
C ILE D 502 -12.15 59.89 1.14
N THR D 503 -11.29 60.85 0.74
CA THR D 503 -11.39 61.56 -0.54
C THR D 503 -11.27 60.59 -1.73
N ARG D 504 -10.28 59.66 -1.69
CA ARG D 504 -10.03 58.64 -2.71
C ARG D 504 -11.24 57.73 -2.93
N ALA D 505 -11.91 57.32 -1.82
CA ALA D 505 -13.10 56.47 -1.84
C ALA D 505 -14.32 57.21 -2.41
N PHE D 506 -14.48 58.51 -2.04
CA PHE D 506 -15.59 59.34 -2.54
C PHE D 506 -15.43 59.68 -4.01
N LEU D 507 -14.17 59.84 -4.47
CA LEU D 507 -13.82 60.11 -5.87
C LEU D 507 -14.10 58.89 -6.74
N ALA D 508 -13.99 57.67 -6.16
CA ALA D 508 -14.27 56.40 -6.83
C ALA D 508 -15.76 56.25 -7.16
N ASN D 509 -16.62 57.02 -6.45
CA ASN D 509 -18.08 57.09 -6.58
C ASN D 509 -18.76 55.69 -6.59
N PRO D 510 -18.69 54.90 -5.48
CA PRO D 510 -19.36 53.59 -5.49
C PRO D 510 -20.82 53.66 -5.03
N LYS D 511 -21.67 52.74 -5.49
CA LYS D 511 -23.08 52.70 -5.08
C LYS D 511 -23.19 52.27 -3.61
N ILE D 512 -22.26 51.39 -3.16
CA ILE D 512 -22.14 50.91 -1.77
C ILE D 512 -20.79 51.42 -1.25
N LEU D 513 -20.78 52.16 -0.12
CA LEU D 513 -19.54 52.68 0.46
C LEU D 513 -19.37 52.21 1.89
N ILE D 514 -18.15 51.77 2.25
CA ILE D 514 -17.87 51.32 3.61
C ILE D 514 -16.82 52.23 4.28
N LEU D 515 -17.20 52.81 5.44
CA LEU D 515 -16.36 53.72 6.22
C LEU D 515 -15.90 53.07 7.53
N ASP D 516 -15.14 51.97 7.43
CA ASP D 516 -14.61 51.21 8.58
C ASP D 516 -13.53 52.01 9.30
N ALA D 517 -13.88 52.55 10.49
CA ALA D 517 -13.01 53.37 11.36
C ALA D 517 -12.25 54.46 10.58
N ALA D 518 -12.97 55.17 9.68
CA ALA D 518 -12.45 56.22 8.79
C ALA D 518 -11.90 57.46 9.50
N THR D 519 -12.41 57.77 10.71
CA THR D 519 -11.97 58.94 11.48
C THR D 519 -11.38 58.53 12.86
N SER D 520 -10.46 57.55 12.85
CA SER D 520 -9.79 57.05 14.06
C SER D 520 -8.84 58.12 14.63
N ASN D 521 -8.01 58.72 13.74
CA ASN D 521 -7.02 59.73 14.09
C ASN D 521 -7.44 61.16 13.71
N VAL D 522 -8.64 61.32 13.10
CA VAL D 522 -9.20 62.61 12.71
C VAL D 522 -9.87 63.21 13.96
N ASP D 523 -9.47 64.44 14.34
CA ASP D 523 -10.00 65.15 15.52
C ASP D 523 -11.49 65.45 15.42
N THR D 524 -12.19 65.51 16.58
CA THR D 524 -13.64 65.76 16.71
C THR D 524 -14.10 67.07 16.06
N LYS D 525 -13.23 68.10 16.05
CA LYS D 525 -13.50 69.42 15.46
C LYS D 525 -13.65 69.31 13.94
N THR D 526 -12.72 68.58 13.27
CA THR D 526 -12.73 68.36 11.81
C THR D 526 -13.83 67.34 11.45
N GLU D 527 -14.01 66.31 12.30
CA GLU D 527 -15.00 65.22 12.18
C GLU D 527 -16.42 65.79 12.10
N LYS D 528 -16.71 66.84 12.91
CA LYS D 528 -18.00 67.54 12.95
C LYS D 528 -18.20 68.36 11.67
N SER D 529 -17.12 69.01 11.19
CA SER D 529 -17.11 69.84 9.99
C SER D 529 -17.36 69.06 8.69
N ILE D 530 -16.76 67.85 8.56
CA ILE D 530 -16.92 67.02 7.37
C ILE D 530 -18.31 66.39 7.28
N GLN D 531 -18.79 65.70 8.35
CA GLN D 531 -20.08 64.98 8.38
C GLN D 531 -21.29 65.80 7.87
N ALA D 532 -21.25 67.15 8.00
CA ALA D 532 -22.29 68.04 7.50
C ALA D 532 -22.29 68.08 5.96
N ALA D 533 -21.08 68.08 5.35
CA ALA D 533 -20.87 68.09 3.90
C ALA D 533 -20.89 66.68 3.30
N MET D 534 -20.58 65.66 4.14
CA MET D 534 -20.55 64.24 3.78
C MET D 534 -21.96 63.71 3.52
N TRP D 535 -22.97 64.26 4.24
CA TRP D 535 -24.40 63.97 4.13
C TRP D 535 -24.84 64.09 2.67
N LYS D 536 -24.38 65.16 1.97
CA LYS D 536 -24.66 65.47 0.57
C LYS D 536 -24.14 64.39 -0.39
N LEU D 537 -22.96 63.81 -0.07
CA LEU D 537 -22.36 62.75 -0.87
C LEU D 537 -22.92 61.37 -0.57
N MET D 538 -23.20 61.09 0.71
CA MET D 538 -23.73 59.81 1.18
C MET D 538 -25.17 59.53 0.77
N GLU D 539 -25.97 60.58 0.49
CA GLU D 539 -27.38 60.41 0.08
C GLU D 539 -27.50 59.82 -1.33
N GLY D 540 -28.50 58.95 -1.51
CA GLY D 540 -28.75 58.25 -2.75
C GLY D 540 -27.79 57.09 -2.96
N LYS D 541 -27.01 56.75 -1.90
CA LYS D 541 -26.02 55.67 -1.87
C LYS D 541 -26.13 54.88 -0.58
N THR D 542 -26.02 53.55 -0.68
CA THR D 542 -26.06 52.65 0.47
C THR D 542 -24.69 52.69 1.16
N SER D 543 -24.66 52.85 2.50
CA SER D 543 -23.38 52.91 3.21
C SER D 543 -23.35 52.19 4.55
N ILE D 544 -22.20 51.56 4.87
CA ILE D 544 -21.95 50.85 6.12
C ILE D 544 -20.82 51.58 6.86
N ILE D 545 -21.15 52.23 7.99
CA ILE D 545 -20.17 53.00 8.76
C ILE D 545 -19.83 52.31 10.09
N ILE D 546 -18.58 51.83 10.22
CA ILE D 546 -18.08 51.20 11.44
C ILE D 546 -17.36 52.28 12.25
N ALA D 547 -17.79 52.51 13.50
CA ALA D 547 -17.18 53.51 14.37
C ALA D 547 -17.32 53.19 15.85
N HIS D 548 -16.28 53.57 16.63
CA HIS D 548 -16.25 53.44 18.08
C HIS D 548 -16.64 54.80 18.68
N ARG D 549 -16.73 55.84 17.82
CA ARG D 549 -17.15 57.20 18.16
C ARG D 549 -18.64 57.25 17.82
N LEU D 550 -19.45 56.59 18.68
CA LEU D 550 -20.90 56.43 18.59
C LEU D 550 -21.70 57.72 18.35
N ASN D 551 -21.20 58.87 18.84
CA ASN D 551 -21.81 60.20 18.71
C ASN D 551 -21.96 60.68 17.26
N THR D 552 -21.22 60.07 16.31
CA THR D 552 -21.27 60.43 14.88
C THR D 552 -22.27 59.54 14.11
N ILE D 553 -22.30 58.24 14.45
CA ILE D 553 -23.16 57.22 13.83
C ILE D 553 -24.58 57.14 14.46
N LYS D 554 -24.91 58.06 15.38
CA LYS D 554 -26.24 58.10 16.02
C LYS D 554 -27.35 58.59 15.08
N ASN D 555 -26.96 59.28 13.99
CA ASN D 555 -27.86 59.85 12.98
C ASN D 555 -28.25 58.82 11.90
N ALA D 556 -27.63 57.62 11.93
CA ALA D 556 -27.87 56.52 10.98
C ALA D 556 -29.30 55.99 10.98
N ASP D 557 -29.75 55.50 9.81
CA ASP D 557 -31.09 54.93 9.58
C ASP D 557 -31.25 53.60 10.33
N LEU D 558 -30.16 52.85 10.50
CA LEU D 558 -30.13 51.57 11.21
C LEU D 558 -28.79 51.39 11.92
N ILE D 559 -28.82 50.91 13.16
CA ILE D 559 -27.62 50.65 13.97
C ILE D 559 -27.60 49.17 14.35
N ILE D 560 -26.60 48.44 13.83
CA ILE D 560 -26.42 47.00 14.09
C ILE D 560 -25.39 46.85 15.22
N VAL D 561 -25.87 46.49 16.41
CA VAL D 561 -25.02 46.30 17.59
C VAL D 561 -24.50 44.86 17.63
N LEU D 562 -23.17 44.71 17.60
CA LEU D 562 -22.47 43.43 17.59
C LEU D 562 -21.76 43.19 18.92
N ARG D 563 -21.53 41.90 19.28
CA ARG D 563 -20.86 41.46 20.51
C ARG D 563 -20.56 39.96 20.39
N ASP D 564 -19.27 39.58 20.53
CA ASP D 564 -18.76 38.21 20.46
C ASP D 564 -19.17 37.47 19.16
N GLY D 565 -19.18 38.21 18.04
CA GLY D 565 -19.54 37.68 16.73
C GLY D 565 -21.01 37.39 16.53
N GLU D 566 -21.89 38.11 17.25
CA GLU D 566 -23.33 37.96 17.16
C GLU D 566 -24.04 39.29 17.22
N ILE D 567 -25.13 39.44 16.45
CA ILE D 567 -25.94 40.66 16.45
C ILE D 567 -26.84 40.60 17.70
N VAL D 568 -26.55 41.46 18.69
CA VAL D 568 -27.32 41.49 19.94
C VAL D 568 -28.53 42.43 19.82
N GLU D 569 -28.30 43.68 19.37
CA GLU D 569 -29.34 44.69 19.20
C GLU D 569 -29.35 45.26 17.78
N MET D 570 -30.54 45.70 17.31
CA MET D 570 -30.76 46.30 16.00
C MET D 570 -31.90 47.31 16.05
N GLY D 571 -31.72 48.44 15.36
CA GLY D 571 -32.70 49.52 15.30
C GLY D 571 -32.09 50.90 15.32
N LYS D 572 -32.94 51.93 15.56
CA LYS D 572 -32.51 53.33 15.61
C LYS D 572 -31.97 53.71 17.00
N HIS D 573 -31.12 54.76 17.04
CA HIS D 573 -30.45 55.30 18.22
C HIS D 573 -31.37 55.53 19.43
N ASP D 574 -32.44 56.32 19.26
CA ASP D 574 -33.41 56.66 20.31
C ASP D 574 -34.14 55.45 20.88
N GLU D 575 -34.41 54.44 20.02
CA GLU D 575 -35.07 53.18 20.38
C GLU D 575 -34.14 52.33 21.26
N LEU D 576 -32.84 52.24 20.87
CA LEU D 576 -31.81 51.47 21.58
C LEU D 576 -31.40 52.10 22.92
N ILE D 577 -31.46 53.44 23.03
CA ILE D 577 -31.11 54.19 24.24
C ILE D 577 -32.15 53.95 25.34
N GLN D 578 -33.45 54.07 25.01
CA GLN D 578 -34.55 53.85 25.97
C GLN D 578 -34.70 52.37 26.35
N LYS D 579 -34.12 51.46 25.54
CA LYS D 579 -34.12 50.01 25.76
C LYS D 579 -33.17 49.65 26.92
N ARG D 580 -32.18 50.54 27.21
CA ARG D 580 -31.16 50.43 28.25
C ARG D 580 -30.33 49.14 28.12
N GLY D 581 -30.05 48.76 26.89
CA GLY D 581 -29.30 47.55 26.55
C GLY D 581 -27.79 47.73 26.50
N PHE D 582 -27.13 46.91 25.68
CA PHE D 582 -25.67 46.92 25.51
C PHE D 582 -25.21 48.13 24.67
N TYR D 583 -26.12 48.72 23.86
CA TYR D 583 -25.82 49.92 23.07
C TYR D 583 -25.76 51.11 24.02
N TYR D 584 -26.71 51.17 24.99
CA TYR D 584 -26.80 52.22 26.01
C TYR D 584 -25.52 52.21 26.86
N GLU D 585 -25.03 51.01 27.24
CA GLU D 585 -23.81 50.84 28.02
C GLU D 585 -22.58 51.33 27.24
N LEU D 586 -22.58 51.16 25.90
CA LEU D 586 -21.52 51.61 25.00
C LEU D 586 -21.54 53.13 24.84
N PHE D 587 -22.74 53.72 24.67
CA PHE D 587 -22.94 55.15 24.49
C PHE D 587 -22.60 55.95 25.75
N THR D 588 -23.05 55.46 26.93
CA THR D 588 -22.82 56.11 28.23
C THR D 588 -21.33 56.08 28.62
N SER D 589 -20.62 54.98 28.27
CA SER D 589 -19.18 54.80 28.56
C SER D 589 -18.26 55.85 27.92
N GLN D 590 -18.77 56.63 26.95
CA GLN D 590 -18.05 57.70 26.26
C GLN D 590 -17.75 58.87 27.21
N TYR D 591 -18.67 59.15 28.17
CA TYR D 591 -18.61 60.21 29.19
C TYR D 591 -18.41 61.60 28.60
N GLN E 4 26.94 -91.82 -14.86
CA GLN E 4 28.37 -91.87 -14.58
C GLN E 4 29.16 -91.01 -15.58
N VAL E 5 29.09 -89.68 -15.42
CA VAL E 5 29.78 -88.69 -16.27
C VAL E 5 30.85 -87.96 -15.46
N GLN E 6 32.09 -87.92 -15.99
CA GLN E 6 33.24 -87.27 -15.36
C GLN E 6 33.89 -86.23 -16.28
N LEU E 7 34.28 -85.08 -15.72
CA LEU E 7 34.92 -83.98 -16.45
C LEU E 7 36.39 -83.82 -16.07
N VAL E 8 37.28 -83.94 -17.07
CA VAL E 8 38.74 -83.82 -16.92
C VAL E 8 39.20 -82.43 -17.41
N GLU E 9 39.97 -81.73 -16.57
CA GLU E 9 40.49 -80.38 -16.84
C GLU E 9 42.01 -80.42 -17.08
N SER E 10 42.48 -79.79 -18.18
CA SER E 10 43.89 -79.72 -18.56
C SER E 10 44.24 -78.48 -19.39
N GLY E 11 45.44 -77.95 -19.18
CA GLY E 11 45.96 -76.80 -19.90
C GLY E 11 46.06 -75.52 -19.09
N GLY E 12 46.78 -75.59 -17.96
CA GLY E 12 46.98 -74.46 -17.07
C GLY E 12 48.43 -74.25 -16.67
N GLY E 13 48.99 -73.11 -17.09
CA GLY E 13 50.37 -72.73 -16.80
C GLY E 13 50.64 -71.24 -16.76
N SER E 14 51.87 -70.86 -16.37
CA SER E 14 52.35 -69.48 -16.24
C SER E 14 52.51 -68.79 -17.60
N VAL E 15 51.76 -67.69 -17.80
CA VAL E 15 51.77 -66.87 -19.03
C VAL E 15 51.96 -65.40 -18.65
N GLN E 16 52.88 -64.68 -19.33
CA GLN E 16 53.15 -63.26 -19.09
C GLN E 16 51.99 -62.39 -19.62
N ALA E 17 51.87 -61.16 -19.09
CA ALA E 17 50.83 -60.17 -19.45
C ALA E 17 50.79 -59.85 -20.95
N GLY E 18 49.58 -59.93 -21.52
CA GLY E 18 49.32 -59.68 -22.93
C GLY E 18 49.37 -60.92 -23.81
N GLY E 19 49.67 -62.07 -23.20
CA GLY E 19 49.78 -63.36 -23.87
C GLY E 19 48.46 -64.07 -24.09
N SER E 20 48.53 -65.36 -24.45
CA SER E 20 47.36 -66.20 -24.73
C SER E 20 47.52 -67.64 -24.22
N LEU E 21 46.41 -68.26 -23.77
CA LEU E 21 46.38 -69.64 -23.26
C LEU E 21 45.00 -70.27 -23.45
N ARG E 22 44.95 -71.48 -24.04
CA ARG E 22 43.72 -72.23 -24.27
C ARG E 22 43.53 -73.29 -23.17
N LEU E 23 42.28 -73.47 -22.73
CA LEU E 23 41.93 -74.42 -21.68
C LEU E 23 40.94 -75.47 -22.21
N SER E 24 41.22 -76.76 -21.94
CA SER E 24 40.41 -77.89 -22.40
C SER E 24 39.62 -78.54 -21.27
N CYS E 25 38.38 -78.97 -21.57
CA CYS E 25 37.49 -79.63 -20.61
C CYS E 25 36.82 -80.85 -21.24
N ALA E 26 37.49 -82.01 -21.14
CA ALA E 26 37.02 -83.28 -21.71
C ALA E 26 35.98 -83.96 -20.83
N ALA E 27 34.83 -84.34 -21.42
CA ALA E 27 33.75 -85.01 -20.70
C ALA E 27 33.55 -86.44 -21.22
N SER E 28 33.59 -87.42 -20.30
CA SER E 28 33.43 -88.84 -20.61
C SER E 28 32.32 -89.48 -19.78
N GLY E 29 31.44 -90.21 -20.46
CA GLY E 29 30.32 -90.91 -19.83
C GLY E 29 29.16 -91.17 -20.77
N ASN E 30 27.96 -91.34 -20.21
CA ASN E 30 26.72 -91.60 -20.95
C ASN E 30 25.94 -90.31 -21.25
N ILE E 31 26.63 -89.32 -21.86
CA ILE E 31 26.08 -88.01 -22.22
C ILE E 31 25.02 -88.14 -23.32
N HIS E 32 23.80 -87.63 -23.05
CA HIS E 32 22.67 -87.67 -23.99
C HIS E 32 22.63 -86.40 -24.84
N HIS E 33 22.57 -85.23 -24.16
CA HIS E 33 22.52 -83.90 -24.78
C HIS E 33 22.91 -82.83 -23.76
N ILE E 34 24.00 -82.08 -24.04
CA ILE E 34 24.48 -81.01 -23.17
C ILE E 34 23.64 -79.76 -23.47
N SER E 35 23.04 -79.16 -22.43
CA SER E 35 22.20 -77.96 -22.56
C SER E 35 22.94 -76.70 -22.12
N TYR E 36 23.89 -76.84 -21.17
CA TYR E 36 24.68 -75.73 -20.62
C TYR E 36 26.16 -76.11 -20.45
N LEU E 37 27.06 -75.13 -20.71
CA LEU E 37 28.51 -75.26 -20.55
C LEU E 37 29.03 -73.94 -19.97
N GLY E 38 29.64 -74.01 -18.79
CA GLY E 38 30.16 -72.83 -18.10
C GLY E 38 31.55 -72.96 -17.50
N TRP E 39 32.23 -71.80 -17.37
CA TRP E 39 33.59 -71.66 -16.81
C TRP E 39 33.58 -70.60 -15.70
N PHE E 40 34.18 -70.93 -14.55
CA PHE E 40 34.25 -70.01 -13.40
C PHE E 40 35.62 -70.01 -12.73
N ARG E 41 36.12 -68.82 -12.35
CA ARG E 41 37.41 -68.65 -11.67
C ARG E 41 37.24 -68.49 -10.16
N GLN E 42 38.14 -69.12 -9.39
CA GLN E 42 38.11 -69.09 -7.93
C GLN E 42 39.44 -68.64 -7.33
N ALA E 43 39.41 -67.51 -6.60
CA ALA E 43 40.56 -66.95 -5.91
C ALA E 43 40.82 -67.75 -4.60
N PRO E 44 42.04 -67.73 -4.00
CA PRO E 44 42.26 -68.51 -2.76
C PRO E 44 41.45 -68.08 -1.53
N GLY E 45 40.61 -67.05 -1.68
CA GLY E 45 39.74 -66.54 -0.63
C GLY E 45 38.37 -66.11 -1.10
N LYS E 46 37.85 -66.72 -2.19
CA LYS E 46 36.54 -66.43 -2.77
C LYS E 46 35.70 -67.70 -3.00
N GLU E 47 34.35 -67.55 -2.96
CA GLU E 47 33.39 -68.64 -3.14
C GLU E 47 33.34 -69.16 -4.60
N ARG E 48 32.38 -68.66 -5.42
CA ARG E 48 32.22 -69.04 -6.84
C ARG E 48 31.85 -67.81 -7.68
N GLU E 49 32.62 -67.56 -8.76
CA GLU E 49 32.39 -66.44 -9.67
C GLU E 49 31.74 -66.91 -10.98
N GLY E 50 31.82 -66.08 -12.03
CA GLY E 50 31.25 -66.35 -13.34
C GLY E 50 32.03 -65.66 -14.45
N VAL E 51 32.68 -66.45 -15.31
CA VAL E 51 33.52 -65.93 -16.40
C VAL E 51 32.83 -66.04 -17.76
N ALA E 52 32.40 -67.26 -18.15
CA ALA E 52 31.79 -67.53 -19.46
C ALA E 52 30.70 -68.60 -19.39
N ALA E 53 29.71 -68.52 -20.31
CA ALA E 53 28.59 -69.46 -20.40
C ALA E 53 28.12 -69.68 -21.83
N LEU E 54 27.61 -70.89 -22.11
CA LEU E 54 27.10 -71.28 -23.43
C LEU E 54 25.81 -72.10 -23.31
N TRP E 55 24.78 -71.71 -24.08
CA TRP E 55 23.48 -72.37 -24.15
C TRP E 55 23.33 -72.93 -25.56
N THR E 56 23.39 -74.27 -25.69
CA THR E 56 23.37 -75.02 -26.95
C THR E 56 22.08 -74.87 -27.79
N LYS E 57 20.98 -74.40 -27.20
CA LYS E 57 19.71 -74.23 -27.92
C LYS E 57 19.77 -73.06 -28.92
N ASP E 58 20.40 -71.94 -28.53
CA ASP E 58 20.52 -70.74 -29.37
C ASP E 58 21.96 -70.44 -29.81
N GLY E 59 22.93 -70.77 -28.95
CA GLY E 59 24.34 -70.53 -29.22
C GLY E 59 24.86 -69.24 -28.63
N ASN E 60 24.01 -68.53 -27.85
CA ASN E 60 24.35 -67.27 -27.21
C ASN E 60 25.39 -67.45 -26.11
N THR E 61 26.39 -66.57 -26.11
CA THR E 61 27.48 -66.57 -25.14
C THR E 61 27.40 -65.37 -24.20
N TYR E 62 27.33 -65.63 -22.89
CA TYR E 62 27.24 -64.61 -21.85
C TYR E 62 28.51 -64.60 -21.00
N TYR E 63 29.29 -63.52 -21.10
CA TYR E 63 30.58 -63.35 -20.40
C TYR E 63 30.51 -62.34 -19.25
N ALA E 64 31.59 -62.29 -18.43
CA ALA E 64 31.75 -61.36 -17.31
C ALA E 64 32.02 -59.95 -17.85
N ASP E 65 31.76 -58.91 -17.02
CA ASP E 65 31.95 -57.50 -17.39
C ASP E 65 33.42 -57.12 -17.72
N SER E 66 34.40 -57.81 -17.09
CA SER E 66 35.82 -57.54 -17.30
C SER E 66 36.37 -58.23 -18.56
N VAL E 67 35.80 -59.39 -18.93
CA VAL E 67 36.17 -60.22 -20.08
C VAL E 67 35.76 -59.55 -21.41
N LYS E 68 34.43 -59.42 -21.66
CA LYS E 68 33.81 -58.84 -22.86
C LYS E 68 34.38 -59.46 -24.17
N GLY E 69 35.43 -58.84 -24.73
CA GLY E 69 36.07 -59.28 -25.95
C GLY E 69 37.47 -59.84 -25.74
N ARG E 70 37.60 -60.82 -24.81
CA ARG E 70 38.88 -61.45 -24.48
C ARG E 70 38.76 -62.98 -24.48
N PHE E 71 37.93 -63.54 -23.59
CA PHE E 71 37.70 -64.98 -23.47
C PHE E 71 36.52 -65.39 -24.35
N THR E 72 36.60 -66.59 -24.96
CA THR E 72 35.56 -67.13 -25.84
C THR E 72 35.29 -68.61 -25.52
N VAL E 73 34.03 -68.94 -25.18
CA VAL E 73 33.61 -70.30 -24.82
C VAL E 73 33.05 -71.05 -26.07
N SER E 74 33.40 -72.35 -26.20
CA SER E 74 32.99 -73.21 -27.32
C SER E 74 32.90 -74.69 -26.90
N LEU E 75 32.21 -75.52 -27.70
CA LEU E 75 32.04 -76.96 -27.44
C LEU E 75 32.12 -77.79 -28.73
N ASP E 76 32.94 -78.86 -28.71
CA ASP E 76 33.08 -79.78 -29.84
C ASP E 76 32.06 -80.90 -29.68
N ASN E 77 31.15 -81.06 -30.67
CA ASN E 77 30.06 -82.04 -30.64
C ASN E 77 30.52 -83.49 -30.68
N ALA E 78 31.34 -83.87 -31.69
CA ALA E 78 31.85 -85.22 -31.85
C ALA E 78 32.89 -85.63 -30.80
N LYS E 79 33.78 -84.70 -30.41
CA LYS E 79 34.84 -84.92 -29.43
C LYS E 79 34.37 -84.90 -27.96
N ASN E 80 33.20 -84.26 -27.69
CA ASN E 80 32.58 -84.09 -26.36
C ASN E 80 33.55 -83.39 -25.38
N THR E 81 34.09 -82.23 -25.82
CA THR E 81 35.08 -81.44 -25.06
C THR E 81 34.77 -79.95 -25.15
N GLY E 82 34.70 -79.29 -23.99
CA GLY E 82 34.49 -77.85 -23.89
C GLY E 82 35.81 -77.09 -23.94
N TYR E 83 35.78 -75.88 -24.53
CA TYR E 83 36.96 -75.03 -24.69
C TYR E 83 36.76 -73.58 -24.27
N LEU E 84 37.85 -72.91 -23.83
CA LEU E 84 37.87 -71.50 -23.45
C LEU E 84 39.22 -70.87 -23.82
N GLN E 85 39.21 -70.05 -24.90
CA GLN E 85 40.38 -69.35 -25.40
C GLN E 85 40.53 -68.01 -24.69
N MET E 86 41.69 -67.77 -24.07
CA MET E 86 41.98 -66.53 -23.34
C MET E 86 42.99 -65.71 -24.13
N ASN E 87 42.63 -64.47 -24.50
CA ASN E 87 43.49 -63.57 -25.29
C ASN E 87 43.82 -62.28 -24.53
N SER E 88 45.05 -61.75 -24.76
CA SER E 88 45.59 -60.52 -24.13
C SER E 88 45.37 -60.50 -22.60
N LEU E 89 45.75 -61.61 -21.94
CA LEU E 89 45.61 -61.86 -20.50
C LEU E 89 46.28 -60.82 -19.62
N LYS E 90 45.50 -60.22 -18.70
CA LYS E 90 45.99 -59.25 -17.72
C LYS E 90 46.26 -59.95 -16.38
N PRO E 91 47.29 -59.54 -15.59
CA PRO E 91 47.60 -60.25 -14.32
C PRO E 91 46.50 -60.26 -13.25
N GLU E 92 45.41 -59.50 -13.46
CA GLU E 92 44.27 -59.40 -12.54
C GLU E 92 43.44 -60.69 -12.44
N ASP E 93 43.43 -61.52 -13.50
CA ASP E 93 42.66 -62.77 -13.57
C ASP E 93 43.51 -64.03 -13.24
N THR E 94 44.32 -63.95 -12.17
CA THR E 94 45.16 -65.05 -11.69
C THR E 94 44.33 -65.84 -10.65
N ALA E 95 43.71 -66.95 -11.08
CA ALA E 95 42.86 -67.79 -10.22
C ALA E 95 42.76 -69.25 -10.68
N LEU E 96 42.05 -70.10 -9.90
CA LEU E 96 41.80 -71.52 -10.18
C LEU E 96 40.54 -71.61 -11.05
N TYR E 97 40.69 -72.03 -12.32
CA TYR E 97 39.58 -72.12 -13.27
C TYR E 97 38.90 -73.49 -13.24
N TYR E 98 37.55 -73.49 -13.28
CA TYR E 98 36.71 -74.69 -13.21
C TYR E 98 35.75 -74.87 -14.40
N CYS E 99 35.08 -76.04 -14.49
CA CYS E 99 34.13 -76.40 -15.54
C CYS E 99 32.81 -76.93 -15.02
N ALA E 100 31.72 -76.62 -15.73
CA ALA E 100 30.36 -77.06 -15.40
C ALA E 100 29.61 -77.48 -16.65
N ALA E 101 28.86 -78.59 -16.58
CA ALA E 101 28.08 -79.13 -17.69
C ALA E 101 26.77 -79.73 -17.25
N ALA E 102 25.66 -79.31 -17.87
CA ALA E 102 24.30 -79.79 -17.58
C ALA E 102 23.81 -80.68 -18.71
N ASP E 103 23.46 -81.95 -18.39
CA ASP E 103 22.97 -82.92 -19.36
C ASP E 103 21.50 -83.23 -19.18
N THR E 104 20.77 -83.40 -20.31
CA THR E 104 19.35 -83.73 -20.33
C THR E 104 19.14 -85.12 -20.94
N GLY E 105 18.68 -86.05 -20.11
CA GLY E 105 18.44 -87.44 -20.48
C GLY E 105 17.08 -87.69 -21.11
N SER E 106 16.92 -88.87 -21.73
CA SER E 106 15.70 -89.31 -22.40
C SER E 106 14.58 -89.56 -21.39
N ASP E 107 13.43 -88.85 -21.57
CA ASP E 107 12.21 -88.89 -20.75
C ASP E 107 12.49 -88.53 -19.27
N THR E 108 12.39 -87.23 -18.96
CA THR E 108 12.59 -86.69 -17.61
C THR E 108 11.21 -86.33 -17.01
N PRO E 109 10.93 -86.60 -15.70
CA PRO E 109 9.60 -86.30 -15.14
C PRO E 109 9.15 -84.83 -15.25
N LEU E 110 7.82 -84.63 -15.21
CA LEU E 110 7.10 -83.34 -15.32
C LEU E 110 7.70 -82.20 -14.49
N TRP E 111 8.07 -82.47 -13.22
CA TRP E 111 8.65 -81.47 -12.33
C TRP E 111 10.09 -81.78 -11.91
N ASP E 112 10.49 -83.07 -11.93
CA ASP E 112 11.85 -83.50 -11.55
C ASP E 112 12.88 -83.16 -12.63
N TRP E 113 13.99 -82.53 -12.21
CA TRP E 113 15.09 -82.13 -13.09
C TRP E 113 16.03 -83.30 -13.43
N VAL E 114 16.98 -83.08 -14.36
CA VAL E 114 17.93 -84.11 -14.78
C VAL E 114 19.21 -84.10 -13.93
N TYR E 115 20.41 -84.04 -14.55
CA TYR E 115 21.69 -84.08 -13.86
C TYR E 115 22.54 -82.81 -14.05
N TRP E 116 23.66 -82.71 -13.29
CA TRP E 116 24.64 -81.63 -13.31
C TRP E 116 26.02 -82.24 -13.03
N TYR E 117 27.05 -81.82 -13.79
CA TYR E 117 28.41 -82.34 -13.63
C TYR E 117 29.47 -81.24 -13.57
N TRP E 118 30.35 -81.33 -12.55
CA TRP E 118 31.45 -80.39 -12.31
C TRP E 118 32.78 -80.94 -12.82
N GLY E 119 33.77 -80.06 -12.98
CA GLY E 119 35.10 -80.40 -13.46
C GLY E 119 36.04 -80.93 -12.40
N GLN E 120 37.33 -80.59 -12.53
CA GLN E 120 38.40 -80.98 -11.62
C GLN E 120 39.07 -79.73 -11.01
N GLY E 121 39.56 -78.84 -11.87
CA GLY E 121 40.22 -77.60 -11.49
C GLY E 121 41.69 -77.57 -11.84
N THR E 122 42.11 -76.55 -12.61
CA THR E 122 43.49 -76.35 -13.03
C THR E 122 43.90 -74.88 -12.83
N GLN E 123 45.05 -74.67 -12.17
CA GLN E 123 45.61 -73.35 -11.86
C GLN E 123 46.12 -72.63 -13.12
N VAL E 124 45.71 -71.37 -13.30
CA VAL E 124 46.12 -70.50 -14.40
C VAL E 124 46.72 -69.23 -13.77
N THR E 125 48.05 -69.08 -13.87
CA THR E 125 48.78 -67.95 -13.30
C THR E 125 49.25 -66.97 -14.37
N VAL E 126 48.84 -65.70 -14.25
CA VAL E 126 49.21 -64.64 -15.19
C VAL E 126 49.90 -63.49 -14.42
N SER E 127 51.12 -63.12 -14.85
CA SER E 127 51.93 -62.07 -14.20
C SER E 127 52.36 -61.00 -15.20
N GLN F 4 56.15 -25.22 -27.92
CA GLN F 4 57.52 -25.50 -27.53
C GLN F 4 58.55 -24.69 -28.36
N VAL F 5 58.72 -23.41 -27.97
CA VAL F 5 59.64 -22.47 -28.61
C VAL F 5 60.76 -22.06 -27.63
N GLN F 6 62.02 -22.26 -28.04
CA GLN F 6 63.20 -21.92 -27.23
C GLN F 6 64.09 -20.90 -27.94
N LEU F 7 64.62 -19.93 -27.17
CA LEU F 7 65.50 -18.87 -27.69
C LEU F 7 66.92 -18.98 -27.13
N VAL F 8 67.89 -19.25 -28.04
CA VAL F 8 69.31 -19.42 -27.72
C VAL F 8 70.05 -18.09 -27.96
N GLU F 9 70.81 -17.64 -26.95
CA GLU F 9 71.57 -16.38 -27.02
C GLU F 9 73.06 -16.63 -27.22
N SER F 10 73.70 -15.79 -28.06
CA SER F 10 75.13 -15.89 -28.38
C SER F 10 75.77 -14.56 -28.81
N GLY F 11 77.11 -14.53 -28.81
CA GLY F 11 77.90 -13.37 -29.23
C GLY F 11 78.14 -12.33 -28.16
N GLY F 12 78.78 -12.73 -27.07
CA GLY F 12 79.09 -11.85 -25.94
C GLY F 12 80.40 -12.16 -25.27
N GLY F 13 81.30 -11.17 -25.22
CA GLY F 13 82.61 -11.29 -24.61
C GLY F 13 83.24 -9.95 -24.22
N SER F 14 84.58 -9.92 -24.13
CA SER F 14 85.31 -8.71 -23.77
C SER F 14 85.77 -7.91 -25.00
N VAL F 15 85.29 -6.65 -25.12
CA VAL F 15 85.60 -5.73 -26.22
C VAL F 15 86.04 -4.38 -25.62
N GLN F 16 87.17 -3.82 -26.12
CA GLN F 16 87.69 -2.53 -25.66
C GLN F 16 86.81 -1.37 -26.17
N ALA F 17 86.87 -0.20 -25.50
CA ALA F 17 86.11 1.02 -25.81
C ALA F 17 86.30 1.50 -27.25
N GLY F 18 85.18 1.76 -27.93
CA GLY F 18 85.15 2.22 -29.31
C GLY F 18 85.03 1.11 -30.34
N GLY F 19 85.02 -0.14 -29.86
CA GLY F 19 84.94 -1.34 -30.68
C GLY F 19 83.54 -1.71 -31.13
N SER F 20 83.38 -2.95 -31.65
CA SER F 20 82.11 -3.47 -32.13
C SER F 20 81.91 -4.95 -31.83
N LEU F 21 80.64 -5.36 -31.60
CA LEU F 21 80.22 -6.73 -31.32
C LEU F 21 78.75 -6.94 -31.69
N ARG F 22 78.43 -8.07 -32.34
CA ARG F 22 77.06 -8.40 -32.75
C ARG F 22 76.45 -9.52 -31.91
N LEU F 23 75.20 -9.33 -31.46
CA LEU F 23 74.46 -10.29 -30.63
C LEU F 23 73.51 -11.13 -31.48
N SER F 24 73.57 -12.46 -31.33
CA SER F 24 72.72 -13.40 -32.06
C SER F 24 71.70 -14.04 -31.14
N CYS F 25 70.43 -14.07 -31.56
CA CYS F 25 69.31 -14.63 -30.82
C CYS F 25 68.52 -15.62 -31.72
N ALA F 26 68.94 -16.89 -31.73
CA ALA F 26 68.33 -17.95 -32.53
C ALA F 26 67.08 -18.51 -31.86
N ALA F 27 65.96 -18.57 -32.62
CA ALA F 27 64.70 -19.10 -32.13
C ALA F 27 64.31 -20.39 -32.87
N SER F 28 64.05 -21.46 -32.10
CA SER F 28 63.66 -22.77 -32.63
C SER F 28 62.37 -23.27 -32.00
N GLY F 29 61.44 -23.71 -32.86
CA GLY F 29 60.14 -24.22 -32.44
C GLY F 29 59.05 -24.04 -33.48
N ASN F 30 57.78 -24.05 -33.03
CA ASN F 30 56.59 -23.90 -33.88
C ASN F 30 56.13 -22.42 -33.96
N ILE F 31 57.06 -21.54 -34.35
CA ILE F 31 56.84 -20.10 -34.52
C ILE F 31 55.90 -19.87 -35.71
N HIS F 32 54.81 -19.12 -35.48
CA HIS F 32 53.80 -18.82 -36.50
C HIS F 32 54.11 -17.51 -37.21
N HIS F 33 54.27 -16.41 -36.44
CA HIS F 33 54.57 -15.06 -36.92
C HIS F 33 55.07 -14.19 -35.76
N ILE F 34 56.28 -13.63 -35.90
CA ILE F 34 56.87 -12.75 -34.88
C ILE F 34 56.34 -11.33 -35.12
N SER F 35 55.68 -10.75 -34.09
CA SER F 35 55.11 -9.40 -34.14
C SER F 35 56.00 -8.38 -33.44
N TYR F 36 56.81 -8.84 -32.46
CA TYR F 36 57.72 -8.02 -31.68
C TYR F 36 59.06 -8.73 -31.42
N LEU F 37 60.16 -7.97 -31.42
CA LEU F 37 61.52 -8.43 -31.14
C LEU F 37 62.22 -7.34 -30.32
N GLY F 38 62.65 -7.68 -29.10
CA GLY F 38 63.30 -6.73 -28.20
C GLY F 38 64.51 -7.24 -27.45
N TRP F 39 65.39 -6.29 -27.08
CA TRP F 39 66.62 -6.55 -26.32
C TRP F 39 66.62 -5.79 -25.00
N PHE F 40 67.08 -6.43 -23.91
CA PHE F 40 67.11 -5.83 -22.57
C PHE F 40 68.41 -6.12 -21.82
N ARG F 41 68.97 -5.10 -21.13
CA ARG F 41 70.19 -5.26 -20.34
C ARG F 41 69.90 -5.27 -18.83
N GLN F 42 70.70 -6.02 -18.05
CA GLN F 42 70.53 -6.13 -16.60
C GLN F 42 71.88 -6.04 -15.88
N ALA F 43 72.04 -5.00 -15.04
CA ALA F 43 73.24 -4.73 -14.26
C ALA F 43 73.09 -5.33 -12.84
N PRO F 44 74.20 -5.84 -12.21
CA PRO F 44 74.06 -6.43 -10.86
C PRO F 44 73.43 -5.50 -9.82
N GLY F 45 72.27 -5.91 -9.32
CA GLY F 45 71.49 -5.15 -8.34
C GLY F 45 70.45 -4.24 -8.94
N LYS F 46 70.47 -4.10 -10.29
CA LYS F 46 69.56 -3.25 -11.06
C LYS F 46 68.59 -4.10 -11.89
N GLU F 47 67.36 -3.60 -12.08
CA GLU F 47 66.31 -4.27 -12.86
C GLU F 47 66.56 -4.14 -14.38
N ARG F 48 65.80 -4.89 -15.20
CA ARG F 48 65.92 -4.87 -16.67
C ARG F 48 65.49 -3.53 -17.28
N GLU F 49 66.25 -3.07 -18.29
CA GLU F 49 66.02 -1.80 -18.99
C GLU F 49 65.88 -2.01 -20.50
N GLY F 50 64.96 -1.25 -21.11
CA GLY F 50 64.71 -1.30 -22.54
C GLY F 50 65.83 -0.68 -23.35
N VAL F 51 66.47 -1.48 -24.22
CA VAL F 51 67.61 -1.05 -25.05
C VAL F 51 67.18 -0.83 -26.51
N ALA F 52 66.61 -1.87 -27.15
CA ALA F 52 66.15 -1.83 -28.54
C ALA F 52 64.87 -2.62 -28.74
N ALA F 53 64.06 -2.22 -29.74
CA ALA F 53 62.79 -2.87 -30.09
C ALA F 53 62.48 -2.80 -31.59
N LEU F 54 61.76 -3.81 -32.11
CA LEU F 54 61.37 -3.90 -33.51
C LEU F 54 59.93 -4.42 -33.64
N TRP F 55 59.12 -3.71 -34.45
CA TRP F 55 57.73 -4.06 -34.74
C TRP F 55 57.67 -4.38 -36.24
N THR F 56 57.44 -5.68 -36.55
CA THR F 56 57.43 -6.23 -37.91
C THR F 56 56.33 -5.69 -38.84
N LYS F 57 55.27 -5.07 -38.28
CA LYS F 57 54.17 -4.51 -39.09
C LYS F 57 54.60 -3.27 -39.88
N ASP F 58 55.39 -2.38 -39.27
CA ASP F 58 55.86 -1.13 -39.90
C ASP F 58 57.38 -1.11 -40.14
N GLY F 59 58.13 -1.76 -39.27
CA GLY F 59 59.59 -1.81 -39.35
C GLY F 59 60.30 -0.75 -38.53
N ASN F 60 59.52 0.02 -37.74
CA ASN F 60 60.02 1.08 -36.88
C ASN F 60 60.85 0.53 -35.72
N THR F 61 62.01 1.16 -35.47
CA THR F 61 62.94 0.78 -34.42
C THR F 61 62.98 1.84 -33.33
N TYR F 62 62.69 1.43 -32.08
CA TYR F 62 62.66 2.31 -30.92
C TYR F 62 63.79 1.92 -29.96
N TYR F 63 64.80 2.82 -29.81
CA TYR F 63 65.97 2.60 -28.97
C TYR F 63 65.95 3.47 -27.70
N ALA F 64 66.88 3.17 -26.76
CA ALA F 64 67.05 3.92 -25.50
C ALA F 64 67.73 5.27 -25.80
N ASP F 65 67.55 6.25 -24.90
CA ASP F 65 68.12 7.60 -25.05
C ASP F 65 69.66 7.65 -25.03
N SER F 66 70.29 6.69 -24.33
CA SER F 66 71.75 6.59 -24.19
C SER F 66 72.46 5.93 -25.38
N VAL F 67 71.85 4.87 -25.97
CA VAL F 67 72.46 4.13 -27.08
C VAL F 67 72.48 4.96 -28.38
N LYS F 68 71.36 5.64 -28.74
CA LYS F 68 71.19 6.49 -29.93
C LYS F 68 71.64 5.79 -31.23
N GLY F 69 72.43 6.47 -32.07
CA GLY F 69 72.94 5.95 -33.33
C GLY F 69 74.18 5.10 -33.18
N ARG F 70 74.12 4.08 -32.31
CA ARG F 70 75.21 3.15 -32.03
C ARG F 70 74.71 1.70 -32.06
N PHE F 71 73.51 1.46 -31.51
CA PHE F 71 72.85 0.14 -31.44
C PHE F 71 71.77 0.03 -32.51
N THR F 72 71.69 -1.14 -33.19
CA THR F 72 70.71 -1.43 -34.25
C THR F 72 70.14 -2.85 -34.13
N VAL F 73 68.79 -2.97 -34.15
CA VAL F 73 68.06 -4.24 -34.06
C VAL F 73 67.53 -4.70 -35.43
N SER F 74 67.62 -6.02 -35.73
CA SER F 74 67.19 -6.63 -36.98
C SER F 74 66.73 -8.09 -36.79
N LEU F 75 66.00 -8.65 -37.76
CA LEU F 75 65.51 -10.03 -37.74
C LEU F 75 65.58 -10.70 -39.12
N ASP F 76 66.15 -11.92 -39.18
CA ASP F 76 66.26 -12.70 -40.41
C ASP F 76 65.00 -13.59 -40.50
N ASN F 77 64.21 -13.41 -41.58
CA ASN F 77 62.96 -14.13 -41.81
C ASN F 77 63.12 -15.64 -42.01
N ALA F 78 63.96 -16.04 -42.98
CA ALA F 78 64.20 -17.45 -43.31
C ALA F 78 65.01 -18.20 -42.24
N LYS F 79 66.01 -17.54 -41.63
CA LYS F 79 66.88 -18.11 -40.60
C LYS F 79 66.24 -18.17 -39.20
N ASN F 80 65.20 -17.34 -38.95
CA ASN F 80 64.46 -17.22 -37.68
C ASN F 80 65.41 -16.88 -36.52
N THR F 81 66.22 -15.82 -36.70
CA THR F 81 67.18 -15.37 -35.69
C THR F 81 67.27 -13.85 -35.64
N GLY F 82 67.16 -13.31 -34.43
CA GLY F 82 67.24 -11.88 -34.13
C GLY F 82 68.66 -11.42 -33.93
N TYR F 83 68.96 -10.17 -34.34
CA TYR F 83 70.30 -9.60 -34.25
C TYR F 83 70.35 -8.20 -33.63
N LEU F 84 71.44 -7.89 -32.92
CA LEU F 84 71.69 -6.59 -32.30
C LEU F 84 73.14 -6.18 -32.52
N GLN F 85 73.36 -5.25 -33.45
CA GLN F 85 74.69 -4.73 -33.78
C GLN F 85 75.01 -3.58 -32.85
N MET F 86 76.16 -3.65 -32.16
CA MET F 86 76.62 -2.65 -31.20
C MET F 86 77.91 -2.02 -31.73
N ASN F 87 77.84 -0.75 -32.17
CA ASN F 87 78.98 -0.01 -32.72
C ASN F 87 79.45 1.10 -31.78
N SER F 88 80.79 1.35 -31.77
CA SER F 88 81.49 2.36 -30.95
C SER F 88 81.10 2.26 -29.45
N LEU F 89 81.16 1.02 -28.92
CA LEU F 89 80.80 0.66 -27.54
C LEU F 89 81.57 1.41 -26.47
N LYS F 90 80.83 2.05 -25.55
CA LYS F 90 81.36 2.80 -24.42
C LYS F 90 81.36 1.87 -23.18
N PRO F 91 82.35 1.94 -22.25
CA PRO F 91 82.35 1.03 -21.08
C PRO F 91 81.12 1.13 -20.15
N GLU F 92 80.23 2.12 -20.39
CA GLU F 92 79.02 2.37 -19.62
C GLU F 92 77.95 1.26 -19.79
N ASP F 93 77.95 0.58 -20.96
CA ASP F 93 76.98 -0.48 -21.28
C ASP F 93 77.51 -1.91 -21.00
N THR F 94 78.13 -2.10 -19.83
CA THR F 94 78.66 -3.40 -19.37
C THR F 94 77.56 -4.09 -18.54
N ALA F 95 76.75 -4.96 -19.18
CA ALA F 95 75.64 -5.65 -18.52
C ALA F 95 75.31 -7.01 -19.17
N LEU F 96 74.34 -7.74 -18.58
CA LEU F 96 73.85 -9.04 -19.06
C LEU F 96 72.65 -8.78 -19.98
N TYR F 97 72.81 -9.10 -21.29
CA TYR F 97 71.80 -8.86 -22.32
C TYR F 97 70.88 -10.06 -22.56
N TYR F 98 69.58 -9.77 -22.79
CA TYR F 98 68.52 -10.75 -23.03
C TYR F 98 67.71 -10.38 -24.28
N CYS F 99 67.18 -11.39 -24.98
CA CYS F 99 66.33 -11.19 -26.15
C CYS F 99 64.93 -11.74 -25.91
N ALA F 100 63.90 -10.97 -26.27
CA ALA F 100 62.50 -11.32 -26.10
C ALA F 100 61.74 -11.20 -27.42
N ALA F 101 60.75 -12.09 -27.62
CA ALA F 101 59.93 -12.11 -28.83
C ALA F 101 58.48 -12.50 -28.56
N ALA F 102 57.54 -11.81 -29.24
CA ALA F 102 56.11 -12.05 -29.14
C ALA F 102 55.62 -12.78 -30.39
N ASP F 103 54.94 -13.93 -30.20
CA ASP F 103 54.43 -14.74 -31.30
C ASP F 103 52.91 -14.86 -31.28
N THR F 104 52.28 -14.54 -32.42
CA THR F 104 50.84 -14.63 -32.61
C THR F 104 50.54 -15.82 -33.53
N GLY F 105 49.79 -16.79 -33.00
CA GLY F 105 49.43 -18.02 -33.71
C GLY F 105 48.43 -17.86 -34.84
N SER F 106 48.01 -19.00 -35.42
CA SER F 106 47.02 -19.02 -36.50
C SER F 106 45.65 -18.69 -35.91
N ASP F 107 44.98 -17.63 -36.45
CA ASP F 107 43.68 -17.08 -36.02
C ASP F 107 43.57 -16.96 -34.49
N THR F 108 44.53 -16.22 -33.88
CA THR F 108 44.66 -15.98 -32.44
C THR F 108 43.41 -15.31 -31.85
N PRO F 109 42.74 -15.94 -30.86
CA PRO F 109 41.55 -15.30 -30.26
C PRO F 109 41.93 -14.19 -29.28
N LEU F 110 41.09 -13.16 -29.19
CA LEU F 110 41.30 -12.00 -28.31
C LEU F 110 41.16 -12.34 -26.82
N TRP F 111 40.40 -13.41 -26.49
CA TRP F 111 40.18 -13.91 -25.13
C TRP F 111 41.45 -14.54 -24.57
N ASP F 112 42.13 -15.38 -25.38
CA ASP F 112 43.37 -16.06 -25.01
C ASP F 112 44.58 -15.15 -25.26
N TRP F 113 45.43 -15.01 -24.24
CA TRP F 113 46.62 -14.16 -24.25
C TRP F 113 47.68 -14.62 -25.25
N VAL F 114 48.45 -13.65 -25.81
CA VAL F 114 49.53 -13.93 -26.77
C VAL F 114 50.73 -14.60 -26.09
N TYR F 115 51.32 -15.59 -26.77
CA TYR F 115 52.44 -16.36 -26.26
C TYR F 115 53.80 -15.66 -26.46
N TRP F 116 54.36 -15.14 -25.35
CA TRP F 116 55.63 -14.43 -25.23
C TRP F 116 56.73 -15.43 -24.87
N TYR F 117 57.93 -15.26 -25.48
CA TYR F 117 59.09 -16.14 -25.23
C TYR F 117 60.36 -15.36 -24.90
N TRP F 118 61.12 -15.84 -23.90
CA TRP F 118 62.37 -15.24 -23.42
C TRP F 118 63.61 -16.07 -23.83
N GLY F 119 64.77 -15.42 -23.81
CA GLY F 119 66.05 -16.03 -24.15
C GLY F 119 66.70 -16.79 -23.01
N GLN F 120 68.04 -16.88 -23.04
CA GLN F 120 68.84 -17.57 -22.01
C GLN F 120 69.67 -16.60 -21.18
N GLY F 121 70.36 -15.67 -21.85
CA GLY F 121 71.21 -14.67 -21.22
C GLY F 121 72.65 -14.76 -21.67
N THR F 122 73.25 -13.61 -22.03
CA THR F 122 74.63 -13.50 -22.49
C THR F 122 75.29 -12.23 -21.94
N GLN F 123 76.46 -12.39 -21.30
CA GLN F 123 77.21 -11.30 -20.70
C GLN F 123 78.15 -10.63 -21.71
N VAL F 124 78.03 -9.29 -21.83
CA VAL F 124 78.85 -8.46 -22.71
C VAL F 124 79.62 -7.48 -21.83
N THR F 125 80.95 -7.64 -21.78
CA THR F 125 81.83 -6.79 -20.97
C THR F 125 82.62 -5.81 -21.83
N VAL F 126 82.44 -4.50 -21.57
CA VAL F 126 83.10 -3.40 -22.29
C VAL F 126 83.96 -2.60 -21.31
N SER F 127 85.26 -2.43 -21.63
CA SER F 127 86.19 -1.66 -20.79
C SER F 127 86.95 -0.60 -21.59
#